data_4ADZ
# 
_entry.id   4ADZ 
# 
_audit_conform.dict_name       mmcif_pdbx.dic 
_audit_conform.dict_version    5.391 
_audit_conform.dict_location   http://mmcif.pdb.org/dictionaries/ascii/mmcif_pdbx.dic 
# 
loop_
_database_2.database_id 
_database_2.database_code 
_database_2.pdbx_database_accession 
_database_2.pdbx_DOI 
PDB   4ADZ         pdb_00004adz 10.2210/pdb4adz/pdb 
PDBE  EBI-50848    ?            ?                   
WWPDB D_1290050848 ?            ?                   
# 
loop_
_pdbx_audit_revision_history.ordinal 
_pdbx_audit_revision_history.data_content_type 
_pdbx_audit_revision_history.major_revision 
_pdbx_audit_revision_history.minor_revision 
_pdbx_audit_revision_history.revision_date 
1 'Structure model' 1 0 2012-04-25 
2 'Structure model' 1 1 2012-05-16 
3 'Structure model' 1 2 2024-05-08 
# 
_pdbx_audit_revision_details.ordinal             1 
_pdbx_audit_revision_details.revision_ordinal    1 
_pdbx_audit_revision_details.data_content_type   'Structure model' 
_pdbx_audit_revision_details.provider            repository 
_pdbx_audit_revision_details.type                'Initial release' 
_pdbx_audit_revision_details.description         ? 
_pdbx_audit_revision_details.details             ? 
# 
loop_
_pdbx_audit_revision_group.ordinal 
_pdbx_audit_revision_group.revision_ordinal 
_pdbx_audit_revision_group.data_content_type 
_pdbx_audit_revision_group.group 
1 2 'Structure model' Other                  
2 3 'Structure model' 'Data collection'      
3 3 'Structure model' 'Database references'  
4 3 'Structure model' 'Derived calculations' 
5 3 'Structure model' Other                  
# 
loop_
_pdbx_audit_revision_category.ordinal 
_pdbx_audit_revision_category.revision_ordinal 
_pdbx_audit_revision_category.data_content_type 
_pdbx_audit_revision_category.category 
1 3 'Structure model' chem_comp_atom       
2 3 'Structure model' chem_comp_bond       
3 3 'Structure model' database_2           
4 3 'Structure model' pdbx_database_status 
5 3 'Structure model' struct_site          
# 
loop_
_pdbx_audit_revision_item.ordinal 
_pdbx_audit_revision_item.revision_ordinal 
_pdbx_audit_revision_item.data_content_type 
_pdbx_audit_revision_item.item 
1 3 'Structure model' '_database_2.pdbx_DOI'                 
2 3 'Structure model' '_database_2.pdbx_database_accession'  
3 3 'Structure model' '_pdbx_database_status.status_code_sf' 
4 3 'Structure model' '_struct_site.pdbx_auth_asym_id'       
5 3 'Structure model' '_struct_site.pdbx_auth_comp_id'       
6 3 'Structure model' '_struct_site.pdbx_auth_seq_id'        
# 
_pdbx_database_status.status_code                     REL 
_pdbx_database_status.entry_id                        4ADZ 
_pdbx_database_status.deposit_site                    PDBE 
_pdbx_database_status.process_site                    PDBE 
_pdbx_database_status.SG_entry                        . 
_pdbx_database_status.recvd_initial_deposition_date   2012-01-04 
_pdbx_database_status.pdb_format_compatible           Y 
_pdbx_database_status.status_code_sf                  REL 
_pdbx_database_status.status_code_mr                  ? 
_pdbx_database_status.status_code_cs                  ? 
_pdbx_database_status.methods_development_category    ? 
_pdbx_database_status.status_code_nmr_data            ? 
# 
loop_
_audit_author.name 
_audit_author.pdbx_ordinal 
'Dwarakanath, S.' 1 
'Hough, M.A.'     2 
'Worrall, J.A.R.' 3 
# 
_citation.id                        primary 
_citation.title                     
;The Response to Copper Stress in Streptomyces Lividans Extends Beyond Genes Under the Direct Control of a Copper Sensitive Operon Repressor Protein (Csor)
;
_citation.journal_abbrev            J.Biol.Chem. 
_citation.journal_volume            287 
_citation.page_first                17833 
_citation.page_last                 ? 
_citation.year                      2012 
_citation.journal_id_ASTM           JBCHA3 
_citation.country                   US 
_citation.journal_id_ISSN           0021-9258 
_citation.journal_id_CSD            0071 
_citation.book_publisher            ? 
_citation.pdbx_database_id_PubMed   22451651 
_citation.pdbx_database_id_DOI      10.1074/JBC.M112.352740 
# 
loop_
_citation_author.citation_id 
_citation_author.name 
_citation_author.ordinal 
_citation_author.identifier_ORCID 
primary 'Dwarakanath, S.' 1 ? 
primary 'Chaplin, A.K.'   2 ? 
primary 'Hough, M.A.'     3 ? 
primary 'Rigali, S.'      4 ? 
primary 'Vijgenboom, E.'  5 ? 
primary 'Worrall, J.A.R.' 6 ? 
# 
loop_
_entity.id 
_entity.type 
_entity.src_method 
_entity.pdbx_description 
_entity.formula_weight 
_entity.pdbx_number_of_molecules 
_entity.pdbx_ec 
_entity.pdbx_mutation 
_entity.pdbx_fragment 
_entity.details 
1 polymer     man CSOR          14762.569 2   ? ? ? ? 
2 non-polymer syn 'SULFATE ION' 96.063    6   ? ? ? ? 
3 water       nat water         18.015    111 ? ? ? ? 
# 
_entity_poly.entity_id                      1 
_entity_poly.type                           'polypeptide(L)' 
_entity_poly.nstd_linkage                   no 
_entity_poly.nstd_monomer                   no 
_entity_poly.pdbx_seq_one_letter_code       
;GSHMTTTEAGASAPSPAVDGAVNQTARQAEADGTDIVTDHDRGVHGYHKQKAEHLKRLRRIEGQIRGLQRMVDEDVYCID
ILTQVSASTKALQSFALQLLEEHLRHCVADAALKGGTEIDAKVEEATKAIGRLLRT
;
_entity_poly.pdbx_seq_one_letter_code_can   
;GSHMTTTEAGASAPSPAVDGAVNQTARQAEADGTDIVTDHDRGVHGYHKQKAEHLKRLRRIEGQIRGLQRMVDEDVYCID
ILTQVSASTKALQSFALQLLEEHLRHCVADAALKGGTEIDAKVEEATKAIGRLLRT
;
_entity_poly.pdbx_strand_id                 A,B 
_entity_poly.pdbx_target_identifier         ? 
# 
loop_
_pdbx_entity_nonpoly.entity_id 
_pdbx_entity_nonpoly.name 
_pdbx_entity_nonpoly.comp_id 
2 'SULFATE ION' SO4 
3 water         HOH 
# 
loop_
_entity_poly_seq.entity_id 
_entity_poly_seq.num 
_entity_poly_seq.mon_id 
_entity_poly_seq.hetero 
1 1   GLY n 
1 2   SER n 
1 3   HIS n 
1 4   MET n 
1 5   THR n 
1 6   THR n 
1 7   THR n 
1 8   GLU n 
1 9   ALA n 
1 10  GLY n 
1 11  ALA n 
1 12  SER n 
1 13  ALA n 
1 14  PRO n 
1 15  SER n 
1 16  PRO n 
1 17  ALA n 
1 18  VAL n 
1 19  ASP n 
1 20  GLY n 
1 21  ALA n 
1 22  VAL n 
1 23  ASN n 
1 24  GLN n 
1 25  THR n 
1 26  ALA n 
1 27  ARG n 
1 28  GLN n 
1 29  ALA n 
1 30  GLU n 
1 31  ALA n 
1 32  ASP n 
1 33  GLY n 
1 34  THR n 
1 35  ASP n 
1 36  ILE n 
1 37  VAL n 
1 38  THR n 
1 39  ASP n 
1 40  HIS n 
1 41  ASP n 
1 42  ARG n 
1 43  GLY n 
1 44  VAL n 
1 45  HIS n 
1 46  GLY n 
1 47  TYR n 
1 48  HIS n 
1 49  LYS n 
1 50  GLN n 
1 51  LYS n 
1 52  ALA n 
1 53  GLU n 
1 54  HIS n 
1 55  LEU n 
1 56  LYS n 
1 57  ARG n 
1 58  LEU n 
1 59  ARG n 
1 60  ARG n 
1 61  ILE n 
1 62  GLU n 
1 63  GLY n 
1 64  GLN n 
1 65  ILE n 
1 66  ARG n 
1 67  GLY n 
1 68  LEU n 
1 69  GLN n 
1 70  ARG n 
1 71  MET n 
1 72  VAL n 
1 73  ASP n 
1 74  GLU n 
1 75  ASP n 
1 76  VAL n 
1 77  TYR n 
1 78  CYS n 
1 79  ILE n 
1 80  ASP n 
1 81  ILE n 
1 82  LEU n 
1 83  THR n 
1 84  GLN n 
1 85  VAL n 
1 86  SER n 
1 87  ALA n 
1 88  SER n 
1 89  THR n 
1 90  LYS n 
1 91  ALA n 
1 92  LEU n 
1 93  GLN n 
1 94  SER n 
1 95  PHE n 
1 96  ALA n 
1 97  LEU n 
1 98  GLN n 
1 99  LEU n 
1 100 LEU n 
1 101 GLU n 
1 102 GLU n 
1 103 HIS n 
1 104 LEU n 
1 105 ARG n 
1 106 HIS n 
1 107 CYS n 
1 108 VAL n 
1 109 ALA n 
1 110 ASP n 
1 111 ALA n 
1 112 ALA n 
1 113 LEU n 
1 114 LYS n 
1 115 GLY n 
1 116 GLY n 
1 117 THR n 
1 118 GLU n 
1 119 ILE n 
1 120 ASP n 
1 121 ALA n 
1 122 LYS n 
1 123 VAL n 
1 124 GLU n 
1 125 GLU n 
1 126 ALA n 
1 127 THR n 
1 128 LYS n 
1 129 ALA n 
1 130 ILE n 
1 131 GLY n 
1 132 ARG n 
1 133 LEU n 
1 134 LEU n 
1 135 ARG n 
1 136 THR n 
# 
_entity_src_gen.entity_id                          1 
_entity_src_gen.pdbx_src_id                        1 
_entity_src_gen.pdbx_alt_source_flag               sample 
_entity_src_gen.pdbx_seq_type                      ? 
_entity_src_gen.pdbx_beg_seq_num                   ? 
_entity_src_gen.pdbx_end_seq_num                   ? 
_entity_src_gen.gene_src_common_name               ? 
_entity_src_gen.gene_src_genus                     ? 
_entity_src_gen.pdbx_gene_src_gene                 ? 
_entity_src_gen.gene_src_species                   ? 
_entity_src_gen.gene_src_strain                    1326 
_entity_src_gen.gene_src_tissue                    ? 
_entity_src_gen.gene_src_tissue_fraction           ? 
_entity_src_gen.gene_src_details                   ? 
_entity_src_gen.pdbx_gene_src_fragment             ? 
_entity_src_gen.pdbx_gene_src_scientific_name      'STREPTOMYCES LIVIDANS' 
_entity_src_gen.pdbx_gene_src_ncbi_taxonomy_id     1916 
_entity_src_gen.pdbx_gene_src_variant              ? 
_entity_src_gen.pdbx_gene_src_cell_line            ? 
_entity_src_gen.pdbx_gene_src_atcc                 ? 
_entity_src_gen.pdbx_gene_src_organ                ? 
_entity_src_gen.pdbx_gene_src_organelle            ? 
_entity_src_gen.pdbx_gene_src_cell                 ? 
_entity_src_gen.pdbx_gene_src_cellular_location    ? 
_entity_src_gen.host_org_common_name               ? 
_entity_src_gen.pdbx_host_org_scientific_name      'ESCHERICHIA COLI' 
_entity_src_gen.pdbx_host_org_ncbi_taxonomy_id     469008 
_entity_src_gen.host_org_genus                     ? 
_entity_src_gen.pdbx_host_org_gene                 ? 
_entity_src_gen.pdbx_host_org_organ                ? 
_entity_src_gen.host_org_species                   ? 
_entity_src_gen.pdbx_host_org_tissue               ? 
_entity_src_gen.pdbx_host_org_tissue_fraction      ? 
_entity_src_gen.pdbx_host_org_strain               'BL21(DE3)' 
_entity_src_gen.pdbx_host_org_variant              ? 
_entity_src_gen.pdbx_host_org_cell_line            ? 
_entity_src_gen.pdbx_host_org_atcc                 ? 
_entity_src_gen.pdbx_host_org_culture_collection   ? 
_entity_src_gen.pdbx_host_org_cell                 ? 
_entity_src_gen.pdbx_host_org_organelle            ? 
_entity_src_gen.pdbx_host_org_cellular_location    ? 
_entity_src_gen.pdbx_host_org_vector_type          PLASMID 
_entity_src_gen.pdbx_host_org_vector               PET28A 
_entity_src_gen.host_org_details                   ? 
_entity_src_gen.expression_system_id               ? 
_entity_src_gen.plasmid_name                       ? 
_entity_src_gen.plasmid_details                    ? 
_entity_src_gen.pdbx_description                   'S. LIVIDANS 66 STOCK NUMBER 1326 JOHN INNES COLLECTION' 
# 
loop_
_chem_comp.id 
_chem_comp.type 
_chem_comp.mon_nstd_flag 
_chem_comp.name 
_chem_comp.pdbx_synonyms 
_chem_comp.formula 
_chem_comp.formula_weight 
ALA 'L-peptide linking' y ALANINE         ? 'C3 H7 N O2'     89.093  
ARG 'L-peptide linking' y ARGININE        ? 'C6 H15 N4 O2 1' 175.209 
ASN 'L-peptide linking' y ASPARAGINE      ? 'C4 H8 N2 O3'    132.118 
ASP 'L-peptide linking' y 'ASPARTIC ACID' ? 'C4 H7 N O4'     133.103 
CYS 'L-peptide linking' y CYSTEINE        ? 'C3 H7 N O2 S'   121.158 
GLN 'L-peptide linking' y GLUTAMINE       ? 'C5 H10 N2 O3'   146.144 
GLU 'L-peptide linking' y 'GLUTAMIC ACID' ? 'C5 H9 N O4'     147.129 
GLY 'peptide linking'   y GLYCINE         ? 'C2 H5 N O2'     75.067  
HIS 'L-peptide linking' y HISTIDINE       ? 'C6 H10 N3 O2 1' 156.162 
HOH non-polymer         . WATER           ? 'H2 O'           18.015  
ILE 'L-peptide linking' y ISOLEUCINE      ? 'C6 H13 N O2'    131.173 
LEU 'L-peptide linking' y LEUCINE         ? 'C6 H13 N O2'    131.173 
LYS 'L-peptide linking' y LYSINE          ? 'C6 H15 N2 O2 1' 147.195 
MET 'L-peptide linking' y METHIONINE      ? 'C5 H11 N O2 S'  149.211 
PHE 'L-peptide linking' y PHENYLALANINE   ? 'C9 H11 N O2'    165.189 
PRO 'L-peptide linking' y PROLINE         ? 'C5 H9 N O2'     115.130 
SER 'L-peptide linking' y SERINE          ? 'C3 H7 N O3'     105.093 
SO4 non-polymer         . 'SULFATE ION'   ? 'O4 S -2'        96.063  
THR 'L-peptide linking' y THREONINE       ? 'C4 H9 N O3'     119.119 
TYR 'L-peptide linking' y TYROSINE        ? 'C9 H11 N O3'    181.189 
VAL 'L-peptide linking' y VALINE          ? 'C5 H11 N O2'    117.146 
# 
loop_
_pdbx_poly_seq_scheme.asym_id 
_pdbx_poly_seq_scheme.entity_id 
_pdbx_poly_seq_scheme.seq_id 
_pdbx_poly_seq_scheme.mon_id 
_pdbx_poly_seq_scheme.ndb_seq_num 
_pdbx_poly_seq_scheme.pdb_seq_num 
_pdbx_poly_seq_scheme.auth_seq_num 
_pdbx_poly_seq_scheme.pdb_mon_id 
_pdbx_poly_seq_scheme.auth_mon_id 
_pdbx_poly_seq_scheme.pdb_strand_id 
_pdbx_poly_seq_scheme.pdb_ins_code 
_pdbx_poly_seq_scheme.hetero 
A 1 1   GLY 1   -2  ?   ?   ?   A . n 
A 1 2   SER 2   -1  ?   ?   ?   A . n 
A 1 3   HIS 3   0   ?   ?   ?   A . n 
A 1 4   MET 4   1   ?   ?   ?   A . n 
A 1 5   THR 5   2   ?   ?   ?   A . n 
A 1 6   THR 6   3   ?   ?   ?   A . n 
A 1 7   THR 7   4   ?   ?   ?   A . n 
A 1 8   GLU 8   5   ?   ?   ?   A . n 
A 1 9   ALA 9   6   ?   ?   ?   A . n 
A 1 10  GLY 10  7   ?   ?   ?   A . n 
A 1 11  ALA 11  8   ?   ?   ?   A . n 
A 1 12  SER 12  9   ?   ?   ?   A . n 
A 1 13  ALA 13  10  ?   ?   ?   A . n 
A 1 14  PRO 14  11  ?   ?   ?   A . n 
A 1 15  SER 15  12  ?   ?   ?   A . n 
A 1 16  PRO 16  13  ?   ?   ?   A . n 
A 1 17  ALA 17  14  ?   ?   ?   A . n 
A 1 18  VAL 18  15  ?   ?   ?   A . n 
A 1 19  ASP 19  16  ?   ?   ?   A . n 
A 1 20  GLY 20  17  ?   ?   ?   A . n 
A 1 21  ALA 21  18  ?   ?   ?   A . n 
A 1 22  VAL 22  19  ?   ?   ?   A . n 
A 1 23  ASN 23  20  ?   ?   ?   A . n 
A 1 24  GLN 24  21  ?   ?   ?   A . n 
A 1 25  THR 25  22  ?   ?   ?   A . n 
A 1 26  ALA 26  23  ?   ?   ?   A . n 
A 1 27  ARG 27  24  ?   ?   ?   A . n 
A 1 28  GLN 28  25  ?   ?   ?   A . n 
A 1 29  ALA 29  26  ?   ?   ?   A . n 
A 1 30  GLU 30  27  ?   ?   ?   A . n 
A 1 31  ALA 31  28  ?   ?   ?   A . n 
A 1 32  ASP 32  29  ?   ?   ?   A . n 
A 1 33  GLY 33  30  ?   ?   ?   A . n 
A 1 34  THR 34  31  ?   ?   ?   A . n 
A 1 35  ASP 35  32  ?   ?   ?   A . n 
A 1 36  ILE 36  33  ?   ?   ?   A . n 
A 1 37  VAL 37  34  ?   ?   ?   A . n 
A 1 38  THR 38  35  ?   ?   ?   A . n 
A 1 39  ASP 39  36  ?   ?   ?   A . n 
A 1 40  HIS 40  37  ?   ?   ?   A . n 
A 1 41  ASP 41  38  ?   ?   ?   A . n 
A 1 42  ARG 42  39  ?   ?   ?   A . n 
A 1 43  GLY 43  40  ?   ?   ?   A . n 
A 1 44  VAL 44  41  ?   ?   ?   A . n 
A 1 45  HIS 45  42  ?   ?   ?   A . n 
A 1 46  GLY 46  43  ?   ?   ?   A . n 
A 1 47  TYR 47  44  44  TYR TYR A . n 
A 1 48  HIS 48  45  45  HIS HIS A . n 
A 1 49  LYS 49  46  46  LYS LYS A . n 
A 1 50  GLN 50  47  47  GLN GLN A . n 
A 1 51  LYS 51  48  48  LYS LYS A . n 
A 1 52  ALA 52  49  49  ALA ALA A . n 
A 1 53  GLU 53  50  50  GLU GLU A . n 
A 1 54  HIS 54  51  51  HIS HIS A . n 
A 1 55  LEU 55  52  52  LEU LEU A . n 
A 1 56  LYS 56  53  53  LYS LYS A . n 
A 1 57  ARG 57  54  54  ARG ARG A . n 
A 1 58  LEU 58  55  55  LEU LEU A . n 
A 1 59  ARG 59  56  56  ARG ARG A . n 
A 1 60  ARG 60  57  57  ARG ARG A . n 
A 1 61  ILE 61  58  58  ILE ILE A . n 
A 1 62  GLU 62  59  59  GLU GLU A . n 
A 1 63  GLY 63  60  60  GLY GLY A . n 
A 1 64  GLN 64  61  61  GLN GLN A . n 
A 1 65  ILE 65  62  62  ILE ILE A . n 
A 1 66  ARG 66  63  63  ARG ARG A . n 
A 1 67  GLY 67  64  64  GLY GLY A . n 
A 1 68  LEU 68  65  65  LEU LEU A . n 
A 1 69  GLN 69  66  66  GLN GLN A . n 
A 1 70  ARG 70  67  67  ARG ARG A . n 
A 1 71  MET 71  68  68  MET MET A . n 
A 1 72  VAL 72  69  69  VAL VAL A . n 
A 1 73  ASP 73  70  70  ASP ASP A . n 
A 1 74  GLU 74  71  71  GLU GLU A . n 
A 1 75  ASP 75  72  72  ASP ASP A . n 
A 1 76  VAL 76  73  73  VAL VAL A . n 
A 1 77  TYR 77  74  74  TYR TYR A . n 
A 1 78  CYS 78  75  75  CYS CYS A . n 
A 1 79  ILE 79  76  76  ILE ILE A . n 
A 1 80  ASP 80  77  77  ASP ASP A . n 
A 1 81  ILE 81  78  78  ILE ILE A . n 
A 1 82  LEU 82  79  79  LEU LEU A . n 
A 1 83  THR 83  80  80  THR THR A . n 
A 1 84  GLN 84  81  81  GLN GLN A . n 
A 1 85  VAL 85  82  82  VAL VAL A . n 
A 1 86  SER 86  83  83  SER SER A . n 
A 1 87  ALA 87  84  84  ALA ALA A . n 
A 1 88  SER 88  85  85  SER SER A . n 
A 1 89  THR 89  86  86  THR THR A . n 
A 1 90  LYS 90  87  87  LYS LYS A . n 
A 1 91  ALA 91  88  88  ALA ALA A . n 
A 1 92  LEU 92  89  89  LEU LEU A . n 
A 1 93  GLN 93  90  90  GLN GLN A . n 
A 1 94  SER 94  91  91  SER SER A . n 
A 1 95  PHE 95  92  92  PHE PHE A . n 
A 1 96  ALA 96  93  93  ALA ALA A . n 
A 1 97  LEU 97  94  94  LEU LEU A . n 
A 1 98  GLN 98  95  95  GLN GLN A . n 
A 1 99  LEU 99  96  96  LEU LEU A . n 
A 1 100 LEU 100 97  97  LEU LEU A . n 
A 1 101 GLU 101 98  98  GLU GLU A . n 
A 1 102 GLU 102 99  99  GLU GLU A . n 
A 1 103 HIS 103 100 100 HIS HIS A . n 
A 1 104 LEU 104 101 101 LEU LEU A . n 
A 1 105 ARG 105 102 102 ARG ARG A . n 
A 1 106 HIS 106 103 103 HIS HIS A . n 
A 1 107 CYS 107 104 104 CYS CYS A . n 
A 1 108 VAL 108 105 105 VAL VAL A . n 
A 1 109 ALA 109 106 106 ALA ALA A . n 
A 1 110 ASP 110 107 107 ASP ASP A . n 
A 1 111 ALA 111 108 108 ALA ALA A . n 
A 1 112 ALA 112 109 109 ALA ALA A . n 
A 1 113 LEU 113 110 110 LEU LEU A . n 
A 1 114 LYS 114 111 111 LYS LYS A . n 
A 1 115 GLY 115 112 112 GLY GLY A . n 
A 1 116 GLY 116 113 113 GLY GLY A . n 
A 1 117 THR 117 114 114 THR THR A . n 
A 1 118 GLU 118 115 115 GLU GLU A . n 
A 1 119 ILE 119 116 116 ILE ILE A . n 
A 1 120 ASP 120 117 117 ASP ASP A . n 
A 1 121 ALA 121 118 118 ALA ALA A . n 
A 1 122 LYS 122 119 119 LYS LYS A . n 
A 1 123 VAL 123 120 120 VAL VAL A . n 
A 1 124 GLU 124 121 121 GLU GLU A . n 
A 1 125 GLU 125 122 122 GLU GLU A . n 
A 1 126 ALA 126 123 123 ALA ALA A . n 
A 1 127 THR 127 124 124 THR THR A . n 
A 1 128 LYS 128 125 125 LYS LYS A . n 
A 1 129 ALA 129 126 126 ALA ALA A . n 
A 1 130 ILE 130 127 127 ILE ILE A . n 
A 1 131 GLY 131 128 128 GLY GLY A . n 
A 1 132 ARG 132 129 129 ARG ARG A . n 
A 1 133 LEU 133 130 130 LEU LEU A . n 
A 1 134 LEU 134 131 131 LEU LEU A . n 
A 1 135 ARG 135 132 132 ARG ARG A . n 
A 1 136 THR 136 133 133 THR THR A . n 
B 1 1   GLY 1   -2  ?   ?   ?   B . n 
B 1 2   SER 2   -1  ?   ?   ?   B . n 
B 1 3   HIS 3   0   ?   ?   ?   B . n 
B 1 4   MET 4   1   ?   ?   ?   B . n 
B 1 5   THR 5   2   ?   ?   ?   B . n 
B 1 6   THR 6   3   ?   ?   ?   B . n 
B 1 7   THR 7   4   ?   ?   ?   B . n 
B 1 8   GLU 8   5   ?   ?   ?   B . n 
B 1 9   ALA 9   6   ?   ?   ?   B . n 
B 1 10  GLY 10  7   ?   ?   ?   B . n 
B 1 11  ALA 11  8   ?   ?   ?   B . n 
B 1 12  SER 12  9   ?   ?   ?   B . n 
B 1 13  ALA 13  10  ?   ?   ?   B . n 
B 1 14  PRO 14  11  ?   ?   ?   B . n 
B 1 15  SER 15  12  ?   ?   ?   B . n 
B 1 16  PRO 16  13  ?   ?   ?   B . n 
B 1 17  ALA 17  14  ?   ?   ?   B . n 
B 1 18  VAL 18  15  ?   ?   ?   B . n 
B 1 19  ASP 19  16  ?   ?   ?   B . n 
B 1 20  GLY 20  17  ?   ?   ?   B . n 
B 1 21  ALA 21  18  ?   ?   ?   B . n 
B 1 22  VAL 22  19  ?   ?   ?   B . n 
B 1 23  ASN 23  20  ?   ?   ?   B . n 
B 1 24  GLN 24  21  ?   ?   ?   B . n 
B 1 25  THR 25  22  ?   ?   ?   B . n 
B 1 26  ALA 26  23  ?   ?   ?   B . n 
B 1 27  ARG 27  24  ?   ?   ?   B . n 
B 1 28  GLN 28  25  ?   ?   ?   B . n 
B 1 29  ALA 29  26  ?   ?   ?   B . n 
B 1 30  GLU 30  27  ?   ?   ?   B . n 
B 1 31  ALA 31  28  ?   ?   ?   B . n 
B 1 32  ASP 32  29  ?   ?   ?   B . n 
B 1 33  GLY 33  30  ?   ?   ?   B . n 
B 1 34  THR 34  31  ?   ?   ?   B . n 
B 1 35  ASP 35  32  ?   ?   ?   B . n 
B 1 36  ILE 36  33  ?   ?   ?   B . n 
B 1 37  VAL 37  34  ?   ?   ?   B . n 
B 1 38  THR 38  35  ?   ?   ?   B . n 
B 1 39  ASP 39  36  ?   ?   ?   B . n 
B 1 40  HIS 40  37  ?   ?   ?   B . n 
B 1 41  ASP 41  38  ?   ?   ?   B . n 
B 1 42  ARG 42  39  ?   ?   ?   B . n 
B 1 43  GLY 43  40  ?   ?   ?   B . n 
B 1 44  VAL 44  41  ?   ?   ?   B . n 
B 1 45  HIS 45  42  ?   ?   ?   B . n 
B 1 46  GLY 46  43  ?   ?   ?   B . n 
B 1 47  TYR 47  44  44  TYR TYR B . n 
B 1 48  HIS 48  45  45  HIS HIS B . n 
B 1 49  LYS 49  46  46  LYS LYS B . n 
B 1 50  GLN 50  47  47  GLN GLN B . n 
B 1 51  LYS 51  48  48  LYS LYS B . n 
B 1 52  ALA 52  49  49  ALA ALA B . n 
B 1 53  GLU 53  50  50  GLU GLU B . n 
B 1 54  HIS 54  51  51  HIS HIS B . n 
B 1 55  LEU 55  52  52  LEU LEU B . n 
B 1 56  LYS 56  53  53  LYS LYS B . n 
B 1 57  ARG 57  54  54  ARG ARG B . n 
B 1 58  LEU 58  55  55  LEU LEU B . n 
B 1 59  ARG 59  56  56  ARG ARG B . n 
B 1 60  ARG 60  57  57  ARG ARG B . n 
B 1 61  ILE 61  58  58  ILE ILE B . n 
B 1 62  GLU 62  59  59  GLU GLU B . n 
B 1 63  GLY 63  60  60  GLY GLY B . n 
B 1 64  GLN 64  61  61  GLN GLN B . n 
B 1 65  ILE 65  62  62  ILE ILE B . n 
B 1 66  ARG 66  63  63  ARG ARG B . n 
B 1 67  GLY 67  64  64  GLY GLY B . n 
B 1 68  LEU 68  65  65  LEU LEU B . n 
B 1 69  GLN 69  66  66  GLN GLN B . n 
B 1 70  ARG 70  67  67  ARG ARG B . n 
B 1 71  MET 71  68  68  MET MET B . n 
B 1 72  VAL 72  69  69  VAL VAL B . n 
B 1 73  ASP 73  70  70  ASP ASP B . n 
B 1 74  GLU 74  71  71  GLU GLU B . n 
B 1 75  ASP 75  72  72  ASP ASP B . n 
B 1 76  VAL 76  73  73  VAL VAL B . n 
B 1 77  TYR 77  74  74  TYR TYR B . n 
B 1 78  CYS 78  75  75  CYS CYS B . n 
B 1 79  ILE 79  76  76  ILE ILE B . n 
B 1 80  ASP 80  77  77  ASP ASP B . n 
B 1 81  ILE 81  78  78  ILE ILE B . n 
B 1 82  LEU 82  79  79  LEU LEU B . n 
B 1 83  THR 83  80  80  THR THR B . n 
B 1 84  GLN 84  81  81  GLN GLN B . n 
B 1 85  VAL 85  82  82  VAL VAL B . n 
B 1 86  SER 86  83  83  SER SER B . n 
B 1 87  ALA 87  84  84  ALA ALA B . n 
B 1 88  SER 88  85  85  SER SER B . n 
B 1 89  THR 89  86  86  THR THR B . n 
B 1 90  LYS 90  87  87  LYS LYS B . n 
B 1 91  ALA 91  88  88  ALA ALA B . n 
B 1 92  LEU 92  89  89  LEU LEU B . n 
B 1 93  GLN 93  90  90  GLN GLN B . n 
B 1 94  SER 94  91  91  SER SER B . n 
B 1 95  PHE 95  92  92  PHE PHE B . n 
B 1 96  ALA 96  93  93  ALA ALA B . n 
B 1 97  LEU 97  94  94  LEU LEU B . n 
B 1 98  GLN 98  95  95  GLN GLN B . n 
B 1 99  LEU 99  96  96  LEU LEU B . n 
B 1 100 LEU 100 97  97  LEU LEU B . n 
B 1 101 GLU 101 98  98  GLU GLU B . n 
B 1 102 GLU 102 99  99  GLU GLU B . n 
B 1 103 HIS 103 100 100 HIS HIS B . n 
B 1 104 LEU 104 101 101 LEU LEU B . n 
B 1 105 ARG 105 102 102 ARG ARG B . n 
B 1 106 HIS 106 103 103 HIS HIS B . n 
B 1 107 CYS 107 104 104 CYS CYS B . n 
B 1 108 VAL 108 105 105 VAL VAL B . n 
B 1 109 ALA 109 106 106 ALA ALA B . n 
B 1 110 ASP 110 107 107 ASP ASP B . n 
B 1 111 ALA 111 108 108 ALA ALA B . n 
B 1 112 ALA 112 109 109 ALA ALA B . n 
B 1 113 LEU 113 110 110 LEU LEU B . n 
B 1 114 LYS 114 111 111 LYS LYS B . n 
B 1 115 GLY 115 112 112 GLY GLY B . n 
B 1 116 GLY 116 113 113 GLY GLY B . n 
B 1 117 THR 117 114 114 THR THR B . n 
B 1 118 GLU 118 115 115 GLU GLU B . n 
B 1 119 ILE 119 116 116 ILE ILE B . n 
B 1 120 ASP 120 117 117 ASP ASP B . n 
B 1 121 ALA 121 118 118 ALA ALA B . n 
B 1 122 LYS 122 119 119 LYS LYS B . n 
B 1 123 VAL 123 120 120 VAL VAL B . n 
B 1 124 GLU 124 121 121 GLU GLU B . n 
B 1 125 GLU 125 122 122 GLU GLU B . n 
B 1 126 ALA 126 123 123 ALA ALA B . n 
B 1 127 THR 127 124 124 THR THR B . n 
B 1 128 LYS 128 125 125 LYS LYS B . n 
B 1 129 ALA 129 126 126 ALA ALA B . n 
B 1 130 ILE 130 127 127 ILE ILE B . n 
B 1 131 GLY 131 128 128 GLY GLY B . n 
B 1 132 ARG 132 129 129 ARG ARG B . n 
B 1 133 LEU 133 130 130 LEU LEU B . n 
B 1 134 LEU 134 131 131 LEU LEU B . n 
B 1 135 ARG 135 132 132 ARG ARG B . n 
B 1 136 THR 136 133 133 THR THR B . n 
# 
loop_
_pdbx_nonpoly_scheme.asym_id 
_pdbx_nonpoly_scheme.entity_id 
_pdbx_nonpoly_scheme.mon_id 
_pdbx_nonpoly_scheme.ndb_seq_num 
_pdbx_nonpoly_scheme.pdb_seq_num 
_pdbx_nonpoly_scheme.auth_seq_num 
_pdbx_nonpoly_scheme.pdb_mon_id 
_pdbx_nonpoly_scheme.auth_mon_id 
_pdbx_nonpoly_scheme.pdb_strand_id 
_pdbx_nonpoly_scheme.pdb_ins_code 
C 2 SO4 1  1134 1134 SO4 SO4 A . 
D 2 SO4 1  1135 1135 SO4 SO4 A . 
E 2 SO4 1  1136 1136 SO4 SO4 A . 
F 2 SO4 1  1137 1137 SO4 SO4 A . 
G 2 SO4 1  1138 1138 SO4 SO4 A . 
H 2 SO4 1  1134 1134 SO4 SO4 B . 
I 3 HOH 1  2001 2001 HOH HOH A . 
I 3 HOH 2  2002 2002 HOH HOH A . 
I 3 HOH 3  2003 2003 HOH HOH A . 
I 3 HOH 4  2004 2004 HOH HOH A . 
I 3 HOH 5  2005 2005 HOH HOH A . 
I 3 HOH 6  2006 2006 HOH HOH A . 
I 3 HOH 7  2007 2007 HOH HOH A . 
I 3 HOH 8  2008 2008 HOH HOH A . 
I 3 HOH 9  2009 2009 HOH HOH A . 
I 3 HOH 10 2010 2010 HOH HOH A . 
I 3 HOH 11 2011 2011 HOH HOH A . 
I 3 HOH 12 2012 2012 HOH HOH A . 
I 3 HOH 13 2013 2013 HOH HOH A . 
I 3 HOH 14 2014 2014 HOH HOH A . 
I 3 HOH 15 2015 2015 HOH HOH A . 
I 3 HOH 16 2016 2016 HOH HOH A . 
I 3 HOH 17 2017 2017 HOH HOH A . 
I 3 HOH 18 2018 2018 HOH HOH A . 
I 3 HOH 19 2019 2019 HOH HOH A . 
I 3 HOH 20 2020 2020 HOH HOH A . 
I 3 HOH 21 2021 2021 HOH HOH A . 
I 3 HOH 22 2022 2022 HOH HOH A . 
I 3 HOH 23 2023 2023 HOH HOH A . 
I 3 HOH 24 2024 2024 HOH HOH A . 
I 3 HOH 25 2025 2025 HOH HOH A . 
I 3 HOH 26 2026 2026 HOH HOH A . 
I 3 HOH 27 2027 2027 HOH HOH A . 
I 3 HOH 28 2028 2028 HOH HOH A . 
I 3 HOH 29 2029 2029 HOH HOH A . 
I 3 HOH 30 2030 2030 HOH HOH A . 
I 3 HOH 31 2031 2031 HOH HOH A . 
I 3 HOH 32 2032 2032 HOH HOH A . 
I 3 HOH 33 2033 2033 HOH HOH A . 
I 3 HOH 34 2034 2034 HOH HOH A . 
I 3 HOH 35 2035 2035 HOH HOH A . 
I 3 HOH 36 2036 2036 HOH HOH A . 
I 3 HOH 37 2037 2037 HOH HOH A . 
I 3 HOH 38 2038 2038 HOH HOH A . 
I 3 HOH 39 2039 2039 HOH HOH A . 
I 3 HOH 40 2040 2040 HOH HOH A . 
I 3 HOH 41 2041 2041 HOH HOH A . 
I 3 HOH 42 2042 2042 HOH HOH A . 
I 3 HOH 43 2043 2043 HOH HOH A . 
I 3 HOH 44 2044 2044 HOH HOH A . 
I 3 HOH 45 2045 2045 HOH HOH A . 
I 3 HOH 46 2046 2046 HOH HOH A . 
I 3 HOH 47 2047 2047 HOH HOH A . 
I 3 HOH 48 2048 2048 HOH HOH A . 
I 3 HOH 49 2049 2049 HOH HOH A . 
I 3 HOH 50 2050 2050 HOH HOH A . 
I 3 HOH 51 2051 2051 HOH HOH A . 
I 3 HOH 52 2052 2052 HOH HOH A . 
I 3 HOH 53 2053 2053 HOH HOH A . 
I 3 HOH 54 2054 2054 HOH HOH A . 
I 3 HOH 55 2055 2055 HOH HOH A . 
I 3 HOH 56 2056 2056 HOH HOH A . 
I 3 HOH 57 2057 2057 HOH HOH A . 
I 3 HOH 58 2058 2058 HOH HOH A . 
I 3 HOH 59 2059 2059 HOH HOH A . 
I 3 HOH 60 2060 2060 HOH HOH A . 
I 3 HOH 61 2061 2061 HOH HOH A . 
I 3 HOH 62 2062 2062 HOH HOH A . 
I 3 HOH 63 2063 2063 HOH HOH A . 
J 3 HOH 1  2001 2001 HOH HOH B . 
J 3 HOH 2  2002 2002 HOH HOH B . 
J 3 HOH 3  2003 2003 HOH HOH B . 
J 3 HOH 4  2004 2004 HOH HOH B . 
J 3 HOH 5  2005 2005 HOH HOH B . 
J 3 HOH 6  2006 2006 HOH HOH B . 
J 3 HOH 7  2007 2007 HOH HOH B . 
J 3 HOH 8  2008 2008 HOH HOH B . 
J 3 HOH 9  2009 2009 HOH HOH B . 
J 3 HOH 10 2010 2010 HOH HOH B . 
J 3 HOH 11 2011 2011 HOH HOH B . 
J 3 HOH 12 2012 2012 HOH HOH B . 
J 3 HOH 13 2013 2013 HOH HOH B . 
J 3 HOH 14 2014 2014 HOH HOH B . 
J 3 HOH 15 2015 2015 HOH HOH B . 
J 3 HOH 16 2016 2016 HOH HOH B . 
J 3 HOH 17 2017 2017 HOH HOH B . 
J 3 HOH 18 2018 2018 HOH HOH B . 
J 3 HOH 19 2019 2019 HOH HOH B . 
J 3 HOH 20 2020 2020 HOH HOH B . 
J 3 HOH 21 2021 2021 HOH HOH B . 
J 3 HOH 22 2022 2022 HOH HOH B . 
J 3 HOH 23 2023 2023 HOH HOH B . 
J 3 HOH 24 2024 2024 HOH HOH B . 
J 3 HOH 25 2025 2025 HOH HOH B . 
J 3 HOH 26 2026 2026 HOH HOH B . 
J 3 HOH 27 2027 2027 HOH HOH B . 
J 3 HOH 28 2028 2028 HOH HOH B . 
J 3 HOH 29 2029 2029 HOH HOH B . 
J 3 HOH 30 2030 2030 HOH HOH B . 
J 3 HOH 31 2031 2031 HOH HOH B . 
J 3 HOH 32 2032 2032 HOH HOH B . 
J 3 HOH 33 2033 2033 HOH HOH B . 
J 3 HOH 34 2034 2034 HOH HOH B . 
J 3 HOH 35 2035 2035 HOH HOH B . 
J 3 HOH 36 2036 2036 HOH HOH B . 
J 3 HOH 37 2037 2037 HOH HOH B . 
J 3 HOH 38 2038 2038 HOH HOH B . 
J 3 HOH 39 2039 2039 HOH HOH B . 
J 3 HOH 40 2040 2040 HOH HOH B . 
J 3 HOH 41 2041 2041 HOH HOH B . 
J 3 HOH 42 2042 2042 HOH HOH B . 
J 3 HOH 43 2043 2043 HOH HOH B . 
J 3 HOH 44 2044 2044 HOH HOH B . 
J 3 HOH 45 2045 2045 HOH HOH B . 
J 3 HOH 46 2046 2046 HOH HOH B . 
J 3 HOH 47 2047 2047 HOH HOH B . 
J 3 HOH 48 2048 2048 HOH HOH B . 
# 
loop_
_pdbx_unobs_or_zero_occ_atoms.id 
_pdbx_unobs_or_zero_occ_atoms.PDB_model_num 
_pdbx_unobs_or_zero_occ_atoms.polymer_flag 
_pdbx_unobs_or_zero_occ_atoms.occupancy_flag 
_pdbx_unobs_or_zero_occ_atoms.auth_asym_id 
_pdbx_unobs_or_zero_occ_atoms.auth_comp_id 
_pdbx_unobs_or_zero_occ_atoms.auth_seq_id 
_pdbx_unobs_or_zero_occ_atoms.PDB_ins_code 
_pdbx_unobs_or_zero_occ_atoms.auth_atom_id 
_pdbx_unobs_or_zero_occ_atoms.label_alt_id 
_pdbx_unobs_or_zero_occ_atoms.label_asym_id 
_pdbx_unobs_or_zero_occ_atoms.label_comp_id 
_pdbx_unobs_or_zero_occ_atoms.label_seq_id 
_pdbx_unobs_or_zero_occ_atoms.label_atom_id 
1  1 Y 0 A TYR 44  ? CG  ? A TYR 47  CG  
2  1 Y 0 A TYR 44  ? CD1 ? A TYR 47  CD1 
3  1 Y 0 A TYR 44  ? CD2 ? A TYR 47  CD2 
4  1 Y 0 A TYR 44  ? CE1 ? A TYR 47  CE1 
5  1 Y 0 A TYR 44  ? CE2 ? A TYR 47  CE2 
6  1 Y 0 A TYR 44  ? CZ  ? A TYR 47  CZ  
7  1 Y 0 A TYR 44  ? OH  ? A TYR 47  OH  
8  1 Y 0 A HIS 45  ? CG  ? A HIS 48  CG  
9  1 Y 0 A HIS 45  ? ND1 ? A HIS 48  ND1 
10 1 Y 0 A HIS 45  ? CD2 ? A HIS 48  CD2 
11 1 Y 0 A HIS 45  ? CE1 ? A HIS 48  CE1 
12 1 Y 0 A HIS 45  ? NE2 ? A HIS 48  NE2 
13 1 Y 0 A LYS 46  ? CG  ? A LYS 49  CG  
14 1 Y 0 A LYS 46  ? CD  ? A LYS 49  CD  
15 1 Y 0 A LYS 46  ? CE  ? A LYS 49  CE  
16 1 Y 0 A LYS 46  ? NZ  ? A LYS 49  NZ  
17 1 Y 0 A LYS 53  ? CG  ? A LYS 56  CG  
18 1 Y 0 A LYS 53  ? CD  ? A LYS 56  CD  
19 1 Y 0 A LYS 53  ? CE  ? A LYS 56  CE  
20 1 Y 0 A LYS 53  ? NZ  ? A LYS 56  NZ  
21 1 Y 0 A ARG 57  ? CD  A A ARG 60  CD  
22 1 Y 0 A ARG 57  ? CD  B A ARG 60  CD  
23 1 Y 0 A ARG 57  ? NE  A A ARG 60  NE  
24 1 Y 0 A ARG 57  ? NE  B A ARG 60  NE  
25 1 Y 0 A ARG 57  ? CZ  A A ARG 60  CZ  
26 1 Y 0 A ARG 57  ? CZ  B A ARG 60  CZ  
27 1 Y 0 A ARG 57  ? NH1 A A ARG 60  NH1 
28 1 Y 0 A ARG 57  ? NH1 B A ARG 60  NH1 
29 1 Y 0 A ARG 57  ? NH2 A A ARG 60  NH2 
30 1 Y 0 A ARG 57  ? NH2 B A ARG 60  NH2 
31 1 Y 0 A GLN 95  ? CD  ? A GLN 98  CD  
32 1 Y 0 A GLN 95  ? OE1 ? A GLN 98  OE1 
33 1 Y 0 A GLN 95  ? NE2 ? A GLN 98  NE2 
34 1 Y 0 B TYR 44  ? CG  ? B TYR 47  CG  
35 1 Y 0 B TYR 44  ? CD1 ? B TYR 47  CD1 
36 1 Y 0 B TYR 44  ? CD2 ? B TYR 47  CD2 
37 1 Y 0 B TYR 44  ? CE1 ? B TYR 47  CE1 
38 1 Y 0 B TYR 44  ? CE2 ? B TYR 47  CE2 
39 1 Y 0 B TYR 44  ? CZ  ? B TYR 47  CZ  
40 1 Y 0 B TYR 44  ? OH  ? B TYR 47  OH  
41 1 Y 0 B HIS 45  ? CG  ? B HIS 48  CG  
42 1 Y 0 B HIS 45  ? ND1 ? B HIS 48  ND1 
43 1 Y 0 B HIS 45  ? CD2 ? B HIS 48  CD2 
44 1 Y 0 B HIS 45  ? CE1 ? B HIS 48  CE1 
45 1 Y 0 B HIS 45  ? NE2 ? B HIS 48  NE2 
46 1 Y 0 B LYS 46  ? CG  ? B LYS 49  CG  
47 1 Y 0 B LYS 46  ? CD  ? B LYS 49  CD  
48 1 Y 0 B LYS 46  ? CE  ? B LYS 49  CE  
49 1 Y 0 B LYS 46  ? NZ  ? B LYS 49  NZ  
50 1 Y 0 B LYS 53  ? CG  ? B LYS 56  CG  
51 1 Y 0 B LYS 53  ? CD  ? B LYS 56  CD  
52 1 Y 0 B LYS 53  ? CE  ? B LYS 56  CE  
53 1 Y 0 B LYS 53  ? NZ  ? B LYS 56  NZ  
54 1 Y 0 B LYS 87  ? CE  ? B LYS 90  CE  
55 1 Y 0 B LYS 87  ? NZ  ? B LYS 90  NZ  
56 1 Y 0 B LYS 111 ? CG  ? B LYS 114 CG  
57 1 Y 0 B LYS 111 ? CD  ? B LYS 114 CD  
58 1 Y 0 B LYS 111 ? CE  ? B LYS 114 CE  
59 1 Y 0 B LYS 111 ? NZ  ? B LYS 114 NZ  
60 1 Y 0 B GLU 121 ? CD  ? B GLU 124 CD  
61 1 Y 0 B GLU 121 ? OE1 ? B GLU 124 OE1 
62 1 Y 0 B GLU 121 ? OE2 ? B GLU 124 OE2 
# 
loop_
_software.name 
_software.classification 
_software.version 
_software.citation_id 
_software.pdbx_ordinal 
REFMAC refinement       5.6.0117 ? 1 
MOSFLM 'data reduction' .        ? 2 
SCALA  'data scaling'   .        ? 3 
BALBES phasing          .        ? 4 
# 
_cell.entry_id           4ADZ 
_cell.length_a           41.630 
_cell.length_b           54.550 
_cell.length_c           91.750 
_cell.angle_alpha        90.00 
_cell.angle_beta         90.00 
_cell.angle_gamma        90.00 
_cell.Z_PDB              8 
_cell.pdbx_unique_axis   ? 
# 
_symmetry.entry_id                         4ADZ 
_symmetry.space_group_name_H-M             'P 21 2 21' 
_symmetry.pdbx_full_space_group_name_H-M   ? 
_symmetry.cell_setting                     ? 
_symmetry.Int_Tables_number                18 
# 
_exptl.entry_id          4ADZ 
_exptl.method            'X-RAY DIFFRACTION' 
_exptl.crystals_number   1 
# 
_exptl_crystal.id                    1 
_exptl_crystal.density_meas          ? 
_exptl_crystal.density_Matthews      1.81 
_exptl_crystal.density_percent_sol   32 
_exptl_crystal.description           NONE 
# 
_exptl_crystal_grow.crystal_id      1 
_exptl_crystal_grow.method          ? 
_exptl_crystal_grow.temp            ? 
_exptl_crystal_grow.temp_details    ? 
_exptl_crystal_grow.pH              4.0 
_exptl_crystal_grow.pdbx_pH_range   ? 
_exptl_crystal_grow.pdbx_details    '1.26 M AMMONIUM SULPHATE, 0.1 M SODIUM CITRATE PH 4' 
# 
_diffrn.id                     1 
_diffrn.ambient_temp           100 
_diffrn.ambient_temp_details   ? 
_diffrn.crystal_id             1 
# 
_diffrn_detector.diffrn_id              1 
_diffrn_detector.detector               CCD 
_diffrn_detector.type                   'ADSC CCD' 
_diffrn_detector.pdbx_collection_date   2011-07-24 
_diffrn_detector.details                MIRRORS 
# 
_diffrn_radiation.diffrn_id                        1 
_diffrn_radiation.wavelength_id                    1 
_diffrn_radiation.pdbx_monochromatic_or_laue_m_l   M 
_diffrn_radiation.monochromator                    'DOUBLE CRYSTAL' 
_diffrn_radiation.pdbx_diffrn_protocol             'SINGLE WAVELENGTH' 
_diffrn_radiation.pdbx_scattering_type             x-ray 
# 
_diffrn_radiation_wavelength.id           1 
_diffrn_radiation_wavelength.wavelength   0.9795 
_diffrn_radiation_wavelength.wt           1.0 
# 
_diffrn_source.diffrn_id                   1 
_diffrn_source.source                      SYNCHROTRON 
_diffrn_source.type                        'DIAMOND BEAMLINE I04' 
_diffrn_source.pdbx_synchrotron_site       Diamond 
_diffrn_source.pdbx_synchrotron_beamline   I04 
_diffrn_source.pdbx_wavelength             0.9795 
_diffrn_source.pdbx_wavelength_list        ? 
# 
_reflns.pdbx_diffrn_id               1 
_reflns.pdbx_ordinal                 1 
_reflns.entry_id                     4ADZ 
_reflns.observed_criterion_sigma_I   0.0 
_reflns.observed_criterion_sigma_F   ? 
_reflns.d_resolution_low             45.90 
_reflns.d_resolution_high            1.70 
_reflns.number_obs                   22220 
_reflns.number_all                   ? 
_reflns.percent_possible_obs         93.8 
_reflns.pdbx_Rmerge_I_obs            0.058 
_reflns.pdbx_Rsym_value              ? 
_reflns.pdbx_netI_over_sigmaI        12.10 
_reflns.B_iso_Wilson_estimate        22.4 
_reflns.pdbx_redundancy              3.1 
# 
_reflns_shell.pdbx_diffrn_id         1 
_reflns_shell.pdbx_ordinal           1 
_reflns_shell.d_res_high             1.70 
_reflns_shell.d_res_low              1.79 
_reflns_shell.percent_possible_all   71.7 
_reflns_shell.Rmerge_I_obs           0.28 
_reflns_shell.pdbx_Rsym_value        ? 
_reflns_shell.meanI_over_sigI_obs    2.10 
_reflns_shell.pdbx_redundancy        1.8 
# 
_refine.pdbx_refine_id                           'X-RAY DIFFRACTION' 
_refine.entry_id                                 4ADZ 
_refine.pdbx_diffrn_id                           1 
_refine.pdbx_TLS_residual_ADP_flag               ? 
_refine.ls_number_reflns_obs                     21048 
_refine.ls_number_reflns_all                     ? 
_refine.pdbx_ls_sigma_I                          ? 
_refine.pdbx_ls_sigma_F                          . 
_refine.pdbx_data_cutoff_high_absF               ? 
_refine.pdbx_data_cutoff_low_absF                ? 
_refine.pdbx_data_cutoff_high_rms_absF           ? 
_refine.ls_d_res_low                             54.55 
_refine.ls_d_res_high                            1.70 
_refine.ls_percent_reflns_obs                    93.58 
_refine.ls_R_factor_obs                          0.18754 
_refine.ls_R_factor_all                          ? 
_refine.ls_R_factor_R_work                       0.18541 
_refine.ls_R_factor_R_free                       0.22858 
_refine.ls_R_factor_R_free_error                 ? 
_refine.ls_R_factor_R_free_error_details         ? 
_refine.ls_percent_reflns_R_free                 5.1 
_refine.ls_number_reflns_R_free                  1141 
_refine.ls_number_parameters                     ? 
_refine.ls_number_restraints                     ? 
_refine.occupancy_min                            ? 
_refine.occupancy_max                            ? 
_refine.correlation_coeff_Fo_to_Fc               0.957 
_refine.correlation_coeff_Fo_to_Fc_free          0.942 
_refine.B_iso_mean                               19.031 
_refine.aniso_B[1][1]                            0.95 
_refine.aniso_B[2][2]                            -0.52 
_refine.aniso_B[3][3]                            -0.44 
_refine.aniso_B[1][2]                            0.00 
_refine.aniso_B[1][3]                            0.00 
_refine.aniso_B[2][3]                            0.00 
_refine.solvent_model_details                    MASK 
_refine.solvent_model_param_ksol                 ? 
_refine.solvent_model_param_bsol                 ? 
_refine.pdbx_solvent_vdw_probe_radii             1.20 
_refine.pdbx_solvent_ion_probe_radii             0.80 
_refine.pdbx_solvent_shrinkage_radii             0.80 
_refine.pdbx_ls_cross_valid_method               THROUGHOUT 
_refine.details                                  
'HYDROGENS HAVE BEEN ADDED IN THE RIDING POSITIONS. U VALUES REFINED INDIVIDUALLY.' 
_refine.pdbx_starting_model                      ? 
_refine.pdbx_method_to_determine_struct          'MOLECULAR REPLACEMENT' 
_refine.pdbx_isotropic_thermal_model             ? 
_refine.pdbx_stereochemistry_target_values       'MAXIMUM LIKELIHOOD' 
_refine.pdbx_stereochem_target_val_spec_case     ? 
_refine.pdbx_R_Free_selection_details            RANDOM 
_refine.pdbx_overall_ESU_R                       0.107 
_refine.pdbx_overall_ESU_R_Free                  0.111 
_refine.overall_SU_ML                            0.071 
_refine.pdbx_overall_phase_error                 ? 
_refine.overall_SU_B                             2.164 
_refine.overall_SU_R_Cruickshank_DPI             ? 
_refine.pdbx_overall_SU_R_free_Cruickshank_DPI   ? 
_refine.pdbx_overall_SU_R_Blow_DPI               ? 
_refine.pdbx_overall_SU_R_free_Blow_DPI          ? 
# 
_refine_hist.pdbx_refine_id                   'X-RAY DIFFRACTION' 
_refine_hist.cycle_id                         LAST 
_refine_hist.pdbx_number_atoms_protein        1430 
_refine_hist.pdbx_number_atoms_nucleic_acid   0 
_refine_hist.pdbx_number_atoms_ligand         30 
_refine_hist.number_atoms_solvent             111 
_refine_hist.number_atoms_total               1571 
_refine_hist.d_res_high                       1.70 
_refine_hist.d_res_low                        54.55 
# 
loop_
_refine_ls_restr.type 
_refine_ls_restr.dev_ideal 
_refine_ls_restr.dev_ideal_target 
_refine_ls_restr.weight 
_refine_ls_restr.number 
_refine_ls_restr.pdbx_refine_id 
_refine_ls_restr.pdbx_restraint_function 
r_bond_refined_d             0.017  0.019  ? 1483 'X-RAY DIFFRACTION' ? 
r_bond_other_d               0.001  0.020  ? 1019 'X-RAY DIFFRACTION' ? 
r_angle_refined_deg          1.663  1.998  ? 2016 'X-RAY DIFFRACTION' ? 
r_angle_other_deg            0.995  3.000  ? 2472 'X-RAY DIFFRACTION' ? 
r_dihedral_angle_1_deg       4.840  5.000  ? 198  'X-RAY DIFFRACTION' ? 
r_dihedral_angle_2_deg       34.141 23.529 ? 68   'X-RAY DIFFRACTION' ? 
r_dihedral_angle_3_deg       14.290 15.000 ? 280  'X-RAY DIFFRACTION' ? 
r_dihedral_angle_4_deg       14.292 15.000 ? 16   'X-RAY DIFFRACTION' ? 
r_chiral_restr               0.099  0.200  ? 244  'X-RAY DIFFRACTION' ? 
r_gen_planes_refined         0.006  0.020  ? 1653 'X-RAY DIFFRACTION' ? 
r_gen_planes_other           0.001  0.020  ? 291  'X-RAY DIFFRACTION' ? 
r_nbd_refined                ?      ?      ? ?    'X-RAY DIFFRACTION' ? 
r_nbd_other                  ?      ?      ? ?    'X-RAY DIFFRACTION' ? 
r_nbtor_refined              ?      ?      ? ?    'X-RAY DIFFRACTION' ? 
r_nbtor_other                ?      ?      ? ?    'X-RAY DIFFRACTION' ? 
r_xyhbond_nbd_refined        ?      ?      ? ?    'X-RAY DIFFRACTION' ? 
r_xyhbond_nbd_other          ?      ?      ? ?    'X-RAY DIFFRACTION' ? 
r_metal_ion_refined          ?      ?      ? ?    'X-RAY DIFFRACTION' ? 
r_metal_ion_other            ?      ?      ? ?    'X-RAY DIFFRACTION' ? 
r_symmetry_vdw_refined       ?      ?      ? ?    'X-RAY DIFFRACTION' ? 
r_symmetry_vdw_other         ?      ?      ? ?    'X-RAY DIFFRACTION' ? 
r_symmetry_hbond_refined     ?      ?      ? ?    'X-RAY DIFFRACTION' ? 
r_symmetry_hbond_other       ?      ?      ? ?    'X-RAY DIFFRACTION' ? 
r_symmetry_metal_ion_refined ?      ?      ? ?    'X-RAY DIFFRACTION' ? 
r_symmetry_metal_ion_other   ?      ?      ? ?    'X-RAY DIFFRACTION' ? 
r_mcbond_it                  ?      ?      ? ?    'X-RAY DIFFRACTION' ? 
r_mcbond_other               ?      ?      ? ?    'X-RAY DIFFRACTION' ? 
r_mcangle_it                 ?      ?      ? ?    'X-RAY DIFFRACTION' ? 
r_mcangle_other              ?      ?      ? ?    'X-RAY DIFFRACTION' ? 
r_scbond_it                  ?      ?      ? ?    'X-RAY DIFFRACTION' ? 
r_scbond_other               ?      ?      ? ?    'X-RAY DIFFRACTION' ? 
r_scangle_it                 ?      ?      ? ?    'X-RAY DIFFRACTION' ? 
r_scangle_other              ?      ?      ? ?    'X-RAY DIFFRACTION' ? 
r_long_range_B_refined       ?      ?      ? ?    'X-RAY DIFFRACTION' ? 
r_long_range_B_other         ?      ?      ? ?    'X-RAY DIFFRACTION' ? 
r_rigid_bond_restr           ?      ?      ? ?    'X-RAY DIFFRACTION' ? 
r_sphericity_free            ?      ?      ? ?    'X-RAY DIFFRACTION' ? 
r_sphericity_bonded          ?      ?      ? ?    'X-RAY DIFFRACTION' ? 
# 
_refine_ls_shell.pdbx_refine_id                   'X-RAY DIFFRACTION' 
_refine_ls_shell.pdbx_total_number_of_bins_used   20 
_refine_ls_shell.d_res_high                       1.700 
_refine_ls_shell.d_res_low                        1.744 
_refine_ls_shell.number_reflns_R_work             1029 
_refine_ls_shell.R_factor_R_work                  0.279 
_refine_ls_shell.percent_reflns_obs               65.17 
_refine_ls_shell.R_factor_R_free                  0.359 
_refine_ls_shell.R_factor_R_free_error            ? 
_refine_ls_shell.percent_reflns_R_free            ? 
_refine_ls_shell.number_reflns_R_free             56 
_refine_ls_shell.number_reflns_all                ? 
_refine_ls_shell.R_factor_all                     ? 
# 
_struct.entry_id                  4ADZ 
_struct.title                     
'Crystal Structure of the apo form of a Copper-sensitive operon Regulator (CsoR) protein from Streptomyces lividans' 
_struct.pdbx_model_details        ? 
_struct.pdbx_CASP_flag            ? 
_struct.pdbx_model_type_details   ? 
# 
_struct_keywords.entry_id        4ADZ 
_struct_keywords.pdbx_keywords   TRANSCRIPTION 
_struct_keywords.text            'TRANSCRIPTION, COPPER SENSOR' 
# 
loop_
_struct_asym.id 
_struct_asym.pdbx_blank_PDB_chainid_flag 
_struct_asym.pdbx_modified 
_struct_asym.entity_id 
_struct_asym.details 
A N N 1 ? 
B N N 1 ? 
C N N 2 ? 
D N N 2 ? 
E N N 2 ? 
F N N 2 ? 
G N N 2 ? 
H N N 2 ? 
I N N 3 ? 
J N N 3 ? 
# 
_struct_ref.id                         1 
_struct_ref.db_name                    UNP 
_struct_ref.db_code                    D6EK73_STRLI 
_struct_ref.entity_id                  1 
_struct_ref.pdbx_seq_one_letter_code   ? 
_struct_ref.pdbx_align_begin           ? 
_struct_ref.pdbx_db_accession          D6EK73 
_struct_ref.pdbx_db_isoform            ? 
# 
loop_
_struct_ref_seq.align_id 
_struct_ref_seq.ref_id 
_struct_ref_seq.pdbx_PDB_id_code 
_struct_ref_seq.pdbx_strand_id 
_struct_ref_seq.seq_align_beg 
_struct_ref_seq.pdbx_seq_align_beg_ins_code 
_struct_ref_seq.seq_align_end 
_struct_ref_seq.pdbx_seq_align_end_ins_code 
_struct_ref_seq.pdbx_db_accession 
_struct_ref_seq.db_align_beg 
_struct_ref_seq.pdbx_db_align_beg_ins_code 
_struct_ref_seq.db_align_end 
_struct_ref_seq.pdbx_db_align_end_ins_code 
_struct_ref_seq.pdbx_auth_seq_align_beg 
_struct_ref_seq.pdbx_auth_seq_align_end 
1 1 4ADZ A 4 ? 136 ? D6EK73 1 ? 133 ? 1 133 
2 1 4ADZ B 4 ? 136 ? D6EK73 1 ? 133 ? 1 133 
# 
loop_
_struct_ref_seq_dif.align_id 
_struct_ref_seq_dif.pdbx_pdb_id_code 
_struct_ref_seq_dif.mon_id 
_struct_ref_seq_dif.pdbx_pdb_strand_id 
_struct_ref_seq_dif.seq_num 
_struct_ref_seq_dif.pdbx_pdb_ins_code 
_struct_ref_seq_dif.pdbx_seq_db_name 
_struct_ref_seq_dif.pdbx_seq_db_accession_code 
_struct_ref_seq_dif.db_mon_id 
_struct_ref_seq_dif.pdbx_seq_db_seq_num 
_struct_ref_seq_dif.details 
_struct_ref_seq_dif.pdbx_auth_seq_num 
_struct_ref_seq_dif.pdbx_ordinal 
1 4ADZ GLY A 1 ? UNP D6EK73 ? ? 'expression tag' -2 1 
1 4ADZ SER A 2 ? UNP D6EK73 ? ? 'expression tag' -1 2 
1 4ADZ HIS A 3 ? UNP D6EK73 ? ? 'expression tag' 0  3 
2 4ADZ GLY B 1 ? UNP D6EK73 ? ? 'expression tag' -2 4 
2 4ADZ SER B 2 ? UNP D6EK73 ? ? 'expression tag' -1 5 
2 4ADZ HIS B 3 ? UNP D6EK73 ? ? 'expression tag' 0  6 
# 
_pdbx_struct_assembly.id                   1 
_pdbx_struct_assembly.details              author_and_software_defined_assembly 
_pdbx_struct_assembly.method_details       PISA 
_pdbx_struct_assembly.oligomeric_details   tetrameric 
_pdbx_struct_assembly.oligomeric_count     4 
# 
loop_
_pdbx_struct_assembly_prop.biol_id 
_pdbx_struct_assembly_prop.type 
_pdbx_struct_assembly_prop.value 
_pdbx_struct_assembly_prop.details 
1 'ABSA (A^2)' 13640  ? 
1 MORE         -227.0 ? 
1 'SSA (A^2)'  17290  ? 
# 
_pdbx_struct_assembly_gen.assembly_id       1 
_pdbx_struct_assembly_gen.oper_expression   1,2 
_pdbx_struct_assembly_gen.asym_id_list      A,B,C,D,E,F,G,H,I,J 
# 
loop_
_pdbx_struct_oper_list.id 
_pdbx_struct_oper_list.type 
_pdbx_struct_oper_list.name 
_pdbx_struct_oper_list.symmetry_operation 
_pdbx_struct_oper_list.matrix[1][1] 
_pdbx_struct_oper_list.matrix[1][2] 
_pdbx_struct_oper_list.matrix[1][3] 
_pdbx_struct_oper_list.vector[1] 
_pdbx_struct_oper_list.matrix[2][1] 
_pdbx_struct_oper_list.matrix[2][2] 
_pdbx_struct_oper_list.matrix[2][3] 
_pdbx_struct_oper_list.vector[2] 
_pdbx_struct_oper_list.matrix[3][1] 
_pdbx_struct_oper_list.matrix[3][2] 
_pdbx_struct_oper_list.matrix[3][3] 
_pdbx_struct_oper_list.vector[3] 
1 'identity operation'         1_555 x,y,z       1.0000000000  0.0000000000 0.0000000000  0.0000000000   0.0000000000 1.0000000000 0.0000000000  0.0000000000 0.0000000000  0.0000000000  1.0000000000  0.0000000000   
2 'crystal symmetry operation' 2_656 -x+1,y,-z+1 -0.4672587537 0.8409997280 -0.2727429460 -10.5461780676 0.8409997280 0.3276248975 -0.4305593850 2.5857824457 -0.2727429460 -0.4305593850 -0.8603661438 -12.6263273340 
# 
_struct_biol.id   1 
# 
loop_
_struct_conf.conf_type_id 
_struct_conf.id 
_struct_conf.pdbx_PDB_helix_id 
_struct_conf.beg_label_comp_id 
_struct_conf.beg_label_asym_id 
_struct_conf.beg_label_seq_id 
_struct_conf.pdbx_beg_PDB_ins_code 
_struct_conf.end_label_comp_id 
_struct_conf.end_label_asym_id 
_struct_conf.end_label_seq_id 
_struct_conf.pdbx_end_PDB_ins_code 
_struct_conf.beg_auth_comp_id 
_struct_conf.beg_auth_asym_id 
_struct_conf.beg_auth_seq_id 
_struct_conf.end_auth_comp_id 
_struct_conf.end_auth_asym_id 
_struct_conf.end_auth_seq_id 
_struct_conf.pdbx_PDB_helix_class 
_struct_conf.details 
_struct_conf.pdbx_PDB_helix_length 
HELX_P HELX_P1 1 TYR A 47  ? GLU A 74  ? TYR A 44  GLU A 71  1 ? 28 
HELX_P HELX_P2 2 TYR A 77  ? ARG A 135 ? TYR A 74  ARG A 132 1 ? 59 
HELX_P HELX_P3 3 TYR B 47  ? GLU B 74  ? TYR B 44  GLU B 71  1 ? 28 
HELX_P HELX_P4 4 TYR B 77  ? GLY B 115 ? TYR B 74  GLY B 112 1 ? 39 
HELX_P HELX_P5 5 ILE B 119 ? THR B 136 ? ILE B 116 THR B 133 1 ? 18 
# 
_struct_conf_type.id          HELX_P 
_struct_conf_type.criteria    ? 
_struct_conf_type.reference   ? 
# 
loop_
_struct_site.id 
_struct_site.pdbx_evidence_code 
_struct_site.pdbx_auth_asym_id 
_struct_site.pdbx_auth_comp_id 
_struct_site.pdbx_auth_seq_id 
_struct_site.pdbx_auth_ins_code 
_struct_site.pdbx_num_residues 
_struct_site.details 
AC1 Software A SO4 1134 ? 7 'BINDING SITE FOR RESIDUE SO4 A 1134' 
AC2 Software A SO4 1135 ? 6 'BINDING SITE FOR RESIDUE SO4 A 1135' 
AC3 Software A SO4 1136 ? 6 'BINDING SITE FOR RESIDUE SO4 A 1136' 
AC4 Software A SO4 1137 ? 8 'BINDING SITE FOR RESIDUE SO4 A 1137' 
AC5 Software A SO4 1138 ? 3 'BINDING SITE FOR RESIDUE SO4 A 1138' 
AC6 Software B SO4 1134 ? 4 'BINDING SITE FOR RESIDUE SO4 B 1134' 
# 
loop_
_struct_site_gen.id 
_struct_site_gen.site_id 
_struct_site_gen.pdbx_num_res 
_struct_site_gen.label_comp_id 
_struct_site_gen.label_asym_id 
_struct_site_gen.label_seq_id 
_struct_site_gen.pdbx_auth_ins_code 
_struct_site_gen.auth_comp_id 
_struct_site_gen.auth_asym_id 
_struct_site_gen.auth_seq_id 
_struct_site_gen.label_atom_id 
_struct_site_gen.label_alt_id 
_struct_site_gen.symmetry 
_struct_site_gen.details 
1  AC1 7 TYR A 77  ? TYR A 74   . ? 2_656 ? 
2  AC1 7 HIS A 103 ? HIS A 100  . ? 1_555 ? 
3  AC1 7 HIS A 106 ? HIS A 103  . ? 1_555 ? 
4  AC1 7 HOH I .   ? HOH A 2021 . ? 2_656 ? 
5  AC1 7 HOH I .   ? HOH A 2036 . ? 1_555 ? 
6  AC1 7 HOH I .   ? HOH A 2052 . ? 1_555 ? 
7  AC1 7 HOH I .   ? HOH A 2063 . ? 1_555 ? 
8  AC2 6 ARG A 66  ? ARG A 63   . ? 1_555 ? 
9  AC2 6 ARG A 70  ? ARG A 67   . ? 1_555 ? 
10 AC2 6 HOH I .   ? HOH A 2014 . ? 1_555 ? 
11 AC2 6 ARG B 59  ? ARG B 56   . ? 2_646 ? 
12 AC2 6 ARG B 66  ? ARG B 63   . ? 2_646 ? 
13 AC2 6 HOH J .   ? HOH B 2006 . ? 2_646 ? 
14 AC3 6 ARG A 59  ? ARG A 56   . ? 1_555 ? 
15 AC3 6 ARG A 66  ? ARG A 63   . ? 1_555 ? 
16 AC3 6 HOH I .   ? HOH A 2007 . ? 1_555 ? 
17 AC3 6 ARG B 66  ? ARG B 63   . ? 2_646 ? 
18 AC3 6 ARG B 70  ? ARG B 67   . ? 2_646 ? 
19 AC3 6 HOH J .   ? HOH B 2010 . ? 2_646 ? 
20 AC4 8 GLU A 62  ? GLU A 59   . ? 1_555 ? 
21 AC4 8 GLU A 62  ? GLU A 59   . ? 2_656 ? 
22 AC4 8 ARG A 66  ? ARG A 63   . ? 1_555 ? 
23 AC4 8 ARG A 66  ? ARG A 63   . ? 2_656 ? 
24 AC4 8 GLU B 62  ? GLU B 59   . ? 2_646 ? 
25 AC4 8 GLU B 62  ? GLU B 59   . ? 1_545 ? 
26 AC4 8 ARG B 66  ? ARG B 63   . ? 1_545 ? 
27 AC4 8 ARG B 66  ? ARG B 63   . ? 2_646 ? 
28 AC5 3 GLN A 50  ? GLN A 47   . ? 1_555 ? 
29 AC5 3 ARG A 105 ? ARG A 102  . ? 1_555 ? 
30 AC5 3 HIS A 106 ? HIS A 103  . ? 1_555 ? 
31 AC6 4 HIS B 103 ? HIS B 100  . ? 2_656 ? 
32 AC6 4 HIS B 106 ? HIS B 103  . ? 2_656 ? 
33 AC6 4 HOH J .   ? HOH B 2019 . ? 1_555 ? 
34 AC6 4 HOH J .   ? HOH B 2048 . ? 1_555 ? 
# 
loop_
_pdbx_validate_close_contact.id 
_pdbx_validate_close_contact.PDB_model_num 
_pdbx_validate_close_contact.auth_atom_id_1 
_pdbx_validate_close_contact.auth_asym_id_1 
_pdbx_validate_close_contact.auth_comp_id_1 
_pdbx_validate_close_contact.auth_seq_id_1 
_pdbx_validate_close_contact.PDB_ins_code_1 
_pdbx_validate_close_contact.label_alt_id_1 
_pdbx_validate_close_contact.auth_atom_id_2 
_pdbx_validate_close_contact.auth_asym_id_2 
_pdbx_validate_close_contact.auth_comp_id_2 
_pdbx_validate_close_contact.auth_seq_id_2 
_pdbx_validate_close_contact.PDB_ins_code_2 
_pdbx_validate_close_contact.label_alt_id_2 
_pdbx_validate_close_contact.dist 
1 1 O1  A SO4 1134 ? ? O A HOH 2052 ? ? 1.99 
2 1 OE1 A GLU 59   ? B O A HOH 2013 ? ? 2.00 
3 1 OE1 B GLN 90   ? ? O B HOH 2029 ? ? 2.18 
# 
loop_
_pdbx_validate_symm_contact.id 
_pdbx_validate_symm_contact.PDB_model_num 
_pdbx_validate_symm_contact.auth_atom_id_1 
_pdbx_validate_symm_contact.auth_asym_id_1 
_pdbx_validate_symm_contact.auth_comp_id_1 
_pdbx_validate_symm_contact.auth_seq_id_1 
_pdbx_validate_symm_contact.PDB_ins_code_1 
_pdbx_validate_symm_contact.label_alt_id_1 
_pdbx_validate_symm_contact.site_symmetry_1 
_pdbx_validate_symm_contact.auth_atom_id_2 
_pdbx_validate_symm_contact.auth_asym_id_2 
_pdbx_validate_symm_contact.auth_comp_id_2 
_pdbx_validate_symm_contact.auth_seq_id_2 
_pdbx_validate_symm_contact.PDB_ins_code_2 
_pdbx_validate_symm_contact.label_alt_id_2 
_pdbx_validate_symm_contact.site_symmetry_2 
_pdbx_validate_symm_contact.dist 
1 1 OE2 B GLU 59  ? B 1_555 OE1 B GLN 66  ? ? 2_656 1.85 
2 1 O   A THR 133 ? ? 1_555 O   A THR 133 ? ? 2_656 2.13 
# 
_pdbx_validate_rmsd_bond.id                        1 
_pdbx_validate_rmsd_bond.PDB_model_num             1 
_pdbx_validate_rmsd_bond.auth_atom_id_1            CG 
_pdbx_validate_rmsd_bond.auth_asym_id_1            A 
_pdbx_validate_rmsd_bond.auth_comp_id_1            GLN 
_pdbx_validate_rmsd_bond.auth_seq_id_1             95 
_pdbx_validate_rmsd_bond.PDB_ins_code_1            ? 
_pdbx_validate_rmsd_bond.label_alt_id_1            ? 
_pdbx_validate_rmsd_bond.auth_atom_id_2            CD 
_pdbx_validate_rmsd_bond.auth_asym_id_2            A 
_pdbx_validate_rmsd_bond.auth_comp_id_2            GLN 
_pdbx_validate_rmsd_bond.auth_seq_id_2             95 
_pdbx_validate_rmsd_bond.PDB_ins_code_2            ? 
_pdbx_validate_rmsd_bond.label_alt_id_2            ? 
_pdbx_validate_rmsd_bond.bond_value                1.278 
_pdbx_validate_rmsd_bond.bond_target_value         1.506 
_pdbx_validate_rmsd_bond.bond_deviation            -0.228 
_pdbx_validate_rmsd_bond.bond_standard_deviation   0.023 
_pdbx_validate_rmsd_bond.linker_flag               N 
# 
loop_
_pdbx_validate_rmsd_angle.id 
_pdbx_validate_rmsd_angle.PDB_model_num 
_pdbx_validate_rmsd_angle.auth_atom_id_1 
_pdbx_validate_rmsd_angle.auth_asym_id_1 
_pdbx_validate_rmsd_angle.auth_comp_id_1 
_pdbx_validate_rmsd_angle.auth_seq_id_1 
_pdbx_validate_rmsd_angle.PDB_ins_code_1 
_pdbx_validate_rmsd_angle.label_alt_id_1 
_pdbx_validate_rmsd_angle.auth_atom_id_2 
_pdbx_validate_rmsd_angle.auth_asym_id_2 
_pdbx_validate_rmsd_angle.auth_comp_id_2 
_pdbx_validate_rmsd_angle.auth_seq_id_2 
_pdbx_validate_rmsd_angle.PDB_ins_code_2 
_pdbx_validate_rmsd_angle.label_alt_id_2 
_pdbx_validate_rmsd_angle.auth_atom_id_3 
_pdbx_validate_rmsd_angle.auth_asym_id_3 
_pdbx_validate_rmsd_angle.auth_comp_id_3 
_pdbx_validate_rmsd_angle.auth_seq_id_3 
_pdbx_validate_rmsd_angle.PDB_ins_code_3 
_pdbx_validate_rmsd_angle.label_alt_id_3 
_pdbx_validate_rmsd_angle.angle_value 
_pdbx_validate_rmsd_angle.angle_target_value 
_pdbx_validate_rmsd_angle.angle_deviation 
_pdbx_validate_rmsd_angle.angle_standard_deviation 
_pdbx_validate_rmsd_angle.linker_flag 
1 1 NE A ARG 54  ? ? CZ A ARG 54  ? ? NH1 A ARG 54  ? ? 123.51 120.30 3.21   0.50 N 
2 1 NE A ARG 54  ? ? CZ A ARG 54  ? ? NH2 A ARG 54  ? ? 117.01 120.30 -3.29  0.50 N 
3 1 CG A ARG 57  ? B CD A ARG 57  ? B NE  A ARG 57  ? B 94.37  111.80 -17.43 2.10 N 
4 1 NE A ARG 129 ? ? CZ A ARG 129 ? ? NH2 A ARG 129 ? ? 117.06 120.30 -3.24  0.50 N 
5 1 CA B HIS 45  ? ? CB B HIS 45  ? ? CG  B HIS 45  ? ? 124.90 113.60 11.30  1.70 N 
6 1 NE B ARG 63  ? ? CZ B ARG 63  ? ? NH1 B ARG 63  ? ? 123.43 120.30 3.13   0.50 N 
7 1 NE B ARG 63  ? ? CZ B ARG 63  ? ? NH2 B ARG 63  ? ? 117.29 120.30 -3.01  0.50 N 
# 
_pdbx_struct_special_symmetry.id              1 
_pdbx_struct_special_symmetry.PDB_model_num   1 
_pdbx_struct_special_symmetry.auth_asym_id    B 
_pdbx_struct_special_symmetry.auth_comp_id    HOH 
_pdbx_struct_special_symmetry.auth_seq_id     2030 
_pdbx_struct_special_symmetry.PDB_ins_code    ? 
_pdbx_struct_special_symmetry.label_asym_id   J 
_pdbx_struct_special_symmetry.label_comp_id   HOH 
_pdbx_struct_special_symmetry.label_seq_id    . 
# 
_pdbx_entry_details.entry_id                 4ADZ 
_pdbx_entry_details.compound_details         ? 
_pdbx_entry_details.source_details           ? 
_pdbx_entry_details.nonpolymer_details       
;THE SULPHATE MOLECULE A1137 IS MODELLED WITH HALF
OCCUPANCY AS IT IS CLOSE TO A SYMMETRY-RELATED POSITION
OF THE SAME MOLECULE.
;
_pdbx_entry_details.sequence_details         
;S. LIVIDANS 1326 GENOME NOT SEQUENCED. HIGH SEQUENCE
HOMOLOGY WITH S.COELICOLOR GENOME (WWW.STREPDB.
STREPTOMYCES.ORG.UK).
;
_pdbx_entry_details.has_ligand_of_interest   ? 
# 
loop_
_pdbx_unobs_or_zero_occ_residues.id 
_pdbx_unobs_or_zero_occ_residues.PDB_model_num 
_pdbx_unobs_or_zero_occ_residues.polymer_flag 
_pdbx_unobs_or_zero_occ_residues.occupancy_flag 
_pdbx_unobs_or_zero_occ_residues.auth_asym_id 
_pdbx_unobs_or_zero_occ_residues.auth_comp_id 
_pdbx_unobs_or_zero_occ_residues.auth_seq_id 
_pdbx_unobs_or_zero_occ_residues.PDB_ins_code 
_pdbx_unobs_or_zero_occ_residues.label_asym_id 
_pdbx_unobs_or_zero_occ_residues.label_comp_id 
_pdbx_unobs_or_zero_occ_residues.label_seq_id 
1  1 Y 1 A GLY -2 ? A GLY 1  
2  1 Y 1 A SER -1 ? A SER 2  
3  1 Y 1 A HIS 0  ? A HIS 3  
4  1 Y 1 A MET 1  ? A MET 4  
5  1 Y 1 A THR 2  ? A THR 5  
6  1 Y 1 A THR 3  ? A THR 6  
7  1 Y 1 A THR 4  ? A THR 7  
8  1 Y 1 A GLU 5  ? A GLU 8  
9  1 Y 1 A ALA 6  ? A ALA 9  
10 1 Y 1 A GLY 7  ? A GLY 10 
11 1 Y 1 A ALA 8  ? A ALA 11 
12 1 Y 1 A SER 9  ? A SER 12 
13 1 Y 1 A ALA 10 ? A ALA 13 
14 1 Y 1 A PRO 11 ? A PRO 14 
15 1 Y 1 A SER 12 ? A SER 15 
16 1 Y 1 A PRO 13 ? A PRO 16 
17 1 Y 1 A ALA 14 ? A ALA 17 
18 1 Y 1 A VAL 15 ? A VAL 18 
19 1 Y 1 A ASP 16 ? A ASP 19 
20 1 Y 1 A GLY 17 ? A GLY 20 
21 1 Y 1 A ALA 18 ? A ALA 21 
22 1 Y 1 A VAL 19 ? A VAL 22 
23 1 Y 1 A ASN 20 ? A ASN 23 
24 1 Y 1 A GLN 21 ? A GLN 24 
25 1 Y 1 A THR 22 ? A THR 25 
26 1 Y 1 A ALA 23 ? A ALA 26 
27 1 Y 1 A ARG 24 ? A ARG 27 
28 1 Y 1 A GLN 25 ? A GLN 28 
29 1 Y 1 A ALA 26 ? A ALA 29 
30 1 Y 1 A GLU 27 ? A GLU 30 
31 1 Y 1 A ALA 28 ? A ALA 31 
32 1 Y 1 A ASP 29 ? A ASP 32 
33 1 Y 1 A GLY 30 ? A GLY 33 
34 1 Y 1 A THR 31 ? A THR 34 
35 1 Y 1 A ASP 32 ? A ASP 35 
36 1 Y 1 A ILE 33 ? A ILE 36 
37 1 Y 1 A VAL 34 ? A VAL 37 
38 1 Y 1 A THR 35 ? A THR 38 
39 1 Y 1 A ASP 36 ? A ASP 39 
40 1 Y 1 A HIS 37 ? A HIS 40 
41 1 Y 1 A ASP 38 ? A ASP 41 
42 1 Y 1 A ARG 39 ? A ARG 42 
43 1 Y 1 A GLY 40 ? A GLY 43 
44 1 Y 1 A VAL 41 ? A VAL 44 
45 1 Y 1 A HIS 42 ? A HIS 45 
46 1 Y 1 A GLY 43 ? A GLY 46 
47 1 Y 1 B GLY -2 ? B GLY 1  
48 1 Y 1 B SER -1 ? B SER 2  
49 1 Y 1 B HIS 0  ? B HIS 3  
50 1 Y 1 B MET 1  ? B MET 4  
51 1 Y 1 B THR 2  ? B THR 5  
52 1 Y 1 B THR 3  ? B THR 6  
53 1 Y 1 B THR 4  ? B THR 7  
54 1 Y 1 B GLU 5  ? B GLU 8  
55 1 Y 1 B ALA 6  ? B ALA 9  
56 1 Y 1 B GLY 7  ? B GLY 10 
57 1 Y 1 B ALA 8  ? B ALA 11 
58 1 Y 1 B SER 9  ? B SER 12 
59 1 Y 1 B ALA 10 ? B ALA 13 
60 1 Y 1 B PRO 11 ? B PRO 14 
61 1 Y 1 B SER 12 ? B SER 15 
62 1 Y 1 B PRO 13 ? B PRO 16 
63 1 Y 1 B ALA 14 ? B ALA 17 
64 1 Y 1 B VAL 15 ? B VAL 18 
65 1 Y 1 B ASP 16 ? B ASP 19 
66 1 Y 1 B GLY 17 ? B GLY 20 
67 1 Y 1 B ALA 18 ? B ALA 21 
68 1 Y 1 B VAL 19 ? B VAL 22 
69 1 Y 1 B ASN 20 ? B ASN 23 
70 1 Y 1 B GLN 21 ? B GLN 24 
71 1 Y 1 B THR 22 ? B THR 25 
72 1 Y 1 B ALA 23 ? B ALA 26 
73 1 Y 1 B ARG 24 ? B ARG 27 
74 1 Y 1 B GLN 25 ? B GLN 28 
75 1 Y 1 B ALA 26 ? B ALA 29 
76 1 Y 1 B GLU 27 ? B GLU 30 
77 1 Y 1 B ALA 28 ? B ALA 31 
78 1 Y 1 B ASP 29 ? B ASP 32 
79 1 Y 1 B GLY 30 ? B GLY 33 
80 1 Y 1 B THR 31 ? B THR 34 
81 1 Y 1 B ASP 32 ? B ASP 35 
82 1 Y 1 B ILE 33 ? B ILE 36 
83 1 Y 1 B VAL 34 ? B VAL 37 
84 1 Y 1 B THR 35 ? B THR 38 
85 1 Y 1 B ASP 36 ? B ASP 39 
86 1 Y 1 B HIS 37 ? B HIS 40 
87 1 Y 1 B ASP 38 ? B ASP 41 
88 1 Y 1 B ARG 39 ? B ARG 42 
89 1 Y 1 B GLY 40 ? B GLY 43 
90 1 Y 1 B VAL 41 ? B VAL 44 
91 1 Y 1 B HIS 42 ? B HIS 45 
92 1 Y 1 B GLY 43 ? B GLY 46 
# 
loop_
_chem_comp_atom.comp_id 
_chem_comp_atom.atom_id 
_chem_comp_atom.type_symbol 
_chem_comp_atom.pdbx_aromatic_flag 
_chem_comp_atom.pdbx_stereo_config 
_chem_comp_atom.pdbx_ordinal 
ALA N    N N N 1   
ALA CA   C N S 2   
ALA C    C N N 3   
ALA O    O N N 4   
ALA CB   C N N 5   
ALA OXT  O N N 6   
ALA H    H N N 7   
ALA H2   H N N 8   
ALA HA   H N N 9   
ALA HB1  H N N 10  
ALA HB2  H N N 11  
ALA HB3  H N N 12  
ALA HXT  H N N 13  
ARG N    N N N 14  
ARG CA   C N S 15  
ARG C    C N N 16  
ARG O    O N N 17  
ARG CB   C N N 18  
ARG CG   C N N 19  
ARG CD   C N N 20  
ARG NE   N N N 21  
ARG CZ   C N N 22  
ARG NH1  N N N 23  
ARG NH2  N N N 24  
ARG OXT  O N N 25  
ARG H    H N N 26  
ARG H2   H N N 27  
ARG HA   H N N 28  
ARG HB2  H N N 29  
ARG HB3  H N N 30  
ARG HG2  H N N 31  
ARG HG3  H N N 32  
ARG HD2  H N N 33  
ARG HD3  H N N 34  
ARG HE   H N N 35  
ARG HH11 H N N 36  
ARG HH12 H N N 37  
ARG HH21 H N N 38  
ARG HH22 H N N 39  
ARG HXT  H N N 40  
ASN N    N N N 41  
ASN CA   C N S 42  
ASN C    C N N 43  
ASN O    O N N 44  
ASN CB   C N N 45  
ASN CG   C N N 46  
ASN OD1  O N N 47  
ASN ND2  N N N 48  
ASN OXT  O N N 49  
ASN H    H N N 50  
ASN H2   H N N 51  
ASN HA   H N N 52  
ASN HB2  H N N 53  
ASN HB3  H N N 54  
ASN HD21 H N N 55  
ASN HD22 H N N 56  
ASN HXT  H N N 57  
ASP N    N N N 58  
ASP CA   C N S 59  
ASP C    C N N 60  
ASP O    O N N 61  
ASP CB   C N N 62  
ASP CG   C N N 63  
ASP OD1  O N N 64  
ASP OD2  O N N 65  
ASP OXT  O N N 66  
ASP H    H N N 67  
ASP H2   H N N 68  
ASP HA   H N N 69  
ASP HB2  H N N 70  
ASP HB3  H N N 71  
ASP HD2  H N N 72  
ASP HXT  H N N 73  
CYS N    N N N 74  
CYS CA   C N R 75  
CYS C    C N N 76  
CYS O    O N N 77  
CYS CB   C N N 78  
CYS SG   S N N 79  
CYS OXT  O N N 80  
CYS H    H N N 81  
CYS H2   H N N 82  
CYS HA   H N N 83  
CYS HB2  H N N 84  
CYS HB3  H N N 85  
CYS HG   H N N 86  
CYS HXT  H N N 87  
GLN N    N N N 88  
GLN CA   C N S 89  
GLN C    C N N 90  
GLN O    O N N 91  
GLN CB   C N N 92  
GLN CG   C N N 93  
GLN CD   C N N 94  
GLN OE1  O N N 95  
GLN NE2  N N N 96  
GLN OXT  O N N 97  
GLN H    H N N 98  
GLN H2   H N N 99  
GLN HA   H N N 100 
GLN HB2  H N N 101 
GLN HB3  H N N 102 
GLN HG2  H N N 103 
GLN HG3  H N N 104 
GLN HE21 H N N 105 
GLN HE22 H N N 106 
GLN HXT  H N N 107 
GLU N    N N N 108 
GLU CA   C N S 109 
GLU C    C N N 110 
GLU O    O N N 111 
GLU CB   C N N 112 
GLU CG   C N N 113 
GLU CD   C N N 114 
GLU OE1  O N N 115 
GLU OE2  O N N 116 
GLU OXT  O N N 117 
GLU H    H N N 118 
GLU H2   H N N 119 
GLU HA   H N N 120 
GLU HB2  H N N 121 
GLU HB3  H N N 122 
GLU HG2  H N N 123 
GLU HG3  H N N 124 
GLU HE2  H N N 125 
GLU HXT  H N N 126 
GLY N    N N N 127 
GLY CA   C N N 128 
GLY C    C N N 129 
GLY O    O N N 130 
GLY OXT  O N N 131 
GLY H    H N N 132 
GLY H2   H N N 133 
GLY HA2  H N N 134 
GLY HA3  H N N 135 
GLY HXT  H N N 136 
HIS N    N N N 137 
HIS CA   C N S 138 
HIS C    C N N 139 
HIS O    O N N 140 
HIS CB   C N N 141 
HIS CG   C Y N 142 
HIS ND1  N Y N 143 
HIS CD2  C Y N 144 
HIS CE1  C Y N 145 
HIS NE2  N Y N 146 
HIS OXT  O N N 147 
HIS H    H N N 148 
HIS H2   H N N 149 
HIS HA   H N N 150 
HIS HB2  H N N 151 
HIS HB3  H N N 152 
HIS HD1  H N N 153 
HIS HD2  H N N 154 
HIS HE1  H N N 155 
HIS HE2  H N N 156 
HIS HXT  H N N 157 
HOH O    O N N 158 
HOH H1   H N N 159 
HOH H2   H N N 160 
ILE N    N N N 161 
ILE CA   C N S 162 
ILE C    C N N 163 
ILE O    O N N 164 
ILE CB   C N S 165 
ILE CG1  C N N 166 
ILE CG2  C N N 167 
ILE CD1  C N N 168 
ILE OXT  O N N 169 
ILE H    H N N 170 
ILE H2   H N N 171 
ILE HA   H N N 172 
ILE HB   H N N 173 
ILE HG12 H N N 174 
ILE HG13 H N N 175 
ILE HG21 H N N 176 
ILE HG22 H N N 177 
ILE HG23 H N N 178 
ILE HD11 H N N 179 
ILE HD12 H N N 180 
ILE HD13 H N N 181 
ILE HXT  H N N 182 
LEU N    N N N 183 
LEU CA   C N S 184 
LEU C    C N N 185 
LEU O    O N N 186 
LEU CB   C N N 187 
LEU CG   C N N 188 
LEU CD1  C N N 189 
LEU CD2  C N N 190 
LEU OXT  O N N 191 
LEU H    H N N 192 
LEU H2   H N N 193 
LEU HA   H N N 194 
LEU HB2  H N N 195 
LEU HB3  H N N 196 
LEU HG   H N N 197 
LEU HD11 H N N 198 
LEU HD12 H N N 199 
LEU HD13 H N N 200 
LEU HD21 H N N 201 
LEU HD22 H N N 202 
LEU HD23 H N N 203 
LEU HXT  H N N 204 
LYS N    N N N 205 
LYS CA   C N S 206 
LYS C    C N N 207 
LYS O    O N N 208 
LYS CB   C N N 209 
LYS CG   C N N 210 
LYS CD   C N N 211 
LYS CE   C N N 212 
LYS NZ   N N N 213 
LYS OXT  O N N 214 
LYS H    H N N 215 
LYS H2   H N N 216 
LYS HA   H N N 217 
LYS HB2  H N N 218 
LYS HB3  H N N 219 
LYS HG2  H N N 220 
LYS HG3  H N N 221 
LYS HD2  H N N 222 
LYS HD3  H N N 223 
LYS HE2  H N N 224 
LYS HE3  H N N 225 
LYS HZ1  H N N 226 
LYS HZ2  H N N 227 
LYS HZ3  H N N 228 
LYS HXT  H N N 229 
MET N    N N N 230 
MET CA   C N S 231 
MET C    C N N 232 
MET O    O N N 233 
MET CB   C N N 234 
MET CG   C N N 235 
MET SD   S N N 236 
MET CE   C N N 237 
MET OXT  O N N 238 
MET H    H N N 239 
MET H2   H N N 240 
MET HA   H N N 241 
MET HB2  H N N 242 
MET HB3  H N N 243 
MET HG2  H N N 244 
MET HG3  H N N 245 
MET HE1  H N N 246 
MET HE2  H N N 247 
MET HE3  H N N 248 
MET HXT  H N N 249 
PHE N    N N N 250 
PHE CA   C N S 251 
PHE C    C N N 252 
PHE O    O N N 253 
PHE CB   C N N 254 
PHE CG   C Y N 255 
PHE CD1  C Y N 256 
PHE CD2  C Y N 257 
PHE CE1  C Y N 258 
PHE CE2  C Y N 259 
PHE CZ   C Y N 260 
PHE OXT  O N N 261 
PHE H    H N N 262 
PHE H2   H N N 263 
PHE HA   H N N 264 
PHE HB2  H N N 265 
PHE HB3  H N N 266 
PHE HD1  H N N 267 
PHE HD2  H N N 268 
PHE HE1  H N N 269 
PHE HE2  H N N 270 
PHE HZ   H N N 271 
PHE HXT  H N N 272 
PRO N    N N N 273 
PRO CA   C N S 274 
PRO C    C N N 275 
PRO O    O N N 276 
PRO CB   C N N 277 
PRO CG   C N N 278 
PRO CD   C N N 279 
PRO OXT  O N N 280 
PRO H    H N N 281 
PRO HA   H N N 282 
PRO HB2  H N N 283 
PRO HB3  H N N 284 
PRO HG2  H N N 285 
PRO HG3  H N N 286 
PRO HD2  H N N 287 
PRO HD3  H N N 288 
PRO HXT  H N N 289 
SER N    N N N 290 
SER CA   C N S 291 
SER C    C N N 292 
SER O    O N N 293 
SER CB   C N N 294 
SER OG   O N N 295 
SER OXT  O N N 296 
SER H    H N N 297 
SER H2   H N N 298 
SER HA   H N N 299 
SER HB2  H N N 300 
SER HB3  H N N 301 
SER HG   H N N 302 
SER HXT  H N N 303 
SO4 S    S N N 304 
SO4 O1   O N N 305 
SO4 O2   O N N 306 
SO4 O3   O N N 307 
SO4 O4   O N N 308 
THR N    N N N 309 
THR CA   C N S 310 
THR C    C N N 311 
THR O    O N N 312 
THR CB   C N R 313 
THR OG1  O N N 314 
THR CG2  C N N 315 
THR OXT  O N N 316 
THR H    H N N 317 
THR H2   H N N 318 
THR HA   H N N 319 
THR HB   H N N 320 
THR HG1  H N N 321 
THR HG21 H N N 322 
THR HG22 H N N 323 
THR HG23 H N N 324 
THR HXT  H N N 325 
TYR N    N N N 326 
TYR CA   C N S 327 
TYR C    C N N 328 
TYR O    O N N 329 
TYR CB   C N N 330 
TYR CG   C Y N 331 
TYR CD1  C Y N 332 
TYR CD2  C Y N 333 
TYR CE1  C Y N 334 
TYR CE2  C Y N 335 
TYR CZ   C Y N 336 
TYR OH   O N N 337 
TYR OXT  O N N 338 
TYR H    H N N 339 
TYR H2   H N N 340 
TYR HA   H N N 341 
TYR HB2  H N N 342 
TYR HB3  H N N 343 
TYR HD1  H N N 344 
TYR HD2  H N N 345 
TYR HE1  H N N 346 
TYR HE2  H N N 347 
TYR HH   H N N 348 
TYR HXT  H N N 349 
VAL N    N N N 350 
VAL CA   C N S 351 
VAL C    C N N 352 
VAL O    O N N 353 
VAL CB   C N N 354 
VAL CG1  C N N 355 
VAL CG2  C N N 356 
VAL OXT  O N N 357 
VAL H    H N N 358 
VAL H2   H N N 359 
VAL HA   H N N 360 
VAL HB   H N N 361 
VAL HG11 H N N 362 
VAL HG12 H N N 363 
VAL HG13 H N N 364 
VAL HG21 H N N 365 
VAL HG22 H N N 366 
VAL HG23 H N N 367 
VAL HXT  H N N 368 
# 
loop_
_chem_comp_bond.comp_id 
_chem_comp_bond.atom_id_1 
_chem_comp_bond.atom_id_2 
_chem_comp_bond.value_order 
_chem_comp_bond.pdbx_aromatic_flag 
_chem_comp_bond.pdbx_stereo_config 
_chem_comp_bond.pdbx_ordinal 
ALA N   CA   sing N N 1   
ALA N   H    sing N N 2   
ALA N   H2   sing N N 3   
ALA CA  C    sing N N 4   
ALA CA  CB   sing N N 5   
ALA CA  HA   sing N N 6   
ALA C   O    doub N N 7   
ALA C   OXT  sing N N 8   
ALA CB  HB1  sing N N 9   
ALA CB  HB2  sing N N 10  
ALA CB  HB3  sing N N 11  
ALA OXT HXT  sing N N 12  
ARG N   CA   sing N N 13  
ARG N   H    sing N N 14  
ARG N   H2   sing N N 15  
ARG CA  C    sing N N 16  
ARG CA  CB   sing N N 17  
ARG CA  HA   sing N N 18  
ARG C   O    doub N N 19  
ARG C   OXT  sing N N 20  
ARG CB  CG   sing N N 21  
ARG CB  HB2  sing N N 22  
ARG CB  HB3  sing N N 23  
ARG CG  CD   sing N N 24  
ARG CG  HG2  sing N N 25  
ARG CG  HG3  sing N N 26  
ARG CD  NE   sing N N 27  
ARG CD  HD2  sing N N 28  
ARG CD  HD3  sing N N 29  
ARG NE  CZ   sing N N 30  
ARG NE  HE   sing N N 31  
ARG CZ  NH1  sing N N 32  
ARG CZ  NH2  doub N N 33  
ARG NH1 HH11 sing N N 34  
ARG NH1 HH12 sing N N 35  
ARG NH2 HH21 sing N N 36  
ARG NH2 HH22 sing N N 37  
ARG OXT HXT  sing N N 38  
ASN N   CA   sing N N 39  
ASN N   H    sing N N 40  
ASN N   H2   sing N N 41  
ASN CA  C    sing N N 42  
ASN CA  CB   sing N N 43  
ASN CA  HA   sing N N 44  
ASN C   O    doub N N 45  
ASN C   OXT  sing N N 46  
ASN CB  CG   sing N N 47  
ASN CB  HB2  sing N N 48  
ASN CB  HB3  sing N N 49  
ASN CG  OD1  doub N N 50  
ASN CG  ND2  sing N N 51  
ASN ND2 HD21 sing N N 52  
ASN ND2 HD22 sing N N 53  
ASN OXT HXT  sing N N 54  
ASP N   CA   sing N N 55  
ASP N   H    sing N N 56  
ASP N   H2   sing N N 57  
ASP CA  C    sing N N 58  
ASP CA  CB   sing N N 59  
ASP CA  HA   sing N N 60  
ASP C   O    doub N N 61  
ASP C   OXT  sing N N 62  
ASP CB  CG   sing N N 63  
ASP CB  HB2  sing N N 64  
ASP CB  HB3  sing N N 65  
ASP CG  OD1  doub N N 66  
ASP CG  OD2  sing N N 67  
ASP OD2 HD2  sing N N 68  
ASP OXT HXT  sing N N 69  
CYS N   CA   sing N N 70  
CYS N   H    sing N N 71  
CYS N   H2   sing N N 72  
CYS CA  C    sing N N 73  
CYS CA  CB   sing N N 74  
CYS CA  HA   sing N N 75  
CYS C   O    doub N N 76  
CYS C   OXT  sing N N 77  
CYS CB  SG   sing N N 78  
CYS CB  HB2  sing N N 79  
CYS CB  HB3  sing N N 80  
CYS SG  HG   sing N N 81  
CYS OXT HXT  sing N N 82  
GLN N   CA   sing N N 83  
GLN N   H    sing N N 84  
GLN N   H2   sing N N 85  
GLN CA  C    sing N N 86  
GLN CA  CB   sing N N 87  
GLN CA  HA   sing N N 88  
GLN C   O    doub N N 89  
GLN C   OXT  sing N N 90  
GLN CB  CG   sing N N 91  
GLN CB  HB2  sing N N 92  
GLN CB  HB3  sing N N 93  
GLN CG  CD   sing N N 94  
GLN CG  HG2  sing N N 95  
GLN CG  HG3  sing N N 96  
GLN CD  OE1  doub N N 97  
GLN CD  NE2  sing N N 98  
GLN NE2 HE21 sing N N 99  
GLN NE2 HE22 sing N N 100 
GLN OXT HXT  sing N N 101 
GLU N   CA   sing N N 102 
GLU N   H    sing N N 103 
GLU N   H2   sing N N 104 
GLU CA  C    sing N N 105 
GLU CA  CB   sing N N 106 
GLU CA  HA   sing N N 107 
GLU C   O    doub N N 108 
GLU C   OXT  sing N N 109 
GLU CB  CG   sing N N 110 
GLU CB  HB2  sing N N 111 
GLU CB  HB3  sing N N 112 
GLU CG  CD   sing N N 113 
GLU CG  HG2  sing N N 114 
GLU CG  HG3  sing N N 115 
GLU CD  OE1  doub N N 116 
GLU CD  OE2  sing N N 117 
GLU OE2 HE2  sing N N 118 
GLU OXT HXT  sing N N 119 
GLY N   CA   sing N N 120 
GLY N   H    sing N N 121 
GLY N   H2   sing N N 122 
GLY CA  C    sing N N 123 
GLY CA  HA2  sing N N 124 
GLY CA  HA3  sing N N 125 
GLY C   O    doub N N 126 
GLY C   OXT  sing N N 127 
GLY OXT HXT  sing N N 128 
HIS N   CA   sing N N 129 
HIS N   H    sing N N 130 
HIS N   H2   sing N N 131 
HIS CA  C    sing N N 132 
HIS CA  CB   sing N N 133 
HIS CA  HA   sing N N 134 
HIS C   O    doub N N 135 
HIS C   OXT  sing N N 136 
HIS CB  CG   sing N N 137 
HIS CB  HB2  sing N N 138 
HIS CB  HB3  sing N N 139 
HIS CG  ND1  sing Y N 140 
HIS CG  CD2  doub Y N 141 
HIS ND1 CE1  doub Y N 142 
HIS ND1 HD1  sing N N 143 
HIS CD2 NE2  sing Y N 144 
HIS CD2 HD2  sing N N 145 
HIS CE1 NE2  sing Y N 146 
HIS CE1 HE1  sing N N 147 
HIS NE2 HE2  sing N N 148 
HIS OXT HXT  sing N N 149 
HOH O   H1   sing N N 150 
HOH O   H2   sing N N 151 
ILE N   CA   sing N N 152 
ILE N   H    sing N N 153 
ILE N   H2   sing N N 154 
ILE CA  C    sing N N 155 
ILE CA  CB   sing N N 156 
ILE CA  HA   sing N N 157 
ILE C   O    doub N N 158 
ILE C   OXT  sing N N 159 
ILE CB  CG1  sing N N 160 
ILE CB  CG2  sing N N 161 
ILE CB  HB   sing N N 162 
ILE CG1 CD1  sing N N 163 
ILE CG1 HG12 sing N N 164 
ILE CG1 HG13 sing N N 165 
ILE CG2 HG21 sing N N 166 
ILE CG2 HG22 sing N N 167 
ILE CG2 HG23 sing N N 168 
ILE CD1 HD11 sing N N 169 
ILE CD1 HD12 sing N N 170 
ILE CD1 HD13 sing N N 171 
ILE OXT HXT  sing N N 172 
LEU N   CA   sing N N 173 
LEU N   H    sing N N 174 
LEU N   H2   sing N N 175 
LEU CA  C    sing N N 176 
LEU CA  CB   sing N N 177 
LEU CA  HA   sing N N 178 
LEU C   O    doub N N 179 
LEU C   OXT  sing N N 180 
LEU CB  CG   sing N N 181 
LEU CB  HB2  sing N N 182 
LEU CB  HB3  sing N N 183 
LEU CG  CD1  sing N N 184 
LEU CG  CD2  sing N N 185 
LEU CG  HG   sing N N 186 
LEU CD1 HD11 sing N N 187 
LEU CD1 HD12 sing N N 188 
LEU CD1 HD13 sing N N 189 
LEU CD2 HD21 sing N N 190 
LEU CD2 HD22 sing N N 191 
LEU CD2 HD23 sing N N 192 
LEU OXT HXT  sing N N 193 
LYS N   CA   sing N N 194 
LYS N   H    sing N N 195 
LYS N   H2   sing N N 196 
LYS CA  C    sing N N 197 
LYS CA  CB   sing N N 198 
LYS CA  HA   sing N N 199 
LYS C   O    doub N N 200 
LYS C   OXT  sing N N 201 
LYS CB  CG   sing N N 202 
LYS CB  HB2  sing N N 203 
LYS CB  HB3  sing N N 204 
LYS CG  CD   sing N N 205 
LYS CG  HG2  sing N N 206 
LYS CG  HG3  sing N N 207 
LYS CD  CE   sing N N 208 
LYS CD  HD2  sing N N 209 
LYS CD  HD3  sing N N 210 
LYS CE  NZ   sing N N 211 
LYS CE  HE2  sing N N 212 
LYS CE  HE3  sing N N 213 
LYS NZ  HZ1  sing N N 214 
LYS NZ  HZ2  sing N N 215 
LYS NZ  HZ3  sing N N 216 
LYS OXT HXT  sing N N 217 
MET N   CA   sing N N 218 
MET N   H    sing N N 219 
MET N   H2   sing N N 220 
MET CA  C    sing N N 221 
MET CA  CB   sing N N 222 
MET CA  HA   sing N N 223 
MET C   O    doub N N 224 
MET C   OXT  sing N N 225 
MET CB  CG   sing N N 226 
MET CB  HB2  sing N N 227 
MET CB  HB3  sing N N 228 
MET CG  SD   sing N N 229 
MET CG  HG2  sing N N 230 
MET CG  HG3  sing N N 231 
MET SD  CE   sing N N 232 
MET CE  HE1  sing N N 233 
MET CE  HE2  sing N N 234 
MET CE  HE3  sing N N 235 
MET OXT HXT  sing N N 236 
PHE N   CA   sing N N 237 
PHE N   H    sing N N 238 
PHE N   H2   sing N N 239 
PHE CA  C    sing N N 240 
PHE CA  CB   sing N N 241 
PHE CA  HA   sing N N 242 
PHE C   O    doub N N 243 
PHE C   OXT  sing N N 244 
PHE CB  CG   sing N N 245 
PHE CB  HB2  sing N N 246 
PHE CB  HB3  sing N N 247 
PHE CG  CD1  doub Y N 248 
PHE CG  CD2  sing Y N 249 
PHE CD1 CE1  sing Y N 250 
PHE CD1 HD1  sing N N 251 
PHE CD2 CE2  doub Y N 252 
PHE CD2 HD2  sing N N 253 
PHE CE1 CZ   doub Y N 254 
PHE CE1 HE1  sing N N 255 
PHE CE2 CZ   sing Y N 256 
PHE CE2 HE2  sing N N 257 
PHE CZ  HZ   sing N N 258 
PHE OXT HXT  sing N N 259 
PRO N   CA   sing N N 260 
PRO N   CD   sing N N 261 
PRO N   H    sing N N 262 
PRO CA  C    sing N N 263 
PRO CA  CB   sing N N 264 
PRO CA  HA   sing N N 265 
PRO C   O    doub N N 266 
PRO C   OXT  sing N N 267 
PRO CB  CG   sing N N 268 
PRO CB  HB2  sing N N 269 
PRO CB  HB3  sing N N 270 
PRO CG  CD   sing N N 271 
PRO CG  HG2  sing N N 272 
PRO CG  HG3  sing N N 273 
PRO CD  HD2  sing N N 274 
PRO CD  HD3  sing N N 275 
PRO OXT HXT  sing N N 276 
SER N   CA   sing N N 277 
SER N   H    sing N N 278 
SER N   H2   sing N N 279 
SER CA  C    sing N N 280 
SER CA  CB   sing N N 281 
SER CA  HA   sing N N 282 
SER C   O    doub N N 283 
SER C   OXT  sing N N 284 
SER CB  OG   sing N N 285 
SER CB  HB2  sing N N 286 
SER CB  HB3  sing N N 287 
SER OG  HG   sing N N 288 
SER OXT HXT  sing N N 289 
SO4 S   O1   doub N N 290 
SO4 S   O2   doub N N 291 
SO4 S   O3   sing N N 292 
SO4 S   O4   sing N N 293 
THR N   CA   sing N N 294 
THR N   H    sing N N 295 
THR N   H2   sing N N 296 
THR CA  C    sing N N 297 
THR CA  CB   sing N N 298 
THR CA  HA   sing N N 299 
THR C   O    doub N N 300 
THR C   OXT  sing N N 301 
THR CB  OG1  sing N N 302 
THR CB  CG2  sing N N 303 
THR CB  HB   sing N N 304 
THR OG1 HG1  sing N N 305 
THR CG2 HG21 sing N N 306 
THR CG2 HG22 sing N N 307 
THR CG2 HG23 sing N N 308 
THR OXT HXT  sing N N 309 
TYR N   CA   sing N N 310 
TYR N   H    sing N N 311 
TYR N   H2   sing N N 312 
TYR CA  C    sing N N 313 
TYR CA  CB   sing N N 314 
TYR CA  HA   sing N N 315 
TYR C   O    doub N N 316 
TYR C   OXT  sing N N 317 
TYR CB  CG   sing N N 318 
TYR CB  HB2  sing N N 319 
TYR CB  HB3  sing N N 320 
TYR CG  CD1  doub Y N 321 
TYR CG  CD2  sing Y N 322 
TYR CD1 CE1  sing Y N 323 
TYR CD1 HD1  sing N N 324 
TYR CD2 CE2  doub Y N 325 
TYR CD2 HD2  sing N N 326 
TYR CE1 CZ   doub Y N 327 
TYR CE1 HE1  sing N N 328 
TYR CE2 CZ   sing Y N 329 
TYR CE2 HE2  sing N N 330 
TYR CZ  OH   sing N N 331 
TYR OH  HH   sing N N 332 
TYR OXT HXT  sing N N 333 
VAL N   CA   sing N N 334 
VAL N   H    sing N N 335 
VAL N   H2   sing N N 336 
VAL CA  C    sing N N 337 
VAL CA  CB   sing N N 338 
VAL CA  HA   sing N N 339 
VAL C   O    doub N N 340 
VAL C   OXT  sing N N 341 
VAL CB  CG1  sing N N 342 
VAL CB  CG2  sing N N 343 
VAL CB  HB   sing N N 344 
VAL CG1 HG11 sing N N 345 
VAL CG1 HG12 sing N N 346 
VAL CG1 HG13 sing N N 347 
VAL CG2 HG21 sing N N 348 
VAL CG2 HG22 sing N N 349 
VAL CG2 HG23 sing N N 350 
VAL OXT HXT  sing N N 351 
# 
_atom_sites.entry_id                    4ADZ 
_atom_sites.fract_transf_matrix[1][1]   -0.02048582 
_atom_sites.fract_transf_matrix[1][2]   0.01242930 
_atom_sites.fract_transf_matrix[1][3]   -0.00168877 
_atom_sites.fract_transf_matrix[2][1]   -0.00946135 
_atom_sites.fract_transf_matrix[2][2]   -0.01493594 
_atom_sites.fract_transf_matrix[2][3]   0.00484384 
_atom_sites.fract_transf_matrix[3][1]   0.00086583 
_atom_sites.fract_transf_matrix[3][2]   0.00285147 
_atom_sites.fract_transf_matrix[3][3]   0.01048368 
_atom_sites.fract_transf_vector[1]      0.365242 
_atom_sites.fract_transf_vector[2]      0.610646 
_atom_sites.fract_transf_vector[3]      0.567056 
# 
loop_
_atom_type.symbol 
C 
N 
O 
S 
# 
loop_
_atom_site.group_PDB 
_atom_site.id 
_atom_site.type_symbol 
_atom_site.label_atom_id 
_atom_site.label_alt_id 
_atom_site.label_comp_id 
_atom_site.label_asym_id 
_atom_site.label_entity_id 
_atom_site.label_seq_id 
_atom_site.pdbx_PDB_ins_code 
_atom_site.Cartn_x 
_atom_site.Cartn_y 
_atom_site.Cartn_z 
_atom_site.occupancy 
_atom_site.B_iso_or_equiv 
_atom_site.pdbx_formal_charge 
_atom_site.auth_seq_id 
_atom_site.auth_comp_id 
_atom_site.auth_asym_id 
_atom_site.auth_atom_id 
_atom_site.pdbx_PDB_model_num 
ATOM   1    N N   . TYR A 1 47  ? 22.650  8.170   3.404   1.00   56.13 ? 44   TYR A N   1 
ATOM   2    C CA  . TYR A 1 47  ? 21.544  9.165   3.392   1.00   55.29 ? 44   TYR A CA  1 
ATOM   3    C C   . TYR A 1 47  ? 21.673  10.134  2.226   1.00   56.57 ? 44   TYR A C   1 
ATOM   4    O O   . TYR A 1 47  ? 20.692  10.370  1.526   1.00   55.86 ? 44   TYR A O   1 
ATOM   5    C CB  . TYR A 1 47  ? 21.464  9.970   4.693   1.00   53.53 ? 44   TYR A CB  1 
ATOM   6    C CG  . TYR A 1 47  ? 20.300  10.932  4.676   0.0000 53.56 ? 44   TYR A CG  1 
ATOM   7    C CD1 . TYR A 1 47  ? 18.995  10.460  4.669   0.0000 53.34 ? 44   TYR A CD1 1 
ATOM   8    C CD2 . TYR A 1 47  ? 20.500  12.307  4.627   0.0000 53.22 ? 44   TYR A CD2 1 
ATOM   9    C CE1 . TYR A 1 47  ? 17.922  11.324  4.635   0.0000 53.18 ? 44   TYR A CE1 1 
ATOM   10   C CE2 . TYR A 1 47  ? 19.429  13.180  4.594   0.0000 53.12 ? 44   TYR A CE2 1 
ATOM   11   C CZ  . TYR A 1 47  ? 18.143  12.680  4.598   0.0000 53.07 ? 44   TYR A CZ  1 
ATOM   12   O OH  . TYR A 1 47  ? 17.061  13.525  4.566   0.0000 52.90 ? 44   TYR A OH  1 
ATOM   13   N N   . HIS A 1 48  ? 22.861  10.722  2.048   1.00   52.29 ? 45   HIS A N   1 
ATOM   14   C CA  . HIS A 1 48  ? 23.157  11.549  0.862   1.00   48.92 ? 45   HIS A CA  1 
ATOM   15   C C   . HIS A 1 48  ? 22.912  10.833  -0.465  1.00   45.31 ? 45   HIS A C   1 
ATOM   16   O O   . HIS A 1 48  ? 22.387  11.435  -1.398  1.00   41.28 ? 45   HIS A O   1 
ATOM   17   C CB  . HIS A 1 48  ? 24.594  12.086  0.903   1.00   50.20 ? 45   HIS A CB  1 
ATOM   18   C CG  . HIS A 1 48  ? 25.164  12.674  2.121   0.0000 20.00 ? 45   HIS A CG  1 
ATOM   19   N ND1 . HIS A 1 48  ? 24.823  13.988  2.359   0.0000 20.00 ? 45   HIS A ND1 1 
ATOM   20   C CD2 . HIS A 1 48  ? 25.899  12.276  3.187   0.0000 20.00 ? 45   HIS A CD2 1 
ATOM   21   C CE1 . HIS A 1 48  ? 25.329  14.368  3.520   0.0000 20.00 ? 45   HIS A CE1 1 
ATOM   22   N NE2 . HIS A 1 48  ? 25.986  13.348  4.042   0.0000 20.00 ? 45   HIS A NE2 1 
ATOM   23   N N   . LYS A 1 49  ? 23.277  9.558   -0.585  1.00   41.95 ? 46   LYS A N   1 
ATOM   24   C CA  . LYS A 1 49  ? 23.031  8.838   -1.847  1.00   40.49 ? 46   LYS A CA  1 
ATOM   25   C C   . LYS A 1 49  ? 21.519  8.630   -2.089  1.00   39.37 ? 46   LYS A C   1 
ATOM   26   O O   . LYS A 1 49  ? 21.031  8.785   -3.231  1.00   35.77 ? 46   LYS A O   1 
ATOM   27   C CB  . LYS A 1 49  ? 23.778  7.503   -1.898  1.00   40.03 ? 46   LYS A CB  1 
ATOM   28   C CG  . LYS A 1 49  ? 25.176  7.414   -1.627  0.0000 20.00 ? 46   LYS A CG  1 
ATOM   29   C CD  . LYS A 1 49  ? 25.727  6.007   -1.785  0.0000 20.00 ? 46   LYS A CD  1 
ATOM   30   C CE  . LYS A 1 49  ? 27.245  6.012   -1.846  0.0000 20.00 ? 46   LYS A CE  1 
ATOM   31   N NZ  . LYS A 1 49  ? 27.809  4.637   -1.768  0.0000 20.00 ? 46   LYS A NZ  1 
ATOM   32   N N   . GLN A 1 50  ? 20.800  8.267   -1.025  1.00   34.14 ? 47   GLN A N   1 
ATOM   33   C CA  . GLN A 1 50  ? 19.349  8.095   -1.071  1.00   32.57 ? 47   GLN A CA  1 
ATOM   34   C C   . GLN A 1 50  ? 18.651  9.429   -1.390  1.00   27.65 ? 47   GLN A C   1 
ATOM   35   O O   . GLN A 1 50  ? 17.673  9.483   -2.126  1.00   26.50 ? 47   GLN A O   1 
ATOM   36   C CB  . GLN A 1 50  ? 18.828  7.520   0.263   1.00   32.42 ? 47   GLN A CB  1 
ATOM   37   C CG  . GLN A 1 50  ? 18.872  5.999   0.342   1.00   36.91 ? 47   GLN A CG  1 
ATOM   38   C CD  . GLN A 1 50  ? 18.696  5.490   1.764   0.50   36.55 ? 47   GLN A CD  1 
ATOM   39   O OE1 . GLN A 1 50  ? 17.976  4.533   2.006   0.50   39.95 ? 47   GLN A OE1 1 
ATOM   40   N NE2 . GLN A 1 50  ? 19.339  6.153   2.715   0.50   38.13 ? 47   GLN A NE2 1 
ATOM   41   N N   . LYS A 1 51  ? 19.154  10.508  -0.838  1.00   25.91 ? 48   LYS A N   1 
ATOM   42   C CA  . LYS A 1 51  ? 18.585  11.799  -1.104  1.00   27.05 ? 48   LYS A CA  1 
ATOM   43   C C   . LYS A 1 51  ? 18.709  12.175  -2.574  1.00   26.57 ? 48   LYS A C   1 
ATOM   44   O O   . LYS A 1 51  ? 17.750  12.719  -3.146  1.00   23.73 ? 48   LYS A O   1 
ATOM   45   C CB  . LYS A 1 51  ? 19.236  12.861  -0.275  1.00   26.98 ? 48   LYS A CB  1 
ATOM   46   C CG  . LYS A 1 51  ? 18.543  14.190  -0.391  1.00   28.96 ? 48   LYS A CG  1 
ATOM   47   C CD  . LYS A 1 51  ? 19.007  15.089  0.729   1.00   32.80 ? 48   LYS A CD  1 
ATOM   48   C CE  . LYS A 1 51  ? 18.811  16.530  0.389   1.00   31.76 ? 48   LYS A CE  1 
ATOM   49   N NZ  . LYS A 1 51  ? 19.243  17.305  1.585   1.00   33.33 ? 48   LYS A NZ  1 
ATOM   50   N N   . ALA A 1 52  ? 19.889  11.924  -3.151  1.00   24.44 ? 49   ALA A N   1 
ATOM   51   C CA  . ALA A 1 52  ? 20.151  12.295  -4.540  1.00   24.49 ? 49   ALA A CA  1 
ATOM   52   C C   . ALA A 1 52  ? 19.236  11.467  -5.438  1.00   22.34 ? 49   ALA A C   1 
ATOM   53   O O   . ALA A 1 52  ? 18.650  11.978  -6.378  1.00   21.70 ? 49   ALA A O   1 
ATOM   54   C CB  . ALA A 1 52  ? 21.627  12.062  -4.898  1.00   22.65 ? 49   ALA A CB  1 
ATOM   55   N N   . GLU A 1 53  ? 19.081  10.207  -5.093  1.00   22.77 ? 50   GLU A N   1 
ATOM   56   C CA  . GLU A 1 53  ? 18.263  9.282   -5.851  1.00   26.37 ? 50   GLU A CA  1 
ATOM   57   C C   . GLU A 1 53  ? 16.777  9.728   -5.796  1.00   22.97 ? 50   GLU A C   1 
ATOM   58   O O   . GLU A 1 53  ? 16.095  9.694   -6.786  1.00   19.18 ? 50   GLU A O   1 
ATOM   59   C CB  . GLU A 1 53  ? 18.409  7.874   -5.267  1.00   32.47 ? 50   GLU A CB  1 
ATOM   60   C CG  . GLU A 1 53  ? 18.015  6.742   -6.205  1.00   40.63 ? 50   GLU A CG  1 
ATOM   61   C CD  . GLU A 1 53  ? 16.570  6.228   -6.074  1.00   47.48 ? 50   GLU A CD  1 
ATOM   62   O OE1 . GLU A 1 53  ? 15.814  6.609   -5.136  1.00   53.69 ? 50   GLU A OE1 1 
ATOM   63   O OE2 . GLU A 1 53  ? 16.190  5.404   -6.947  1.00   50.89 ? 50   GLU A OE2 1 
ATOM   64   N N   . HIS A 1 54  ? 16.315  10.162  -4.638  1.00   20.99 ? 51   HIS A N   1 
ATOM   65   C CA  . HIS A 1 54  ? 14.924  10.664  -4.492  1.00   19.55 ? 51   HIS A CA  1 
ATOM   66   C C   . HIS A 1 54  ? 14.688  11.895  -5.318  1.00   18.13 ? 51   HIS A C   1 
ATOM   67   O O   . HIS A 1 54  ? 13.635  12.054  -5.955  1.00   16.75 ? 51   HIS A O   1 
ATOM   68   C CB  . HIS A 1 54  ? 14.601  11.005  -3.029  1.00   19.97 ? 51   HIS A CB  1 
ATOM   69   C CG  . HIS A 1 54  ? 14.691  9.817   -2.084  1.00   21.62 ? 51   HIS A CG  1 
ATOM   70   N ND1 . HIS A 1 54  ? 14.736  8.521   -2.511  1.00   23.86 ? 51   HIS A ND1 1 
ATOM   71   C CD2 . HIS A 1 54  ? 14.762  9.781   -0.712  1.00   21.98 ? 51   HIS A CD2 1 
ATOM   72   C CE1 . HIS A 1 54  ? 14.844  7.709   -1.431  1.00   23.81 ? 51   HIS A CE1 1 
ATOM   73   N NE2 . HIS A 1 54  ? 14.891  8.491   -0.342  1.00   25.37 ? 51   HIS A NE2 1 
ATOM   74   N N   . LEU A 1 55  ? 15.632  12.830  -5.283  1.00   17.85 ? 52   LEU A N   1 
ATOM   75   C CA  . LEU A 1 55  ? 15.480  14.037  -6.086  1.00   16.52 ? 52   LEU A CA  1 
ATOM   76   C C   . LEU A 1 55  ? 15.437  13.718  -7.582  1.00   16.81 ? 52   LEU A C   1 
ATOM   77   O O   . LEU A 1 55  ? 14.659  14.315  -8.291  1.00   15.95 ? 52   LEU A O   1 
ATOM   78   C CB  . LEU A 1 55  ? 16.621  15.019  -5.783  1.00   16.59 ? 52   LEU A CB  1 
ATOM   79   C CG  . LEU A 1 55  ? 16.518  15.710  -4.419  1.00   16.87 ? 52   LEU A CG  1 
ATOM   80   C CD1 . LEU A 1 55  ? 17.870  16.411  -4.146  1.00   18.29 ? 52   LEU A CD1 1 
ATOM   81   C CD2 . LEU A 1 55  ? 15.351  16.660  -4.302  1.00   17.75 ? 52   LEU A CD2 1 
ATOM   82   N N   . LYS A 1 56  ? 16.272  12.801  -8.030  1.00   17.10 ? 53   LYS A N   1 
ATOM   83   C CA  . LYS A 1 56  ? 16.328  12.379  -9.435  1.00   18.86 ? 53   LYS A CA  1 
ATOM   84   C C   . LYS A 1 56  ? 15.006  11.762  -9.839  1.00   17.66 ? 53   LYS A C   1 
ATOM   85   O O   . LYS A 1 56  ? 14.491  12.085  -10.896 1.00   17.48 ? 53   LYS A O   1 
ATOM   86   C CB  . LYS A 1 56  ? 17.471  11.391  -9.725  1.00   21.21 ? 53   LYS A CB  1 
ATOM   87   C CG  . LYS A 1 56  ? 18.782  12.095  -9.506  0.0000 39.27 ? 53   LYS A CG  1 
ATOM   88   C CD  . LYS A 1 56  ? 20.082  11.280  -9.837  0.0000 44.53 ? 53   LYS A CD  1 
ATOM   89   C CE  . LYS A 1 56  ? 20.070  9.832   -9.278  0.0000 48.23 ? 53   LYS A CE  1 
ATOM   90   N NZ  . LYS A 1 56  ? 21.160  9.446   -8.323  0.0000 40.51 ? 53   LYS A NZ  1 
ATOM   91   N N   . ARG A 1 57  ? 14.436  10.913  -8.982  1.00   18.16 ? 54   ARG A N   1 
ATOM   92   C CA  . ARG A 1 57  ? 13.080  10.350  -9.256  1.00   16.23 ? 54   ARG A CA  1 
ATOM   93   C C   . ARG A 1 57  ? 12.037  11.476  -9.398  1.00   15.55 ? 54   ARG A C   1 
ATOM   94   O O   . ARG A 1 57  ? 11.206  11.439  -10.297 1.00   14.78 ? 54   ARG A O   1 
ATOM   95   C CB  . ARG A 1 57  ? 12.680  9.377   -8.126  1.00   17.47 ? 54   ARG A CB  1 
ATOM   96   C CG  . ARG A 1 57  ? 13.371  8.026   -8.164  1.00   19.33 ? 54   ARG A CG  1 
ATOM   97   C CD  . ARG A 1 57  ? 12.977  7.224   -6.942  1.00   23.34 ? 54   ARG A CD  1 
ATOM   98   N NE  . ARG A 1 57  ? 13.319  5.813   -6.960  0.50   21.21 ? 54   ARG A NE  1 
ATOM   99   C CZ  . ARG A 1 57  ? 12.510  4.824   -7.329  0.50   22.47 ? 54   ARG A CZ  1 
ATOM   100  N NH1 . ARG A 1 57  ? 11.278  5.018   -7.802  0.50   19.26 ? 54   ARG A NH1 1 
ATOM   101  N NH2 . ARG A 1 57  ? 12.986  3.597   -7.243  0.50   24.77 ? 54   ARG A NH2 1 
ATOM   102  N N   . LEU A 1 58  ? 12.062  12.490  -8.536  1.00   13.15 ? 55   LEU A N   1 
ATOM   103  C CA  . LEU A 1 58  ? 11.063  13.544  -8.609  1.00   13.68 ? 55   LEU A CA  1 
ATOM   104  C C   . LEU A 1 58  ? 11.260  14.471  -9.841  1.00   13.64 ? 55   LEU A C   1 
ATOM   105  O O   . LEU A 1 58  ? 10.308  15.008  -10.380 1.00   13.52 ? 55   LEU A O   1 
ATOM   106  C CB  . LEU A 1 58  ? 11.069  14.360  -7.305  1.00   13.87 ? 55   LEU A CB  1 
ATOM   107  C CG  . LEU A 1 58  ? 10.503  13.595  -6.111  1.00   14.16 ? 55   LEU A CG  1 
ATOM   108  C CD1 . LEU A 1 58  ? 10.803  14.365  -4.819  1.00   14.75 ? 55   LEU A CD1 1 
ATOM   109  C CD2 . LEU A 1 58  ? 8.996   13.275  -6.224  1.00   13.69 ? 55   LEU A CD2 1 
ATOM   110  N N   . ARG A 1 59  ? 12.507  14.728  -10.184 1.00   14.93 ? 56   ARG A N   1 
ATOM   111  C CA  . ARG A 1 59  ? 12.833  15.447  -11.487 1.00   16.13 ? 56   ARG A CA  1 
ATOM   112  C C   . ARG A 1 59  ? 12.179  14.767  -12.672 1.00   14.86 ? 56   ARG A C   1 
ATOM   113  O O   . ARG A 1 59  ? 11.565  15.434  -13.517 1.00   14.57 ? 56   ARG A O   1 
ATOM   114  C CB  . ARG A 1 59  ? 14.351  15.529  -11.715 1.00   19.36 ? 56   ARG A CB  1 
ATOM   115  C CG  . ARG A 1 59  ? 14.995  16.570  -10.823 1.00   25.51 ? 56   ARG A CG  1 
ATOM   116  C CD  . ARG A 1 59  ? 16.517  16.569  -11.008 1.00   28.36 ? 56   ARG A CD  1 
ATOM   117  N NE  . ARG A 1 59  ? 16.937  16.724  -12.401 1.00   31.17 ? 56   ARG A NE  1 
ATOM   118  C CZ  . ARG A 1 59  ? 18.196  16.531  -12.834 1.00   39.96 ? 56   ARG A CZ  1 
ATOM   119  N NH1 . ARG A 1 59  ? 19.167  16.133  -11.992 1.00   38.29 ? 56   ARG A NH1 1 
ATOM   120  N NH2 . ARG A 1 59  ? 18.494  16.712  -14.115 1.00   37.35 ? 56   ARG A NH2 1 
ATOM   121  N N   A ARG A 1 60  ? 12.281  13.433  -12.729 0.60   14.52 ? 57   ARG A N   1 
ATOM   122  N N   B ARG A 1 60  ? 12.319  13.448  -12.719 0.40   14.02 ? 57   ARG A N   1 
ATOM   123  C CA  A ARG A 1 60  ? 11.631  12.615  -13.766 0.60   15.00 ? 57   ARG A CA  1 
ATOM   124  C CA  B ARG A 1 60  ? 11.766  12.651  -13.783 0.40   13.87 ? 57   ARG A CA  1 
ATOM   125  C C   A ARG A 1 60  ? 10.161  12.812  -13.755 0.60   13.49 ? 57   ARG A C   1 
ATOM   126  C C   B ARG A 1 60  ? 10.210  12.683  -13.754 0.40   12.91 ? 57   ARG A C   1 
ATOM   127  O O   A ARG A 1 60  ? 9.566   13.129  -14.766 0.60   14.25 ? 57   ARG A O   1 
ATOM   128  O O   B ARG A 1 60  ? 9.609   12.796  -14.797 0.40   13.54 ? 57   ARG A O   1 
ATOM   129  C CB  A ARG A 1 60  ? 11.827  11.115  -13.535 0.60   15.51 ? 57   ARG A CB  1 
ATOM   130  C CB  B ARG A 1 60  ? 12.367  11.227  -13.751 0.40   13.49 ? 57   ARG A CB  1 
ATOM   131  C CG  A ARG A 1 60  ? 11.654  10.248  -14.796 0.60   18.48 ? 57   ARG A CG  1 
ATOM   132  C CG  B ARG A 1 60  ? 13.877  11.075  -14.070 0.40   14.33 ? 57   ARG A CG  1 
ATOM   133  C CD  A ARG A 1 60  ? 12.160  8.889   -14.906 0.0000 28.80 ? 57   ARG A CD  1 
ATOM   134  C CD  B ARG A 1 60  ? 13.993  9.589   -13.901 0.0000 38.46 ? 57   ARG A CD  1 
ATOM   135  N NE  A ARG A 1 60  ? 11.801  8.256   -16.172 0.0000 34.10 ? 57   ARG A NE  1 
ATOM   136  N NE  B ARG A 1 60  ? 15.442  9.563   -14.129 0.0000 48.20 ? 57   ARG A NE  1 
ATOM   137  C CZ  A ARG A 1 60  ? 12.468  8.421   -17.318 0.0000 39.60 ? 57   ARG A CZ  1 
ATOM   138  C CZ  B ARG A 1 60  ? 16.209  8.470   -14.029 0.0000 59.09 ? 57   ARG A CZ  1 
ATOM   139  N NH1 A ARG A 1 60  ? 13.560  9.178   -17.380 0.0000 41.56 ? 57   ARG A NH1 1 
ATOM   140  N NH1 B ARG A 1 60  ? 15.685  7.277   -13.728 0.0000 60.03 ? 57   ARG A NH1 1 
ATOM   141  N NH2 A ARG A 1 60  ? 12.041  7.813   -18.422 0.0000 43.21 ? 57   ARG A NH2 1 
ATOM   142  N NH2 B ARG A 1 60  ? 17.522  8.566   -14.245 0.0000 65.28 ? 57   ARG A NH2 1 
ATOM   143  N N   . ILE A 1 61  ? 9.564   12.653  -12.570 1.00   12.77 ? 58   ILE A N   1 
ATOM   144  C CA  . ILE A 1 61  ? 8.137   12.859  -12.454 1.00   11.94 ? 58   ILE A CA  1 
ATOM   145  C C   . ILE A 1 61  ? 7.657   14.247  -12.867 1.00   12.57 ? 58   ILE A C   1 
ATOM   146  O O   . ILE A 1 61  ? 6.676   14.358  -13.572 1.00   12.82 ? 58   ILE A O   1 
ATOM   147  C CB  . ILE A 1 61  ? 7.615   12.523  -11.012 1.00   12.08 ? 58   ILE A CB  1 
ATOM   148  C CG1 . ILE A 1 61  ? 7.845   11.005  -10.710 1.00   12.80 ? 58   ILE A CG1 1 
ATOM   149  C CG2 . ILE A 1 61  ? 6.163   13.058  -10.822 1.00   14.04 ? 58   ILE A CG2 1 
ATOM   150  C CD1 . ILE A 1 61  ? 7.941   10.652  -9.211  1.00   12.95 ? 58   ILE A CD1 1 
ATOM   151  N N   . GLU A 1 62  ? 8.367   15.317  -12.486 1.00   12.60 ? 59   GLU A N   1 
ATOM   152  C CA  A GLU A 1 62  ? 7.941   16.644  -12.865 0.50   12.94 ? 59   GLU A CA  1 
ATOM   153  C CA  B GLU A 1 62  ? 8.021   16.681  -12.897 0.50   13.40 ? 59   GLU A CA  1 
ATOM   154  C C   . GLU A 1 62  ? 8.008   16.746  -14.412 1.00   12.66 ? 59   GLU A C   1 
ATOM   155  O O   . GLU A 1 62  ? 7.159   17.380  -15.001 1.00   13.68 ? 59   GLU A O   1 
ATOM   156  C CB  A GLU A 1 62  ? 8.809   17.673  -12.133 0.40   12.70 ? 59   GLU A CB  1 
ATOM   157  C CB  B GLU A 1 62  ? 9.092   17.673  -12.464 0.30   13.77 ? 59   GLU A CB  1 
ATOM   158  C CG  A GLU A 1 62  ? 8.502   19.127  -12.409 0.40   13.49 ? 59   GLU A CG  1 
ATOM   159  C CG  B GLU A 1 62  ? 9.026   18.189  -11.060 0.30   15.22 ? 59   GLU A CG  1 
ATOM   160  C CD  A GLU A 1 62  ? 7.054   19.493  -12.307 0.40   14.87 ? 59   GLU A CD  1 
ATOM   161  C CD  B GLU A 1 62  ? 9.830   19.480  -10.940 0.30   16.24 ? 59   GLU A CD  1 
ATOM   162  O OE1 A GLU A 1 62  ? 6.267   18.726  -11.719 0.40   15.16 ? 59   GLU A OE1 1 
ATOM   163  O OE1 B GLU A 1 62  ? 10.899  19.622  -11.550 0.30   17.66 ? 59   GLU A OE1 1 
ATOM   164  O OE2 A GLU A 1 62  ? 6.712   20.585  -12.842 0.40   16.42 ? 59   GLU A OE2 1 
ATOM   165  O OE2 B GLU A 1 62  ? 9.371   20.392  -10.284 0.30   19.55 ? 59   GLU A OE2 1 
ATOM   166  N N   . GLY A 1 63  ? 9.029   16.124  -14.989 1.00   13.83 ? 60   GLY A N   1 
ATOM   167  C CA  . GLY A 1 63  ? 9.174   15.947  -16.449 1.00   14.76 ? 60   GLY A CA  1 
ATOM   168  C C   . GLY A 1 63  ? 7.926   15.362  -17.107 1.00   14.18 ? 60   GLY A C   1 
ATOM   169  O O   . GLY A 1 63  ? 7.413   15.859  -18.129 1.00   13.29 ? 60   GLY A O   1 
ATOM   170  N N   . GLN A 1 64  ? 7.405   14.327  -16.479 1.00   13.49 ? 61   GLN A N   1 
ATOM   171  C CA  . GLN A 1 64  ? 6.151   13.672  -16.929 1.00   12.77 ? 61   GLN A CA  1 
ATOM   172  C C   . GLN A 1 64  ? 4.969   14.594  -16.851 1.00   11.84 ? 61   GLN A C   1 
ATOM   173  O O   . GLN A 1 64  ? 4.146   14.620  -17.738 1.00   11.83 ? 61   GLN A O   1 
ATOM   174  C CB  . GLN A 1 64  ? 5.936   12.366  -16.146 1.00   14.59 ? 61   GLN A CB  1 
ATOM   175  C CG  . GLN A 1 64  ? 6.973   11.267  -16.400 1.00   16.05 ? 61   GLN A CG  1 
ATOM   176  C CD  . GLN A 1 64  ? 6.693   10.098  -15.461 1.00   18.29 ? 61   GLN A CD  1 
ATOM   177  O OE1 . GLN A 1 64  ? 6.649   10.279  -14.267 1.00   21.88 ? 61   GLN A OE1 1 
ATOM   178  N NE2 . GLN A 1 64  ? 6.404   8.919   -16.009 1.00   24.21 ? 61   GLN A NE2 1 
ATOM   179  N N   . ILE A 1 65  ? 4.856   15.392  -15.780 1.00   11.57 ? 62   ILE A N   1 
ATOM   180  C CA  . ILE A 1 65  ? 3.759   16.261  -15.618 1.00   11.04 ? 62   ILE A CA  1 
ATOM   181  C C   . ILE A 1 65  ? 3.852   17.406  -16.652 1.00   11.06 ? 62   ILE A C   1 
ATOM   182  O O   . ILE A 1 65  ? 2.821   17.858  -17.200 1.00   12.69 ? 62   ILE A O   1 
ATOM   183  C CB  . ILE A 1 65  ? 3.619   16.847  -14.208 1.00   11.88 ? 62   ILE A CB  1 
ATOM   184  C CG1 . ILE A 1 65  ? 3.672   15.771  -13.129 1.00   12.59 ? 62   ILE A CG1 1 
ATOM   185  C CG2 . ILE A 1 65  ? 2.359   17.687  -14.099 1.00   12.10 ? 62   ILE A CG2 1 
ATOM   186  C CD1 . ILE A 1 65  ? 2.633   14.641  -13.252 1.00   11.59 ? 62   ILE A CD1 1 
ATOM   187  N N   . ARG A 1 66  ? 5.051   17.923  -16.905 1.00   12.86 ? 63   ARG A N   1 
ATOM   188  C CA  . ARG A 1 66  ? 5.219   18.903  -17.957 1.00   13.19 ? 63   ARG A CA  1 
ATOM   189  C C   . ARG A 1 66  ? 4.772   18.337  -19.293 1.00   13.66 ? 63   ARG A C   1 
ATOM   190  O O   . ARG A 1 66  ? 4.146   19.048  -20.086 1.00   14.59 ? 63   ARG A O   1 
ATOM   191  C CB  . ARG A 1 66  ? 6.675   19.409  -18.031 1.00   13.83 ? 63   ARG A CB  1 
ATOM   192  C CG  . ARG A 1 66  ? 6.997   20.304  -16.826 1.00   15.35 ? 63   ARG A CG  1 
ATOM   193  C CD  . ARG A 1 66  ? 8.303   21.092  -17.005 1.00   17.57 ? 63   ARG A CD  1 
ATOM   194  N NE  . ARG A 1 66  ? 9.381   20.201  -17.293 1.00   17.97 ? 63   ARG A NE  1 
ATOM   195  C CZ  . ARG A 1 66  ? 10.216  19.650  -16.403 1.00   17.01 ? 63   ARG A CZ  1 
ATOM   196  N NH1 . ARG A 1 66  ? 10.162  19.945  -15.154 1.00   18.19 ? 63   ARG A NH1 1 
ATOM   197  N NH2 . ARG A 1 66  ? 11.114  18.817  -16.810 1.00   21.39 ? 63   ARG A NH2 1 
ATOM   198  N N   . GLY A 1 67  ? 5.143   17.092  -19.546 1.00   13.20 ? 64   GLY A N   1 
ATOM   199  C CA  . GLY A 1 67  ? 4.643   16.320  -20.687 1.00   14.04 ? 64   GLY A CA  1 
ATOM   200  C C   . GLY A 1 67  ? 3.141   16.244  -20.800 1.00   13.63 ? 64   GLY A C   1 
ATOM   201  O O   . GLY A 1 67  ? 2.563   16.484  -21.888 1.00   13.34 ? 64   GLY A O   1 
ATOM   202  N N   . LEU A 1 68  ? 2.470   15.961  -19.690 1.00   12.47 ? 65   LEU A N   1 
ATOM   203  C CA  . LEU A 1 68  ? 1.027   16.004  -19.667 1.00   12.42 ? 65   LEU A CA  1 
ATOM   204  C C   . LEU A 1 68  ? 0.464   17.371  -20.059 1.00   13.57 ? 65   LEU A C   1 
ATOM   205  O O   . LEU A 1 68  ? -0.552  17.472  -20.775 1.00   11.80 ? 65   LEU A O   1 
ATOM   206  C CB  . LEU A 1 68  ? 0.484   15.637  -18.276 1.00   12.19 ? 65   LEU A CB  1 
ATOM   207  C CG  . LEU A 1 68  ? 0.603   14.164  -17.920 1.00   11.89 ? 65   LEU A CG  1 
ATOM   208  C CD1 . LEU A 1 68  ? 0.303   14.004  -16.417 1.00   12.21 ? 65   LEU A CD1 1 
ATOM   209  C CD2 . LEU A 1 68  ? -0.299  13.337  -18.844 1.00   12.94 ? 65   LEU A CD2 1 
ATOM   210  N N   . GLN A 1 69  ? 1.073   18.449  -19.559 1.00   12.83 ? 66   GLN A N   1 
ATOM   211  C CA  . GLN A 1 69  ? 0.569   19.794  -19.916 1.00   15.38 ? 66   GLN A CA  1 
ATOM   212  C C   . GLN A 1 69  ? 0.686   20.054  -21.413 1.00   15.19 ? 66   GLN A C   1 
ATOM   213  O O   . GLN A 1 69  ? -0.239  20.601  -21.997 1.00   17.32 ? 66   GLN A O   1 
ATOM   214  C CB  . GLN A 1 69  ? 1.348   20.874  -19.136 1.00   16.94 ? 66   GLN A CB  1 
ATOM   215  C CG  . GLN A 1 69  ? 1.142   20.695  -17.634 1.00   20.46 ? 66   GLN A CG  1 
ATOM   216  C CD  . GLN A 1 69  ? 2.045   21.571  -16.758 1.00   28.74 ? 66   GLN A CD  1 
ATOM   217  O OE1 . GLN A 1 69  ? 3.238   21.288  -16.619 1.00   34.64 ? 66   GLN A OE1 1 
ATOM   218  N NE2 . GLN A 1 69  ? 1.480   22.602  -16.137 1.00   25.18 ? 66   GLN A NE2 1 
ATOM   219  N N   . ARG A 1 70  ? 1.810   19.678  -21.986 1.00   14.66 ? 67   ARG A N   1 
ATOM   220  C CA  . ARG A 1 70  ? 2.051   19.824  -23.435 1.00   16.41 ? 67   ARG A CA  1 
ATOM   221  C C   . ARG A 1 70  ? 1.050   18.974  -24.212 1.00   15.29 ? 67   ARG A C   1 
ATOM   222  O O   . ARG A 1 70  ? 0.535   19.407  -25.253 1.00   16.02 ? 67   ARG A O   1 
ATOM   223  C CB  . ARG A 1 70  ? 3.448   19.436  -23.847 1.00   17.98 ? 67   ARG A CB  1 
ATOM   224  C CG  . ARG A 1 70  ? 4.489   20.462  -23.371 1.00   19.07 ? 67   ARG A CG  1 
ATOM   225  C CD  . ARG A 1 70  ? 5.813   20.240  -24.060 1.00   21.18 ? 67   ARG A CD  1 
ATOM   226  N NE  . ARG A 1 70  ? 6.422   18.964  -23.738 1.00   21.87 ? 67   ARG A NE  1 
ATOM   227  C CZ  . ARG A 1 70  ? 7.166   18.710  -22.665 1.00   21.45 ? 67   ARG A CZ  1 
ATOM   228  N NH1 . ARG A 1 70  ? 7.456   19.660  -21.747 1.00   20.94 ? 67   ARG A NH1 1 
ATOM   229  N NH2 . ARG A 1 70  ? 7.699   17.516  -22.556 1.00   24.22 ? 67   ARG A NH2 1 
ATOM   230  N N   . MET A 1 71  ? 0.742   17.782  -23.731 1.00   14.58 ? 68   MET A N   1 
ATOM   231  C CA  . MET A 1 71  ? -0.250  16.939  -24.452 1.00   13.95 ? 68   MET A CA  1 
ATOM   232  C C   . MET A 1 71  ? -1.607  17.566  -24.450 1.00   14.94 ? 68   MET A C   1 
ATOM   233  O O   . MET A 1 71  ? -2.327  17.547  -25.476 1.00   15.82 ? 68   MET A O   1 
ATOM   234  C CB  . MET A 1 71  ? -0.320  15.538  -23.831 1.00   14.21 ? 68   MET A CB  1 
ATOM   235  C CG  . MET A 1 71  ? 0.893   14.710  -24.071 1.00   14.83 ? 68   MET A CG  1 
ATOM   236  S SD  . MET A 1 71  ? 0.970   13.230  -22.975 1.00   17.48 ? 68   MET A SD  1 
ATOM   237  C CE  . MET A 1 71  ? 0.268   12.005  -24.034 1.00   18.57 ? 68   MET A CE  1 
ATOM   238  N N   . VAL A 1 72  ? -2.021  18.108  -23.313 1.00   15.37 ? 69   VAL A N   1 
ATOM   239  C CA  . VAL A 1 72  ? -3.315  18.744  -23.212 1.00   15.44 ? 69   VAL A CA  1 
ATOM   240  C C   . VAL A 1 72  ? -3.306  20.010  -24.101 1.00   19.20 ? 69   VAL A C   1 
ATOM   241  O O   . VAL A 1 72  ? -4.266  20.312  -24.800 1.00   19.71 ? 69   VAL A O   1 
ATOM   242  C CB  . VAL A 1 72  ? -3.627  19.182  -21.736 1.00   16.30 ? 69   VAL A CB  1 
ATOM   243  C CG1 . VAL A 1 72  ? -4.810  20.158  -21.665 1.00   16.16 ? 69   VAL A CG1 1 
ATOM   244  C CG2 . VAL A 1 72  ? -3.908  17.959  -20.832 1.00   13.77 ? 69   VAL A CG2 1 
ATOM   245  N N   . ASP A 1 73  ? -2.219  20.746  -24.037 1.00   19.18 ? 70   ASP A N   1 
ATOM   246  C CA  . ASP A 1 73  ? -2.122  21.979  -24.805 1.00   22.02 ? 70   ASP A CA  1 
ATOM   247  C C   . ASP A 1 73  ? -2.266  21.704  -26.298 1.00   21.36 ? 70   ASP A C   1 
ATOM   248  O O   . ASP A 1 73  ? -2.839  22.525  -27.001 1.00   23.04 ? 70   ASP A O   1 
ATOM   249  C CB  . ASP A 1 73  ? -0.778  22.652  -24.572 1.00   24.34 ? 70   ASP A CB  1 
ATOM   250  C CG  . ASP A 1 73  ? -0.881  24.158  -24.605 1.00   30.69 ? 70   ASP A CG  1 
ATOM   251  O OD1 . ASP A 1 73  ? -2.014  24.711  -24.507 1.00   29.73 ? 70   ASP A OD1 1 
ATOM   252  O OD2 . ASP A 1 73  ? 0.199   24.767  -24.742 1.00   41.64 ? 70   ASP A OD2 1 
ATOM   253  N N   . GLU A 1 74  ? -1.716  20.579  -26.748 1.00   20.59 ? 71   GLU A N   1 
ATOM   254  C CA  . GLU A 1 74  ? -1.682  20.189  -28.153 1.00   21.23 ? 71   GLU A CA  1 
ATOM   255  C C   . GLU A 1 74  ? -2.859  19.307  -28.576 1.00   19.38 ? 71   GLU A C   1 
ATOM   256  O O   . GLU A 1 74  ? -2.848  18.757  -29.686 1.00   19.14 ? 71   GLU A O   1 
ATOM   257  C CB  . GLU A 1 74  ? -0.384  19.477  -28.444 1.00   24.23 ? 71   GLU A CB  1 
ATOM   258  C CG  . GLU A 1 74  ? 0.862   20.357  -28.218 1.00   29.87 ? 71   GLU A CG  1 
ATOM   259  C CD  . GLU A 1 74  ? 2.138   19.541  -27.987 1.00   35.61 ? 71   GLU A CD  1 
ATOM   260  O OE1 . GLU A 1 74  ? 2.065   18.279  -28.009 1.00   41.15 ? 71   GLU A OE1 1 
ATOM   261  O OE2 . GLU A 1 74  ? 3.229   20.158  -27.770 1.00   41.41 ? 71   GLU A OE2 1 
ATOM   262  N N   . ASP A 1 75  ? -3.853  19.167  -27.715 1.00   17.81 ? 72   ASP A N   1 
ATOM   263  C CA  . ASP A 1 75  ? -5.096  18.407  -27.972 1.00   19.87 ? 72   ASP A CA  1 
ATOM   264  C C   . ASP A 1 75  ? -4.809  16.964  -28.363 1.00   19.18 ? 72   ASP A C   1 
ATOM   265  O O   . ASP A 1 75  ? -5.450  16.403  -29.262 1.00   19.64 ? 72   ASP A O   1 
ATOM   266  C CB  . ASP A 1 75  ? -5.969  19.068  -29.070 1.00   24.58 ? 72   ASP A CB  1 
ATOM   267  C CG  . ASP A 1 75  ? -6.282  20.540  -28.781 1.00   31.76 ? 72   ASP A CG  1 
ATOM   268  O OD1 . ASP A 1 75  ? -6.356  20.968  -27.607 1.00   35.08 ? 72   ASP A OD1 1 
ATOM   269  O OD2 . ASP A 1 75  ? -6.472  21.277  -29.765 1.00   40.66 ? 72   ASP A OD2 1 
ATOM   270  N N   . VAL A 1 76  ? -3.848  16.371  -27.674 1.00   16.04 ? 73   VAL A N   1 
ATOM   271  C CA  . VAL A 1 76  ? -3.488  14.962  -27.844 1.00   14.26 ? 73   VAL A CA  1 
ATOM   272  C C   . VAL A 1 76  ? -4.669  14.079  -27.442 1.00   14.42 ? 73   VAL A C   1 
ATOM   273  O O   . VAL A 1 76  ? -5.439  14.382  -26.499 1.00   14.98 ? 73   VAL A O   1 
ATOM   274  C CB  . VAL A 1 76  ? -2.166  14.600  -27.105 1.00   14.81 ? 73   VAL A CB  1 
ATOM   275  C CG1 . VAL A 1 76  ? -1.921  13.078  -26.975 1.00   13.11 ? 73   VAL A CG1 1 
ATOM   276  C CG2 . VAL A 1 76  ? -0.954  15.287  -27.771 1.00   14.83 ? 73   VAL A CG2 1 
ATOM   277  N N   . TYR A 1 77  ? -4.853  12.974  -28.177 1.00   13.86 ? 74   TYR A N   1 
ATOM   278  C CA  . TYR A 1 77  ? -5.966  12.074  -27.909 1.00   12.87 ? 74   TYR A CA  1 
ATOM   279  C C   . TYR A 1 77  ? -5.991  11.660  -26.423 1.00   12.30 ? 74   TYR A C   1 
ATOM   280  O O   . TYR A 1 77  ? -4.977  11.323  -25.808 1.00   11.04 ? 74   TYR A O   1 
ATOM   281  C CB  . TYR A 1 77  ? -5.819  10.849  -28.774 1.00   12.92 ? 74   TYR A CB  1 
ATOM   282  C CG  . TYR A 1 77  ? -6.921  9.814   -28.674 1.00   11.72 ? 74   TYR A CG  1 
ATOM   283  C CD1 . TYR A 1 77  ? -8.238  10.147  -28.937 1.00   13.21 ? 74   TYR A CD1 1 
ATOM   284  C CD2 . TYR A 1 77  ? -6.612  8.484   -28.443 1.00   12.08 ? 74   TYR A CD2 1 
ATOM   285  C CE1 . TYR A 1 77  ? -9.255  9.214   -28.924 1.00   13.50 ? 74   TYR A CE1 1 
ATOM   286  C CE2 . TYR A 1 77  ? -7.618  7.534   -28.416 1.00   11.64 ? 74   TYR A CE2 1 
ATOM   287  C CZ  . TYR A 1 77  ? -8.929  7.912   -28.617 1.00   13.13 ? 74   TYR A CZ  1 
ATOM   288  O OH  . TYR A 1 77  ? -9.935  6.983   -28.605 1.00   12.56 ? 74   TYR A OH  1 
ATOM   289  N N   . CYS A 1 78  ? -7.180  11.703  -25.878 1.00   12.33 ? 75   CYS A N   1 
ATOM   290  C CA  A CYS A 1 78  ? -7.285  11.518  -24.429 0.70   13.10 ? 75   CYS A CA  1 
ATOM   291  C CA  B CYS A 1 78  ? -7.428  11.456  -24.431 0.30   13.06 ? 75   CYS A CA  1 
ATOM   292  C C   . CYS A 1 78  ? -6.750  10.208  -23.892 1.00   12.87 ? 75   CYS A C   1 
ATOM   293  O O   . CYS A 1 78  ? -6.182  10.195  -22.808 1.00   12.20 ? 75   CYS A O   1 
ATOM   294  C CB  A CYS A 1 78  ? -8.670  11.764  -23.988 0.70   13.83 ? 75   CYS A CB  1 
ATOM   295  C CB  B CYS A 1 78  ? -8.937  11.391  -24.155 0.30   14.07 ? 75   CYS A CB  1 
ATOM   296  S SG  A CYS A 1 78  ? -9.735  10.541  -24.735 0.70   15.78 ? 75   CYS A SG  1 
ATOM   297  S SG  B CYS A 1 78  ? -9.470  10.495  -22.664 0.30   15.85 ? 75   CYS A SG  1 
ATOM   298  N N   . ILE A 1 79  ? -6.859  9.092   -24.613 1.00   12.69 ? 76   ILE A N   1 
ATOM   299  C CA  . ILE A 1 79  ? -6.310  7.832   -24.154 1.00   11.97 ? 76   ILE A CA  1 
ATOM   300  C C   . ILE A 1 79  ? -4.772  7.859   -24.003 1.00   11.82 ? 76   ILE A C   1 
ATOM   301  O O   . ILE A 1 79  ? -4.257  7.307   -23.083 1.00   11.44 ? 76   ILE A O   1 
ATOM   302  C CB  . ILE A 1 79  ? -6.771  6.622   -25.018 1.00   11.77 ? 76   ILE A CB  1 
ATOM   303  C CG1 . ILE A 1 79  ? -8.308  6.575   -25.043 1.00   12.07 ? 76   ILE A CG1 1 
ATOM   304  C CG2 . ILE A 1 79  ? -6.143  5.310   -24.541 1.00   11.36 ? 76   ILE A CG2 1 
ATOM   305  C CD1 . ILE A 1 79  ? -8.994  6.246   -23.717 1.00   13.20 ? 76   ILE A CD1 1 
ATOM   306  N N   . ASP A 1 80  ? -4.065  8.517   -24.926 1.00   10.82 ? 77   ASP A N   1 
ATOM   307  C CA  . ASP A 1 80  ? -2.639  8.648   -24.886 1.00   11.23 ? 77   ASP A CA  1 
ATOM   308  C C   . ASP A 1 80  ? -2.298  9.469   -23.620 1.00   10.58 ? 77   ASP A C   1 
ATOM   309  O O   . ASP A 1 80  ? -1.328  9.141   -22.936 1.00   10.90 ? 77   ASP A O   1 
ATOM   310  C CB  . ASP A 1 80  ? -2.167  9.337   -26.166 1.00   11.70 ? 77   ASP A CB  1 
ATOM   311  C CG  . ASP A 1 80  ? -0.711  9.260   -26.393 1.00   13.27 ? 77   ASP A CG  1 
ATOM   312  O OD1 . ASP A 1 80  ? -0.080  8.246   -26.051 1.00   15.02 ? 77   ASP A OD1 1 
ATOM   313  O OD2 . ASP A 1 80  ? -0.144  10.221  -27.000 1.00   14.92 ? 77   ASP A OD2 1 
ATOM   314  N N   . ILE A 1 81  ? -3.119  10.471  -23.305 1.00   10.48 ? 78   ILE A N   1 
ATOM   315  C CA  . ILE A 1 81  ? -2.887  11.227  -22.067 1.00   11.02 ? 78   ILE A CA  1 
ATOM   316  C C   . ILE A 1 81  ? -3.070  10.345  -20.833 1.00   11.31 ? 78   ILE A C   1 
ATOM   317  O O   . ILE A 1 81  ? -2.252  10.398  -19.877 1.00   9.75  ? 78   ILE A O   1 
ATOM   318  C CB  . ILE A 1 81  ? -3.760  12.496  -21.988 1.00   11.75 ? 78   ILE A CB  1 
ATOM   319  C CG1 . ILE A 1 81  ? -3.439  13.441  -23.171 1.00   12.84 ? 78   ILE A CG1 1 
ATOM   320  C CG2 . ILE A 1 81  ? -3.496  13.232  -20.662 1.00   11.89 ? 78   ILE A CG2 1 
ATOM   321  C CD1 . ILE A 1 81  ? -4.344  14.685  -23.307 1.00   12.56 ? 78   ILE A CD1 1 
ATOM   322  N N   . LEU A 1 82  ? -4.151  9.571   -20.806 1.00   11.90 ? 79   LEU A N   1 
ATOM   323  C CA  . LEU A 1 82  ? -4.378  8.614   -19.714 1.00   12.59 ? 79   LEU A CA  1 
ATOM   324  C C   . LEU A 1 82  ? -3.247  7.657   -19.529 1.00   11.59 ? 79   LEU A C   1 
ATOM   325  O O   . LEU A 1 82  ? -2.794  7.416   -18.399 1.00   11.68 ? 79   LEU A O   1 
ATOM   326  C CB  . LEU A 1 82  ? -5.693  7.872   -19.876 1.00   13.66 ? 79   LEU A CB  1 
ATOM   327  C CG  . LEU A 1 82  ? -6.964  8.691   -19.830 1.00   15.64 ? 79   LEU A CG  1 
ATOM   328  C CD1 . LEU A 1 82  ? -8.229  7.809   -20.045 1.00   17.27 ? 79   LEU A CD1 1 
ATOM   329  C CD2 . LEU A 1 82  ? -7.078  9.444   -18.530 1.00   16.22 ? 79   LEU A CD2 1 
ATOM   330  N N   . THR A 1 83  ? -2.667  7.145   -20.609 1.00   11.33 ? 80   THR A N   1 
ATOM   331  C CA  . THR A 1 83  ? -1.518  6.294   -20.486 1.00   11.80 ? 80   THR A CA  1 
ATOM   332  C C   . THR A 1 83  ? -0.339  6.964   -19.733 1.00   12.39 ? 80   THR A C   1 
ATOM   333  O O   . THR A 1 83  ? 0.328   6.342   -18.881 1.00   13.54 ? 80   THR A O   1 
ATOM   334  C CB  . THR A 1 83  ? -1.068  5.787   -21.881 1.00   12.48 ? 80   THR A CB  1 
ATOM   335  O OG1 . THR A 1 83  ? -2.143  5.044   -22.426 1.00   11.75 ? 80   THR A OG1 1 
ATOM   336  C CG2 . THR A 1 83  ? 0.207   4.891   -21.812 1.00   12.87 ? 80   THR A CG2 1 
ATOM   337  N N   . GLN A 1 84  ? -0.069  8.224   -20.069 1.00   12.20 ? 81   GLN A N   1 
ATOM   338  C CA  . GLN A 1 84  ? 0.992   8.998   -19.430 1.00   13.23 ? 81   GLN A CA  1 
ATOM   339  C C   . GLN A 1 84  ? 0.600   9.338   -17.964 1.00   11.54 ? 81   GLN A C   1 
ATOM   340  O O   . GLN A 1 84  ? 1.492   9.358   -17.112 1.00   13.20 ? 81   GLN A O   1 
ATOM   341  C CB  . GLN A 1 84  ? 1.201   10.286  -20.202 1.00   14.94 ? 81   GLN A CB  1 
ATOM   342  C CG  . GLN A 1 84  ? 2.179   11.262  -19.601 1.00   18.65 ? 81   GLN A CG  1 
ATOM   343  C CD  . GLN A 1 84  ? 3.628   10.941  -19.806 1.00   26.31 ? 81   GLN A CD  1 
ATOM   344  O OE1 . GLN A 1 84  ? 4.028   9.834   -20.313 1.00   24.42 ? 81   GLN A OE1 1 
ATOM   345  N NE2 . GLN A 1 84  ? 4.478   11.970  -19.453 1.00   27.76 ? 81   GLN A NE2 1 
ATOM   346  N N   . VAL A 1 85  ? -0.681  9.582   -17.696 1.00   11.18 ? 82   VAL A N   1 
ATOM   347  C CA  . VAL A 1 85  ? -1.137  9.804   -16.293 1.00   11.78 ? 82   VAL A CA  1 
ATOM   348  C C   . VAL A 1 85  ? -0.786  8.548   -15.475 1.00   13.16 ? 82   VAL A C   1 
ATOM   349  O O   . VAL A 1 85  ? -0.255  8.622   -14.318 1.00   11.64 ? 82   VAL A O   1 
ATOM   350  C CB  . VAL A 1 85  ? -2.597  10.190  -16.131 1.00   11.69 ? 82   VAL A CB  1 
ATOM   351  C CG1 . VAL A 1 85  ? -3.103  10.188  -14.621 1.00   13.62 ? 82   VAL A CG1 1 
ATOM   352  C CG2 . VAL A 1 85  ? -2.908  11.549  -16.821 1.00   11.15 ? 82   VAL A CG2 1 
ATOM   353  N N   . SER A 1 86  ? -1.074  7.363   -16.018 1.00   13.47 ? 83   SER A N   1 
ATOM   354  C CA  . SER A 1 86  ? -0.886  6.125   -15.294 1.00   14.89 ? 83   SER A CA  1 
ATOM   355  C C   . SER A 1 86  ? 0.602   5.899   -15.080 1.00   16.07 ? 83   SER A C   1 
ATOM   356  O O   . SER A 1 86  ? 1.035   5.493   -13.983 1.00   16.76 ? 83   SER A O   1 
ATOM   357  C CB  . SER A 1 86  ? -1.560  4.951   -16.080 1.00   16.58 ? 83   SER A CB  1 
ATOM   358  O OG  . SER A 1 86  ? -2.973  5.083   -15.993 1.00   18.91 ? 83   SER A OG  1 
ATOM   359  N N   . ALA A 1 87  ? 1.431   6.226   -16.064 1.00   13.55 ? 84   ALA A N   1 
ATOM   360  C CA  . ALA A 1 87  ? 2.842   6.134   -15.877 1.00   13.93 ? 84   ALA A CA  1 
ATOM   361  C C   . ALA A 1 87  ? 3.335   7.050   -14.738 1.00   12.22 ? 84   ALA A C   1 
ATOM   362  O O   . ALA A 1 87  ? 4.237   6.634   -13.992 1.00   13.74 ? 84   ALA A O   1 
ATOM   363  C CB  . ALA A 1 87  ? 3.623   6.404   -17.155 1.00   14.49 ? 84   ALA A CB  1 
ATOM   364  N N   . SER A 1 88  ? 2.810   8.252   -14.671 1.00   12.34 ? 85   SER A N   1 
ATOM   365  C CA  . SER A 1 88  ? 3.225   9.222   -13.626 1.00   12.91 ? 85   SER A CA  1 
ATOM   366  C C   . SER A 1 88  ? 2.754   8.779   -12.247 1.00   12.90 ? 85   SER A C   1 
ATOM   367  O O   . SER A 1 88  ? 3.500   8.847   -11.281 1.00   12.02 ? 85   SER A O   1 
ATOM   368  C CB  . SER A 1 88  ? 2.677   10.590  -13.943 1.00   14.05 ? 85   SER A CB  1 
ATOM   369  O OG  . SER A 1 88  ? 3.107   10.970  -15.247 1.00   16.44 ? 85   SER A OG  1 
ATOM   370  N N   . THR A 1 89  ? 1.563   8.234   -12.156 1.00   13.23 ? 86   THR A N   1 
ATOM   371  C CA  A THR A 1 89  ? 1.056   7.732   -10.861 0.40   13.95 ? 86   THR A CA  1 
ATOM   372  C CA  B THR A 1 89  ? 1.043   7.725   -10.857 0.60   14.24 ? 86   THR A CA  1 
ATOM   373  C C   . THR A 1 89  ? 1.882   6.540   -10.408 1.00   14.17 ? 86   THR A C   1 
ATOM   374  O O   . THR A 1 89  ? 2.267   6.431   -9.223  1.00   14.05 ? 86   THR A O   1 
ATOM   375  C CB  A THR A 1 89  ? -0.440  7.385   -10.946 0.40   14.48 ? 86   THR A CB  1 
ATOM   376  C CB  B THR A 1 89  ? -0.484  7.409   -10.888 0.60   15.22 ? 86   THR A CB  1 
ATOM   377  O OG1 A THR A 1 89  ? -1.125  8.443   -11.620 0.40   14.07 ? 86   THR A OG1 1 
ATOM   378  O OG1 B THR A 1 89  ? -0.782  6.408   -11.877 0.60   15.75 ? 86   THR A OG1 1 
ATOM   379  C CG2 A THR A 1 89  ? -1.047  7.200   -9.568  0.40   14.52 ? 86   THR A CG2 1 
ATOM   380  C CG2 B THR A 1 89  ? -1.297  8.654   -11.192 0.60   14.72 ? 86   THR A CG2 1 
ATOM   381  N N   . LYS A 1 90  ? 2.206   5.654   -11.345 1.00   13.01 ? 87   LYS A N   1 
ATOM   382  C CA  . LYS A 1 90  ? 3.070   4.518   -11.041 1.00   15.03 ? 87   LYS A CA  1 
ATOM   383  C C   . LYS A 1 90  ? 4.408   4.960   -10.515 1.00   15.06 ? 87   LYS A C   1 
ATOM   384  O O   . LYS A 1 90  ? 4.887   4.379   -9.524  1.00   15.01 ? 87   LYS A O   1 
ATOM   385  C CB  . LYS A 1 90  ? 3.177   3.577   -12.263 1.00   16.49 ? 87   LYS A CB  1 
ATOM   386  C CG  . LYS A 1 90  ? 4.139   2.412   -12.140 1.00   21.54 ? 87   LYS A CG  1 
ATOM   387  C CD  . LYS A 1 90  ? 4.477   1.754   -13.495 0.50   21.96 ? 87   LYS A CD  1 
ATOM   388  C CE  . LYS A 1 90  ? 5.311   0.489   -13.329 0.50   23.72 ? 87   LYS A CE  1 
ATOM   389  N NZ  . LYS A 1 90  ? 4.579   -0.522  -12.524 0.50   23.16 ? 87   LYS A NZ  1 
ATOM   390  N N   . ALA A 1 91  ? 5.017   5.987   -11.118 1.00   13.28 ? 88   ALA A N   1 
ATOM   391  C CA  . ALA A 1 91  ? 6.313   6.499   -10.669 1.00   12.19 ? 88   ALA A CA  1 
ATOM   392  C C   . ALA A 1 91  ? 6.239   7.085   -9.255  1.00   11.58 ? 88   ALA A C   1 
ATOM   393  O O   . ALA A 1 91  ? 7.126   6.880   -8.432  1.00   12.18 ? 88   ALA A O   1 
ATOM   394  C CB  . ALA A 1 91  ? 6.844   7.572   -11.617 1.00   13.22 ? 88   ALA A CB  1 
ATOM   395  N N   . LEU A 1 92  ? 5.158   7.774   -9.002  1.00   11.40 ? 89   LEU A N   1 
ATOM   396  C CA  . LEU A 1 92  ? 4.927   8.335   -7.624  1.00   11.79 ? 89   LEU A CA  1 
ATOM   397  C C   . LEU A 1 92  ? 4.791   7.218   -6.601  1.00   12.57 ? 89   LEU A C   1 
ATOM   398  O O   . LEU A 1 92  ? 5.290   7.365   -5.469  1.00   12.24 ? 89   LEU A O   1 
ATOM   399  C CB  . LEU A 1 92  ? 3.707   9.255   -7.585  1.00   11.45 ? 89   LEU A CB  1 
ATOM   400  C CG  . LEU A 1 92  ? 3.959   10.677  -8.081  1.00   12.06 ? 89   LEU A CG  1 
ATOM   401  C CD1 . LEU A 1 92  ? 2.678   11.328  -8.539  1.00   12.28 ? 89   LEU A CD1 1 
ATOM   402  C CD2 . LEU A 1 92  ? 4.732   11.584  -7.073  1.00   13.47 ? 89   LEU A CD2 1 
ATOM   403  N N   . GLN A 1 93  ? 4.091   6.166   -6.965  1.00   12.81 ? 90   GLN A N   1 
ATOM   404  C CA  . GLN A 1 93  ? 3.902   5.005   -6.063  1.00   14.54 ? 90   GLN A CA  1 
ATOM   405  C C   . GLN A 1 93  ? 5.226   4.321   -5.791  1.00   14.16 ? 90   GLN A C   1 
ATOM   406  O O   . GLN A 1 93  ? 5.540   3.974   -4.623  1.00   13.56 ? 90   GLN A O   1 
ATOM   407  C CB  . GLN A 1 93  ? 2.887   4.030   -6.615  1.00   17.23 ? 90   GLN A CB  1 
ATOM   408  C CG  . GLN A 1 93  ? 1.456   4.544   -6.585  1.00   21.03 ? 90   GLN A CG  1 
ATOM   409  C CD  . GLN A 1 93  ? 0.476   3.518   -7.200  1.00   27.66 ? 90   GLN A CD  1 
ATOM   410  O OE1 . GLN A 1 93  ? 0.819   2.757   -8.113  1.00   30.77 ? 90   GLN A OE1 1 
ATOM   411  N NE2 . GLN A 1 93  ? -0.687  3.402   -6.595  1.00   35.00 ? 90   GLN A NE2 1 
ATOM   412  N N   . SER A 1 94  ? 6.070   4.207   -6.825  1.00   13.44 ? 91   SER A N   1 
ATOM   413  C CA  . SER A 1 94  ? 7.343   3.561   -6.689  1.00   14.55 ? 91   SER A CA  1 
ATOM   414  C C   . SER A 1 94  ? 8.218   4.401   -5.769  1.00   14.85 ? 91   SER A C   1 
ATOM   415  O O   . SER A 1 94  ? 8.935   3.837   -4.965  1.00   14.17 ? 91   SER A O   1 
ATOM   416  C CB  . SER A 1 94  ? 8.063   3.379   -8.035  1.00   17.01 ? 91   SER A CB  1 
ATOM   417  O OG  . SER A 1 94  ? 9.414   2.938   -7.858  1.00   22.73 ? 91   SER A OG  1 
ATOM   418  N N   . PHE A 1 95  ? 8.188   5.721   -5.951  1.00   13.95 ? 92   PHE A N   1 
ATOM   419  C CA  . PHE A 1 95  ? 8.895   6.708   -5.069  1.00   13.26 ? 92   PHE A CA  1 
ATOM   420  C C   . PHE A 1 95  ? 8.419   6.526   -3.599  1.00   12.36 ? 92   PHE A C   1 
ATOM   421  O O   . PHE A 1 95  ? 9.248   6.407   -2.656  1.00   13.50 ? 92   PHE A O   1 
ATOM   422  C CB  . PHE A 1 95  ? 8.632   8.143   -5.561  1.00   14.08 ? 92   PHE A CB  1 
ATOM   423  C CG  . PHE A 1 95  ? 9.122   9.235   -4.619  1.00   14.18 ? 92   PHE A CG  1 
ATOM   424  C CD1 . PHE A 1 95  ? 10.461  9.593   -4.556  1.00   15.86 ? 92   PHE A CD1 1 
ATOM   425  C CD2 . PHE A 1 95  ? 8.240   9.914   -3.826  1.00   14.79 ? 92   PHE A CD2 1 
ATOM   426  C CE1 . PHE A 1 95  ? 10.893  10.595  -3.677  1.00   17.60 ? 92   PHE A CE1 1 
ATOM   427  C CE2 . PHE A 1 95  ? 8.658   10.939  -2.968  1.00   15.55 ? 92   PHE A CE2 1 
ATOM   428  C CZ  . PHE A 1 95  ? 9.983   11.264  -2.889  1.00   15.87 ? 92   PHE A CZ  1 
ATOM   429  N N   . ALA A 1 96  ? 7.123   6.418   -3.403  1.00   12.14 ? 93   ALA A N   1 
ATOM   430  C CA  . ALA A 1 96  ? 6.524   6.289   -2.053  1.00   12.19 ? 93   ALA A CA  1 
ATOM   431  C C   . ALA A 1 96  ? 7.036   4.987   -1.394  1.00   14.31 ? 93   ALA A C   1 
ATOM   432  O O   . ALA A 1 96  ? 7.451   4.982   -0.227  1.00   14.14 ? 93   ALA A O   1 
ATOM   433  C CB  . ALA A 1 96  ? 5.002   6.295   -2.128  1.00   11.81 ? 93   ALA A CB  1 
ATOM   434  N N   . LEU A 1 97  ? 7.092   3.914   -2.161  1.00   13.60 ? 94   LEU A N   1 
ATOM   435  C CA  . LEU A 1 97  ? 7.537   2.621   -1.619  1.00   16.27 ? 94   LEU A CA  1 
ATOM   436  C C   . LEU A 1 97  ? 8.981   2.638   -1.223  1.00   16.08 ? 94   LEU A C   1 
ATOM   437  O O   . LEU A 1 97  ? 9.370   2.040   -0.213  1.00   16.80 ? 94   LEU A O   1 
ATOM   438  C CB  . LEU A 1 97  ? 7.278   1.492   -2.603  1.00   17.92 ? 94   LEU A CB  1 
ATOM   439  C CG  . LEU A 1 97  ? 5.851   1.069   -2.821  1.00   22.52 ? 94   LEU A CG  1 
ATOM   440  C CD1 . LEU A 1 97  ? 5.709   0.251   -4.126  1.00   25.39 ? 94   LEU A CD1 1 
ATOM   441  C CD2 . LEU A 1 97  ? 5.387   0.263   -1.620  1.00   27.69 ? 94   LEU A CD2 1 
ATOM   442  N N   . GLN A 1 98  ? 9.804   3.332   -1.994  1.00   15.42 ? 95   GLN A N   1 
ATOM   443  C CA  . GLN A 1 98  ? 11.212  3.478   -1.666  1.00   17.66 ? 95   GLN A CA  1 
ATOM   444  C C   . GLN A 1 98  ? 11.390  4.254   -0.356  1.00   16.78 ? 95   GLN A C   1 
ATOM   445  O O   . GLN A 1 98  ? 12.200  3.870   0.511   1.00   14.75 ? 95   GLN A O   1 
ATOM   446  C CB  . GLN A 1 98  ? 11.944  4.197   -2.776  1.00   20.65 ? 95   GLN A CB  1 
ATOM   447  C CG  . GLN A 1 98  ? 12.263  3.273   -3.949  1.00   24.35 ? 95   GLN A CG  1 
ATOM   448  C CD  . GLN A 1 98  ? 13.172  2.375   -3.961  0.0000 30.67 ? 95   GLN A CD  1 
ATOM   449  O OE1 . GLN A 1 98  ? 12.866  1.208   -3.705  0.0000 37.73 ? 95   GLN A OE1 1 
ATOM   450  N NE2 . GLN A 1 98  ? 14.432  2.766   -4.144  0.0000 32.49 ? 95   GLN A NE2 1 
ATOM   451  N N   . LEU A 1 99  ? 10.623  5.326   -0.208  1.00   15.51 ? 96   LEU A N   1 
ATOM   452  C CA  . LEU A 1 99  ? 10.684  6.094   1.079   1.00   17.26 ? 96   LEU A CA  1 
ATOM   453  C C   . LEU A 1 99  ? 10.161  5.239   2.253   1.00   15.53 ? 96   LEU A C   1 
ATOM   454  O O   . LEU A 1 99  ? 10.748  5.252   3.337   1.00   14.57 ? 96   LEU A O   1 
ATOM   455  C CB  . LEU A 1 99  ? 9.913   7.396   0.997   1.00   18.57 ? 96   LEU A CB  1 
ATOM   456  C CG  . LEU A 1 99  ? 10.610  8.667   0.527   1.00   22.82 ? 96   LEU A CG  1 
ATOM   457  C CD1 . LEU A 1 99  ? 11.153  8.381   -0.855  1.00   25.67 ? 96   LEU A CD1 1 
ATOM   458  C CD2 . LEU A 1 99  ? 9.542   9.761   0.556   1.00   26.51 ? 96   LEU A CD2 1 
ATOM   459  N N   . LEU A 1 100 ? 9.137   4.447   2.023   1.00   15.07 ? 97   LEU A N   1 
ATOM   460  C CA  . LEU A 1 100 ? 8.601   3.611   3.092   1.00   16.97 ? 97   LEU A CA  1 
ATOM   461  C C   . LEU A 1 100 ? 9.612   2.539   3.509   1.00   16.19 ? 97   LEU A C   1 
ATOM   462  O O   . LEU A 1 100 ? 9.841   2.301   4.688   1.00   15.12 ? 97   LEU A O   1 
ATOM   463  C CB  . LEU A 1 100 ? 7.347   2.941   2.633   1.00   17.83 ? 97   LEU A CB  1 
ATOM   464  C CG  . LEU A 1 100 ? 6.683   2.073   3.648   1.00   19.46 ? 97   LEU A CG  1 
ATOM   465  C CD1 . LEU A 1 100 ? 6.225   3.021   4.790   1.00   23.05 ? 97   LEU A CD1 1 
ATOM   466  C CD2 . LEU A 1 100 ? 5.536   1.309   3.017   1.00   22.90 ? 97   LEU A CD2 1 
ATOM   467  N N   . GLU A 1 101 ? 10.206  1.867   2.534   1.00   15.22 ? 98   GLU A N   1 
ATOM   468  C CA  . GLU A 1 101 ? 11.212  0.883   2.821   1.00   15.97 ? 98   GLU A CA  1 
ATOM   469  C C   . GLU A 1 101 ? 12.375  1.484   3.647   1.00   15.69 ? 98   GLU A C   1 
ATOM   470  O O   . GLU A 1 101 ? 12.766  0.917   4.676   1.00   15.62 ? 98   GLU A O   1 
ATOM   471  C CB  . GLU A 1 101 ? 11.771  0.273   1.505   1.00   18.61 ? 98   GLU A CB  1 
ATOM   472  C CG  . GLU A 1 101 ? 12.804  -0.789  1.828   1.00   20.48 ? 98   GLU A CG  1 
ATOM   473  C CD  . GLU A 1 101 ? 13.102  -1.740  0.704   1.00   29.94 ? 98   GLU A CD  1 
ATOM   474  O OE1 . GLU A 1 101 ? 12.720  -1.404  -0.434  1.00   31.72 ? 98   GLU A OE1 1 
ATOM   475  O OE2 . GLU A 1 101 ? 13.750  -2.804  0.982   1.00   34.97 ? 98   GLU A OE2 1 
ATOM   476  N N   . GLU A 1 102 ? 12.887  2.629   3.227   1.00   14.47 ? 99   GLU A N   1 
ATOM   477  C CA  . GLU A 1 102 ? 13.962  3.310   3.919   1.00   15.97 ? 99   GLU A CA  1 
ATOM   478  C C   . GLU A 1 102 ? 13.543  3.637   5.378   1.00   14.35 ? 99   GLU A C   1 
ATOM   479  O O   . GLU A 1 102 ? 14.301  3.392   6.343   1.00   14.98 ? 99   GLU A O   1 
ATOM   480  C CB  . GLU A 1 102 ? 14.373  4.588   3.159   1.00   18.93 ? 99   GLU A CB  1 
ATOM   481  C CG  . GLU A 1 102 ? 15.431  5.408   3.879   1.00   23.87 ? 99   GLU A CG  1 
ATOM   482  C CD  . GLU A 1 102 ? 15.870  6.686   3.117   1.00   31.03 ? 99   GLU A CD  1 
ATOM   483  O OE1 . GLU A 1 102 ? 15.281  7.003   2.052   1.00   34.69 ? 99   GLU A OE1 1 
ATOM   484  O OE2 . GLU A 1 102 ? 16.797  7.367   3.618   1.00   36.66 ? 99   GLU A OE2 1 
ATOM   485  N N   . HIS A 1 103 ? 12.327  4.124   5.544   1.00   13.82 ? 100  HIS A N   1 
ATOM   486  C CA  . HIS A 1 103 ? 11.785  4.402   6.882   1.00   13.15 ? 100  HIS A CA  1 
ATOM   487  C C   . HIS A 1 103 ? 11.690  3.182   7.746   1.00   13.29 ? 100  HIS A C   1 
ATOM   488  O O   . HIS A 1 103 ? 12.109  3.207   8.938   1.00   14.37 ? 100  HIS A O   1 
ATOM   489  C CB  . HIS A 1 103 ? 10.416  4.984   6.748   1.00   13.83 ? 100  HIS A CB  1 
ATOM   490  C CG  . HIS A 1 103 ? 9.764   5.324   8.055   1.00   13.63 ? 100  HIS A CG  1 
ATOM   491  N ND1 . HIS A 1 103 ? 10.365  6.137   8.977   1.00   15.21 ? 100  HIS A ND1 1 
ATOM   492  C CD2 . HIS A 1 103 ? 8.501   5.029   8.537   1.00   14.79 ? 100  HIS A CD2 1 
ATOM   493  C CE1 . HIS A 1 103 ? 9.498   6.328   10.004  1.00   15.61 ? 100  HIS A CE1 1 
ATOM   494  N NE2 . HIS A 1 103 ? 8.387   5.604   9.757   1.00   15.80 ? 100  HIS A NE2 1 
ATOM   495  N N   . LEU A 1 104 ? 11.183  2.084   7.195   1.00   13.01 ? 101  LEU A N   1 
ATOM   496  C CA  . LEU A 1 104 ? 11.099  0.835   7.943   1.00   14.54 ? 101  LEU A CA  1 
ATOM   497  C C   . LEU A 1 104 ? 12.475  0.250   8.329   1.00   14.53 ? 101  LEU A C   1 
ATOM   498  O O   . LEU A 1 104 ? 12.638  -0.248  9.457   1.00   14.87 ? 101  LEU A O   1 
ATOM   499  C CB  . LEU A 1 104 ? 10.252  -0.218  7.201   1.00   15.60 ? 101  LEU A CB  1 
ATOM   500  C CG  . LEU A 1 104 ? 8.756   0.175   7.112   1.00   16.71 ? 101  LEU A CG  1 
ATOM   501  C CD1 . LEU A 1 104 ? 7.988   -0.738  6.117   1.00   18.07 ? 101  LEU A CD1 1 
ATOM   502  C CD2 . LEU A 1 104 ? 8.030   0.231   8.473   1.00   18.02 ? 101  LEU A CD2 1 
ATOM   503  N N   . ARG A 1 105 ? 13.433  0.352   7.415   1.00   14.54 ? 102  ARG A N   1 
ATOM   504  C CA  . ARG A 1 105 ? 14.811  0.005   7.693   1.00   16.52 ? 102  ARG A CA  1 
ATOM   505  C C   . ARG A 1 105 ? 15.344  0.825   8.879   1.00   16.24 ? 102  ARG A C   1 
ATOM   506  O O   . ARG A 1 105 ? 16.046  0.276   9.783   1.00   15.81 ? 102  ARG A O   1 
ATOM   507  C CB  . ARG A 1 105 ? 15.693  0.165   6.465   1.00   18.95 ? 102  ARG A CB  1 
ATOM   508  C CG  . ARG A 1 105 ? 15.509  -0.978  5.471   1.00   22.41 ? 102  ARG A CG  1 
ATOM   509  C CD  . ARG A 1 105 ? 16.200  -0.678  4.152   1.00   28.81 ? 102  ARG A CD  1 
ATOM   510  N NE  . ARG A 1 105 ? 17.633  -0.572  4.317   1.00   33.79 ? 102  ARG A NE  1 
ATOM   511  C CZ  . ARG A 1 105 ? 18.492  -1.595  4.171   1.00   41.77 ? 102  ARG A CZ  1 
ATOM   512  N NH1 . ARG A 1 105 ? 18.080  -2.815  3.831   1.00   39.66 ? 102  ARG A NH1 1 
ATOM   513  N NH2 . ARG A 1 105 ? 19.793  -1.393  4.366   1.00   45.71 ? 102  ARG A NH2 1 
ATOM   514  N N   . HIS A 1 106 ? 15.086  2.113   8.874   1.00   15.51 ? 103  HIS A N   1 
ATOM   515  C CA  . HIS A 1 106 ? 15.500  2.932   10.016  1.00   17.27 ? 103  HIS A CA  1 
ATOM   516  C C   . HIS A 1 106 ? 14.871  2.548   11.308  1.00   16.95 ? 103  HIS A C   1 
ATOM   517  O O   . HIS A 1 106 ? 15.547  2.578   12.347  1.00   17.09 ? 103  HIS A O   1 
ATOM   518  C CB  . HIS A 1 106 ? 15.330  4.408   9.720   1.00   20.33 ? 103  HIS A CB  1 
ATOM   519  C CG  . HIS A 1 106 ? 16.165  4.885   8.561   1.00   23.13 ? 103  HIS A CG  1 
ATOM   520  N ND1 . HIS A 1 106 ? 16.192  6.156   8.175   1.00   26.44 ? 103  HIS A ND1 1 
ATOM   521  C CD2 . HIS A 1 106 ? 17.019  4.190   7.687   1.00   25.04 ? 103  HIS A CD2 1 
ATOM   522  C CE1 . HIS A 1 106 ? 17.001  6.291   7.128   1.00   25.11 ? 103  HIS A CE1 1 
ATOM   523  N NE2 . HIS A 1 106 ? 17.515  5.091   6.838   1.00   25.90 ? 103  HIS A NE2 1 
ATOM   524  N N   . CYS A 1 107 ? 13.590  2.205   11.282  1.00   15.10 ? 104  CYS A N   1 
ATOM   525  C CA  . CYS A 1 107 ? 12.866  1.743   12.484  1.00   15.81 ? 104  CYS A CA  1 
ATOM   526  C C   . CYS A 1 107 ? 13.494  0.446   13.013  1.00   17.23 ? 104  CYS A C   1 
ATOM   527  O O   . CYS A 1 107 ? 13.735  0.282   14.259  1.00   16.01 ? 104  CYS A O   1 
ATOM   528  C CB  . CYS A 1 107 ? 11.415  1.495   12.205  1.00   15.47 ? 104  CYS A CB  1 
ATOM   529  S SG  . CYS A 1 107 ? 10.486  3.008   11.915  1.00   19.98 ? 104  CYS A SG  1 
ATOM   530  N N   . VAL A 1 108 ? 13.885  -0.422  12.082  1.00   15.53 ? 105  VAL A N   1 
ATOM   531  C CA  . VAL A 1 108 ? 14.678  -1.646  12.448  1.00   15.33 ? 105  VAL A CA  1 
ATOM   532  C C   . VAL A 1 108 ? 16.048  -1.305  13.056  1.00   17.30 ? 105  VAL A C   1 
ATOM   533  O O   . VAL A 1 108 ? 16.411  -1.848  14.123  1.00   18.19 ? 105  VAL A O   1 
ATOM   534  C CB  . VAL A 1 108 ? 14.844  -2.596  11.223  1.00   16.06 ? 105  VAL A CB  1 
ATOM   535  C CG1 . VAL A 1 108 ? 15.929  -3.672  11.433  1.00   17.37 ? 105  VAL A CG1 1 
ATOM   536  C CG2 . VAL A 1 108 ? 13.519  -3.262  10.924  1.00   14.52 ? 105  VAL A CG2 1 
ATOM   537  N N   . ALA A 1 109 ? 16.752  -0.355  12.467  1.00   14.72 ? 106  ALA A N   1 
ATOM   538  C CA  . ALA A 1 109 ? 18.088  -0.038  12.953  1.00   15.93 ? 106  ALA A CA  1 
ATOM   539  C C   . ALA A 1 109 ? 18.019  0.508   14.339  1.00   17.15 ? 106  ALA A C   1 
ATOM   540  O O   . ALA A 1 109 ? 18.984  0.236   15.093  1.00   18.33 ? 106  ALA A O   1 
ATOM   541  C CB  . ALA A 1 109 ? 18.825  0.939   12.066  1.00   16.04 ? 106  ALA A CB  1 
ATOM   542  N N   . ASP A 1 110 ? 16.993  1.270   14.651  1.00   15.36 ? 107  ASP A N   1 
ATOM   543  C CA  A ASP A 1 110 ? 16.890  2.011   15.912  0.50   16.45 ? 107  ASP A CA  1 
ATOM   544  C CA  B ASP A 1 110 ? 16.945  1.976   15.940  0.50   16.77 ? 107  ASP A CA  1 
ATOM   545  C C   . ASP A 1 110 ? 16.032  1.294   16.942  1.00   15.34 ? 107  ASP A C   1 
ATOM   546  O O   . ASP A 1 110 ? 15.837  1.818   18.041  1.00   16.60 ? 107  ASP A O   1 
ATOM   547  C CB  A ASP A 1 110 ? 16.279  3.382   15.646  0.50   18.26 ? 107  ASP A CB  1 
ATOM   548  C CB  B ASP A 1 110 ? 16.620  3.475   15.762  0.50   18.85 ? 107  ASP A CB  1 
ATOM   549  C CG  A ASP A 1 110 ? 17.188  4.291   14.822  0.50   18.78 ? 107  ASP A CG  1 
ATOM   550  C CG  B ASP A 1 110 ? 15.176  3.745   15.276  0.40   20.22 ? 107  ASP A CG  1 
ATOM   551  O OD1 A ASP A 1 110 ? 18.408  4.076   14.799  0.50   20.99 ? 107  ASP A OD1 1 
ATOM   552  O OD1 B ASP A 1 110 ? 14.289  2.902   15.500  0.40   22.02 ? 107  ASP A OD1 1 
ATOM   553  O OD2 A ASP A 1 110 ? 16.668  5.237   14.218  0.50   20.40 ? 107  ASP A OD2 1 
ATOM   554  O OD2 B ASP A 1 110 ? 14.928  4.847   14.673  0.40   23.09 ? 107  ASP A OD2 1 
ATOM   555  N N   . ALA A 1 111 ? 15.493  0.108   16.615  1.00   13.83 ? 108  ALA A N   1 
ATOM   556  C CA  . ALA A 1 111 ? 14.463  -0.530  17.440  1.00   13.85 ? 108  ALA A CA  1 
ATOM   557  C C   . ALA A 1 111 ? 14.921  -0.777  18.908  1.00   13.70 ? 108  ALA A C   1 
ATOM   558  O O   . ALA A 1 111 ? 14.122  -0.625  19.847  1.00   12.65 ? 108  ALA A O   1 
ATOM   559  C CB  . ALA A 1 111 ? 14.074  -1.888  16.843  1.00   14.54 ? 108  ALA A CB  1 
ATOM   560  N N   . ALA A 1 112 ? 16.167  -1.163  19.090  1.00   13.45 ? 109  ALA A N   1 
ATOM   561  C CA  . ALA A 1 112 ? 16.591  -1.525  20.459  1.00   12.94 ? 109  ALA A CA  1 
ATOM   562  C C   . ALA A 1 112 ? 16.703  -0.277  21.337  1.00   14.28 ? 109  ALA A C   1 
ATOM   563  O O   . ALA A 1 112 ? 16.759  -0.382  22.575  1.00   13.75 ? 109  ALA A O   1 
ATOM   564  C CB  . ALA A 1 112 ? 17.947  -2.294  20.442  1.00   12.66 ? 109  ALA A CB  1 
ATOM   565  N N   . LEU A 1 113 ? 16.828  0.882   20.724  1.00   13.39 ? 110  LEU A N   1 
ATOM   566  C CA  . LEU A 1 113 ? 16.862  2.138   21.455  1.00   14.61 ? 110  LEU A CA  1 
ATOM   567  C C   . LEU A 1 113 ? 15.506  2.745   21.809  1.00   17.94 ? 110  LEU A C   1 
ATOM   568  O O   . LEU A 1 113 ? 15.403  3.681   22.592  1.00   16.96 ? 110  LEU A O   1 
ATOM   569  C CB  . LEU A 1 113 ? 17.618  3.154   20.616  1.00   14.72 ? 110  LEU A CB  1 
ATOM   570  C CG  . LEU A 1 113 ? 19.119  2.880   20.436  1.00   13.83 ? 110  LEU A CG  1 
ATOM   571  C CD1 . LEU A 1 113 ? 19.641  3.745   19.289  1.00   14.40 ? 110  LEU A CD1 1 
ATOM   572  C CD2 . LEU A 1 113 ? 20.003  3.085   21.699  1.00   13.81 ? 110  LEU A CD2 1 
ATOM   573  N N   . LYS A 1 114 ? 14.431  2.229   21.238  1.00   20.71 ? 111  LYS A N   1 
ATOM   574  C CA  . LYS A 1 114 ? 13.188  3.005   21.264  1.00   23.44 ? 111  LYS A CA  1 
ATOM   575  C C   . LYS A 1 114 ? 12.209  2.623   22.314  1.00   21.25 ? 111  LYS A C   1 
ATOM   576  O O   . LYS A 1 114 ? 11.475  3.496   22.798  1.00   25.92 ? 111  LYS A O   1 
ATOM   577  C CB  . LYS A 1 114 ? 12.524  2.973   19.892  1.00   26.70 ? 111  LYS A CB  1 
ATOM   578  C CG  . LYS A 1 114 ? 13.264  3.726   18.814  1.00   30.94 ? 111  LYS A CG  1 
ATOM   579  C CD  . LYS A 1 114 ? 13.697  5.149   19.148  1.00   34.83 ? 111  LYS A CD  1 
ATOM   580  C CE  . LYS A 1 114 ? 14.592  5.675   18.025  1.00   37.18 ? 111  LYS A CE  1 
ATOM   581  N NZ  . LYS A 1 114 ? 15.023  7.064   18.308  1.00   45.54 ? 111  LYS A NZ  1 
ATOM   582  N N   . GLY A 1 115 ? 12.139  1.368   22.706  1.00   20.09 ? 112  GLY A N   1 
ATOM   583  C CA  . GLY A 1 115 ? 11.068  1.006   23.638  1.00   23.96 ? 112  GLY A CA  1 
ATOM   584  C C   . GLY A 1 115 ? 9.752   0.616   22.928  1.00   25.31 ? 112  GLY A C   1 
ATOM   585  O O   . GLY A 1 115 ? 9.469   1.061   21.788  1.00   25.09 ? 112  GLY A O   1 
ATOM   586  N N   . GLY A 1 116 ? 8.962   -0.203  23.597  1.00   23.33 ? 113  GLY A N   1 
ATOM   587  C CA  . GLY A 1 116 ? 7.803   -0.860  22.977  1.00   24.20 ? 113  GLY A CA  1 
ATOM   588  C C   . GLY A 1 116 ? 6.738   0.134   22.538  1.00   24.86 ? 113  GLY A C   1 
ATOM   589  O O   . GLY A 1 116 ? 6.154   -0.016  21.447  1.00   24.44 ? 113  GLY A O   1 
ATOM   590  N N   . THR A 1 117 ? 6.507   1.160   23.353  1.00   24.26 ? 114  THR A N   1 
ATOM   591  C CA  . THR A 1 117 ? 5.473   2.151   23.056  1.00   26.82 ? 114  THR A CA  1 
ATOM   592  C C   . THR A 1 117 ? 5.781   2.914   21.773  1.00   24.81 ? 114  THR A C   1 
ATOM   593  O O   . THR A 1 117 ? 4.938   3.050   20.887  1.00   24.10 ? 114  THR A O   1 
ATOM   594  C CB  . THR A 1 117 ? 5.304   3.137   24.228  1.00   30.53 ? 114  THR A CB  1 
ATOM   595  O OG1 . THR A 1 117 ? 4.724   2.406   25.309  1.00   31.47 ? 114  THR A OG1 1 
ATOM   596  C CG2 . THR A 1 117 ? 4.420   4.372   23.839  1.00   30.08 ? 114  THR A CG2 1 
ATOM   597  N N   . GLU A 1 118 ? 7.008   3.396   21.670  1.00   24.27 ? 115  GLU A N   1 
ATOM   598  C CA  . GLU A 1 118 ? 7.411   4.173   20.512  1.00   23.24 ? 115  GLU A CA  1 
ATOM   599  C C   . GLU A 1 118 ? 7.440   3.282   19.254  1.00   20.23 ? 115  GLU A C   1 
ATOM   600  O O   . GLU A 1 118 ? 7.050   3.728   18.199  1.00   20.55 ? 115  GLU A O   1 
ATOM   601  C CB  . GLU A 1 118 ? 8.758   4.861   20.774  1.00   25.87 ? 115  GLU A CB  1 
ATOM   602  C CG  . GLU A 1 118 ? 9.074   5.992   19.791  1.00   31.31 ? 115  GLU A CG  1 
ATOM   603  C CD  . GLU A 1 118 ? 9.917   5.556   18.603  1.00   38.96 ? 115  GLU A CD  1 
ATOM   604  O OE1 . GLU A 1 118 ? 9.996   4.329   18.398  1.00   47.37 ? 115  GLU A OE1 1 
ATOM   605  O OE2 . GLU A 1 118 ? 10.484  6.423   17.857  1.00   40.68 ? 115  GLU A OE2 1 
ATOM   606  N N   . ILE A 1 119 ? 7.859   2.020   19.372  1.00   19.58 ? 116  ILE A N   1 
ATOM   607  C CA  . ILE A 1 119 ? 7.829   1.090   18.225  1.00   19.37 ? 116  ILE A CA  1 
ATOM   608  C C   . ILE A 1 119 ? 6.406   0.942   17.721  1.00   20.05 ? 116  ILE A C   1 
ATOM   609  O O   . ILE A 1 119 ? 6.159   1.041   16.527  1.00   18.43 ? 116  ILE A O   1 
ATOM   610  C CB  . ILE A 1 119 ? 8.350   -0.326  18.604  1.00   21.62 ? 116  ILE A CB  1 
ATOM   611  C CG1 . ILE A 1 119 ? 9.899   -0.270  18.784  1.00   21.49 ? 116  ILE A CG1 1 
ATOM   612  C CG2 . ILE A 1 119 ? 7.911   -1.374  17.549  1.00   20.58 ? 116  ILE A CG2 1 
ATOM   613  C CD1 . ILE A 1 119 ? 10.584  -1.548  19.284  1.00   21.80 ? 116  ILE A CD1 1 
ATOM   614  N N   . ASP A 1 120 ? 5.489   0.684   18.645  1.00   19.72 ? 117  ASP A N   1 
ATOM   615  C CA  . ASP A 1 120 ? 4.079   0.518   18.275  1.00   20.26 ? 117  ASP A CA  1 
ATOM   616  C C   . ASP A 1 120 ? 3.512   1.762   17.579  1.00   19.00 ? 117  ASP A C   1 
ATOM   617  O O   . ASP A 1 120 ? 2.823   1.633   16.560  1.00   18.48 ? 117  ASP A O   1 
ATOM   618  C CB  . ASP A 1 120 ? 3.254   0.157   19.515  1.00   23.12 ? 117  ASP A CB  1 
ATOM   619  C CG  . ASP A 1 120 ? 3.579   -1.235  20.045  1.00   25.73 ? 117  ASP A CG  1 
ATOM   620  O OD1 . ASP A 1 120 ? 4.293   -2.018  19.355  1.00   26.77 ? 117  ASP A OD1 1 
ATOM   621  O OD2 . ASP A 1 120 ? 3.104   -1.535  21.166  1.00   31.55 ? 117  ASP A OD2 1 
ATOM   622  N N   . ALA A 1 121 ? 3.772   2.945   18.125  1.00   17.59 ? 118  ALA A N   1 
ATOM   623  C CA  . ALA A 1 121 ? 3.331   4.170   17.528  1.00   16.91 ? 118  ALA A CA  1 
ATOM   624  C C   . ALA A 1 121 ? 3.922   4.374   16.108  1.00   16.39 ? 118  ALA A C   1 
ATOM   625  O O   . ALA A 1 121 ? 3.186   4.754   15.202  1.00   14.73 ? 118  ALA A O   1 
ATOM   626  C CB  . ALA A 1 121 ? 3.691   5.383   18.418  1.00   16.00 ? 118  ALA A CB  1 
ATOM   627  N N   . LYS A 1 122 ? 5.229   4.111   15.912  1.00   16.96 ? 119  LYS A N   1 
ATOM   628  C CA  . LYS A 1 122 ? 5.847   4.245   14.577  1.00   16.13 ? 119  LYS A CA  1 
ATOM   629  C C   . LYS A 1 122 ? 5.187   3.266   13.621  1.00   15.32 ? 119  LYS A C   1 
ATOM   630  O O   . LYS A 1 122 ? 4.914   3.581   12.460  1.00   13.73 ? 119  LYS A O   1 
ATOM   631  C CB  . LYS A 1 122 ? 7.377   3.988   14.564  1.00   17.32 ? 119  LYS A CB  1 
ATOM   632  C CG  . LYS A 1 122 ? 8.223   5.081   15.174  1.00   19.72 ? 119  LYS A CG  1 
ATOM   633  C CD  . LYS A 1 122 ? 8.180   6.373   14.322  1.00   21.54 ? 119  LYS A CD  1 
ATOM   634  C CE  . LYS A 1 122 ? 8.933   7.520   15.028  1.00   23.27 ? 119  LYS A CE  1 
ATOM   635  N NZ  . LYS A 1 122 ? 8.606   8.863   14.464  1.00   24.52 ? 119  LYS A NZ  1 
ATOM   636  N N   . VAL A 1 123 ? 4.942   2.030   14.083  1.00   14.70 ? 120  VAL A N   1 
ATOM   637  C CA  . VAL A 1 123 ? 4.352   1.019   13.153  1.00   14.86 ? 120  VAL A CA  1 
ATOM   638  C C   . VAL A 1 123 ? 2.896   1.364   12.818  1.00   14.45 ? 120  VAL A C   1 
ATOM   639  O O   . VAL A 1 123 ? 2.478   1.217   11.659  1.00   15.97 ? 120  VAL A O   1 
ATOM   640  C CB  . VAL A 1 123 ? 4.480   -0.401  13.721  1.00   16.58 ? 120  VAL A CB  1 
ATOM   641  C CG1 . VAL A 1 123 ? 3.572   -1.394  12.912  1.00   16.25 ? 120  VAL A CG1 1 
ATOM   642  C CG2 . VAL A 1 123 ? 5.955   -0.782  13.657  1.00   15.76 ? 120  VAL A CG2 1 
ATOM   643  N N   . GLU A 1 124 ? 2.139   1.871   13.798  1.00   14.74 ? 121  GLU A N   1 
ATOM   644  C CA  . GLU A 1 124 ? 0.754   2.345   13.580  1.00   15.03 ? 121  GLU A CA  1 
ATOM   645  C C   . GLU A 1 124 ? 0.758   3.490   12.551  1.00   15.17 ? 121  GLU A C   1 
ATOM   646  O O   . GLU A 1 124 ? -0.012  3.456   11.605  1.00   12.66 ? 121  GLU A O   1 
ATOM   647  C CB  . GLU A 1 124 ? 0.076   2.815   14.845  1.00   16.41 ? 121  GLU A CB  1 
ATOM   648  C CG  . GLU A 1 124 ? -1.322  3.386   14.605  0.50   18.47 ? 121  GLU A CG  1 
ATOM   649  C CD  . GLU A 1 124 ? -2.132  3.577   15.882  0.50   21.20 ? 121  GLU A CD  1 
ATOM   650  O OE1 . GLU A 1 124 ? -1.646  3.223   16.979  0.50   23.70 ? 121  GLU A OE1 1 
ATOM   651  O OE2 . GLU A 1 124 ? -3.264  4.072   15.772  0.50   24.37 ? 121  GLU A OE2 1 
ATOM   652  N N   . GLU A 1 125 ? 1.685   4.420   12.709  1.00   13.80 ? 122  GLU A N   1 
ATOM   653  C CA  . GLU A 1 125 ? 1.780   5.534   11.783  1.00   14.02 ? 122  GLU A CA  1 
ATOM   654  C C   . GLU A 1 125 ? 2.123   5.045   10.379  1.00   12.66 ? 122  GLU A C   1 
ATOM   655  O O   . GLU A 1 125 ? 1.525   5.526   9.404   1.00   13.70 ? 122  GLU A O   1 
ATOM   656  C CB  . GLU A 1 125 ? 2.873   6.505   12.236  1.00   13.77 ? 122  GLU A CB  1 
ATOM   657  C CG  . GLU A 1 125 ? 2.981   7.790   11.395  1.00   14.00 ? 122  GLU A CG  1 
ATOM   658  C CD  . GLU A 1 125 ? 4.176   8.647   11.800  1.00   13.81 ? 122  GLU A CD  1 
ATOM   659  O OE1 . GLU A 1 125 ? 5.307   8.085   12.081  1.00   14.59 ? 122  GLU A OE1 1 
ATOM   660  O OE2 . GLU A 1 125 ? 3.965   9.884   11.773  1.00   15.22 ? 122  GLU A OE2 1 
ATOM   661  N N   . ALA A 1 126 ? 3.076   4.151   10.238  1.00   11.99 ? 123  ALA A N   1 
ATOM   662  C CA  . ALA A 1 126 ? 3.462   3.645   8.902   1.00   12.92 ? 123  ALA A CA  1 
ATOM   663  C C   . ALA A 1 126 ? 2.283   2.889   8.247   1.00   12.21 ? 123  ALA A C   1 
ATOM   664  O O   . ALA A 1 126 ? 2.025   3.000   7.038   1.00   14.39 ? 123  ALA A O   1 
ATOM   665  C CB  . ALA A 1 126 ? 4.680   2.754   9.007   1.00   12.64 ? 123  ALA A CB  1 
ATOM   666  N N   . THR A 1 127 ? 1.548   2.152   9.075   1.00   13.46 ? 124  THR A N   1 
ATOM   667  C CA  . THR A 1 127 ? 0.450   1.374   8.585   1.00   14.31 ? 124  THR A CA  1 
ATOM   668  C C   . THR A 1 127 ? -0.635  2.344   8.049   1.00   14.12 ? 124  THR A C   1 
ATOM   669  O O   . THR A 1 127 ? -1.232  2.089   6.996   1.00   15.80 ? 124  THR A O   1 
ATOM   670  C CB  . THR A 1 127 ? -0.163  0.478   9.683   1.00   16.26 ? 124  THR A CB  1 
ATOM   671  O OG1 . THR A 1 127 ? 0.832   -0.446  10.138  1.00   17.67 ? 124  THR A OG1 1 
ATOM   672  C CG2 . THR A 1 127 ? -1.423  -0.368  9.060   1.00   16.60 ? 124  THR A CG2 1 
ATOM   673  N N   . LYS A 1 128 ? -0.900  3.427   8.754   1.00   14.12 ? 125  LYS A N   1 
ATOM   674  C CA  . LYS A 1 128 ? -1.838  4.412   8.276   1.00   14.60 ? 125  LYS A CA  1 
ATOM   675  C C   . LYS A 1 128 ? -1.417  5.065   6.920   1.00   15.25 ? 125  LYS A C   1 
ATOM   676  O O   . LYS A 1 128 ? -2.241  5.208   6.001   1.00   14.94 ? 125  LYS A O   1 
ATOM   677  C CB  . LYS A 1 128 ? -2.134  5.479   9.319   1.00   16.73 ? 125  LYS A CB  1 
ATOM   678  C CG  . LYS A 1 128 ? -2.983  4.992   10.489  1.00   16.29 ? 125  LYS A CG  1 
ATOM   679  C CD  . LYS A 1 128 ? -3.152  6.025   11.577  1.00   18.12 ? 125  LYS A CD  1 
ATOM   680  C CE  . LYS A 1 128 ? -3.810  5.359   12.788  0.50   19.14 ? 125  LYS A CE  1 
ATOM   681  N NZ  . LYS A 1 128 ? -4.191  6.344   13.828  0.50   19.56 ? 125  LYS A NZ  1 
ATOM   682  N N   . ALA A 1 129 ? -0.131  5.415   6.816   1.00   13.58 ? 126  ALA A N   1 
ATOM   683  C CA  . ALA A 1 129 ? 0.422   5.948   5.579   1.00   13.48 ? 126  ALA A CA  1 
ATOM   684  C C   . ALA A 1 129 ? 0.256   4.898   4.475   1.00   14.46 ? 126  ALA A C   1 
ATOM   685  O O   . ALA A 1 129 ? -0.064  5.242   3.348   1.00   14.24 ? 126  ALA A O   1 
ATOM   686  C CB  . ALA A 1 129 ? 1.903   6.334   5.711   1.00   13.84 ? 126  ALA A CB  1 
ATOM   687  N N   . ILE A 1 130 ? 0.454   3.621   4.801   1.00   14.59 ? 127  ILE A N   1 
ATOM   688  C CA  . ILE A 1 130 ? 0.313   2.549   3.807   1.00   16.17 ? 127  ILE A CA  1 
ATOM   689  C C   . ILE A 1 130 ? -1.161  2.482   3.370   1.00   17.83 ? 127  ILE A C   1 
ATOM   690  O O   . ILE A 1 130 ? -1.462  2.370   2.177   1.00   17.25 ? 127  ILE A O   1 
ATOM   691  C CB  . ILE A 1 130 ? 0.782   1.202   4.334   1.00   17.45 ? 127  ILE A CB  1 
ATOM   692  C CG1 . ILE A 1 130 ? 2.322   1.156   4.495   1.00   19.09 ? 127  ILE A CG1 1 
ATOM   693  C CG2 . ILE A 1 130 ? 0.335   0.061   3.397   1.00   17.93 ? 127  ILE A CG2 1 
ATOM   694  C CD1 . ILE A 1 130 ? 2.806   0.096   5.465   1.00   18.20 ? 127  ILE A CD1 1 
ATOM   695  N N   . GLY A 1 131 ? -2.065  2.593   4.322   1.00   16.80 ? 128  GLY A N   1 
ATOM   696  C CA  . GLY A 1 131 ? -3.511  2.633   4.011   1.00   17.52 ? 128  GLY A CA  1 
ATOM   697  C C   . GLY A 1 131 ? -3.875  3.772   3.065   1.00   18.44 ? 128  GLY A C   1 
ATOM   698  O O   . GLY A 1 131 ? -4.608  3.564   2.086   1.00   19.63 ? 128  GLY A O   1 
ATOM   699  N N   . ARG A 1 132 ? -3.275  4.942   3.279   1.00   17.27 ? 129  ARG A N   1 
ATOM   700  C CA  . ARG A 1 132 ? -3.589  6.105   2.475   1.00   18.78 ? 129  ARG A CA  1 
ATOM   701  C C   . ARG A 1 132 ? -3.028  5.869   1.043   1.00   18.58 ? 129  ARG A C   1 
ATOM   702  O O   . ARG A 1 132 ? -3.722  6.155   0.040   1.00   18.40 ? 129  ARG A O   1 
ATOM   703  C CB  . ARG A 1 132 ? -3.089  7.363   3.172   1.00   20.44 ? 129  ARG A CB  1 
ATOM   704  C CG  . ARG A 1 132 ? -3.122  8.652   2.365   1.00   24.55 ? 129  ARG A CG  1 
ATOM   705  C CD  . ARG A 1 132 ? -4.486  9.303   2.277   1.00   27.39 ? 129  ARG A CD  1 
ATOM   706  N NE  . ARG A 1 132 ? -4.361  10.411  1.328   0.50   27.18 ? 129  ARG A NE  1 
ATOM   707  C CZ  . ARG A 1 132 ? -5.326  10.986  0.621   0.50   27.61 ? 129  ARG A CZ  1 
ATOM   708  N NH1 . ARG A 1 132 ? -6.611  10.631  0.747   0.50   25.92 ? 129  ARG A NH1 1 
ATOM   709  N NH2 . ARG A 1 132 ? -4.963  11.964  -0.222  0.50   24.50 ? 129  ARG A NH2 1 
ATOM   710  N N   . LEU A 1 133 ? -1.828  5.314   0.959   1.00   17.88 ? 130  LEU A N   1 
ATOM   711  C CA  . LEU A 1 133 ? -1.216  4.879   -0.307  1.00   22.38 ? 130  LEU A CA  1 
ATOM   712  C C   . LEU A 1 133 ? -2.081  3.868   -1.060  1.00   23.40 ? 130  LEU A C   1 
ATOM   713  O O   . LEU A 1 133 ? -2.268  3.978   -2.305  1.00   22.89 ? 130  LEU A O   1 
ATOM   714  C CB  . LEU A 1 133 ? 0.163   4.281   -0.068  1.00   24.74 ? 130  LEU A CB  1 
ATOM   715  C CG  . LEU A 1 133 ? 1.074   3.846   -1.219  1.00   29.31 ? 130  LEU A CG  1 
ATOM   716  C CD1 . LEU A 1 133 ? 1.207   4.934   -2.277  1.00   34.41 ? 130  LEU A CD1 1 
ATOM   717  C CD2 . LEU A 1 133 ? 2.472   3.518   -0.676  1.00   32.20 ? 130  LEU A CD2 1 
ATOM   718  N N   . LEU A 1 134 ? -2.630  2.911   -0.345  1.00   21.13 ? 131  LEU A N   1 
ATOM   719  C CA  . LEU A 1 134 ? -3.511  1.934   -0.968  1.00   22.53 ? 131  LEU A CA  1 
ATOM   720  C C   . LEU A 1 134 ? -4.777  2.504   -1.598  1.00   22.80 ? 131  LEU A C   1 
ATOM   721  O O   . LEU A 1 134 ? -5.340  1.892   -2.512  1.00   25.83 ? 131  LEU A O   1 
ATOM   722  C CB  . LEU A 1 134 ? -3.801  0.793   0.001   1.00   23.06 ? 131  LEU A CB  1 
ATOM   723  C CG  . LEU A 1 134 ? -2.627  -0.144  0.383   1.00   24.84 ? 131  LEU A CG  1 
ATOM   724  C CD1 . LEU A 1 134 ? -3.139  -1.153  1.400   1.00   25.33 ? 131  LEU A CD1 1 
ATOM   725  C CD2 . LEU A 1 134 ? -1.925  -0.822  -0.793  1.00   24.17 ? 131  LEU A CD2 1 
ATOM   726  N N   . ARG A 1 135 ? -5.254  3.626   -1.089  1.00   24.84 ? 132  ARG A N   1 
ATOM   727  C CA  . ARG A 1 135 ? -6.488  4.254   -1.513  1.00   32.14 ? 132  ARG A CA  1 
ATOM   728  C C   . ARG A 1 135 ? -6.291  5.139   -2.723  1.00   43.23 ? 132  ARG A C   1 
ATOM   729  O O   . ARG A 1 135 ? -7.256  5.781   -3.178  1.00   43.70 ? 132  ARG A O   1 
ATOM   730  C CB  . ARG A 1 135 ? -7.071  5.133   -0.411  1.00   36.96 ? 132  ARG A CB  1 
ATOM   731  C CG  . ARG A 1 135 ? -7.874  4.416   0.627   1.00   40.66 ? 132  ARG A CG  1 
ATOM   732  C CD  . ARG A 1 135 ? -8.542  5.435   1.552   1.00   46.69 ? 132  ARG A CD  1 
ATOM   733  N NE  . ARG A 1 135 ? -7.639  6.042   2.537   1.00   49.61 ? 132  ARG A NE  1 
ATOM   734  C CZ  . ARG A 1 135 ? -7.203  5.443   3.658   1.00   50.37 ? 132  ARG A CZ  1 
ATOM   735  N NH1 . ARG A 1 135 ? -7.562  4.190   3.970   1.00   53.49 ? 132  ARG A NH1 1 
ATOM   736  N NH2 . ARG A 1 135 ? -6.396  6.097   4.480   1.00   43.76 ? 132  ARG A NH2 1 
ATOM   737  N N   . THR A 1 136 ? -5.048  5.213   -3.199  1.00   47.30 ? 133  THR A N   1 
ATOM   738  C CA  . THR A 1 136 ? -4.766  5.701   -4.547  1.00   51.35 ? 133  THR A CA  1 
ATOM   739  C C   . THR A 1 136 ? -4.376  4.465   -5.381  1.00   57.70 ? 133  THR A C   1 
ATOM   740  O O   . THR A 1 136 ? -3.494  4.506   -6.234  1.00   60.79 ? 133  THR A O   1 
ATOM   741  C CB  . THR A 1 136 ? -3.668  6.803   -4.579  1.00   50.20 ? 133  THR A CB  1 
ATOM   742  O OG1 . THR A 1 136 ? -3.613  7.542   -3.330  0.50   45.49 ? 133  THR A OG1 1 
ATOM   743  C CG2 . THR A 1 136 ? -3.930  7.744   -5.705  0.50   47.24 ? 133  THR A CG2 1 
ATOM   744  O OXT . THR A 1 136 ? -4.947  3.356   -5.239  1.00   70.77 ? 133  THR A OXT 1 
ATOM   745  N N   . TYR B 1 47  ? -2.214  -13.779 19.609  1.00   58.73 ? 44   TYR B N   1 
ATOM   746  C CA  . TYR B 1 47  ? -2.092  -14.578 18.357  1.00   64.04 ? 44   TYR B CA  1 
ATOM   747  C C   . TYR B 1 47  ? -3.371  -15.362 18.126  1.00   65.54 ? 44   TYR B C   1 
ATOM   748  O O   . TYR B 1 47  ? -3.869  -15.394 17.010  1.00   63.85 ? 44   TYR B O   1 
ATOM   749  C CB  . TYR B 1 47  ? -0.896  -15.536 18.411  1.00   63.25 ? 44   TYR B CB  1 
ATOM   750  C CG  . TYR B 1 47  ? -0.543  -16.132 17.070  0.0000 62.95 ? 44   TYR B CG  1 
ATOM   751  C CD1 . TYR B 1 47  ? -0.060  -15.332 16.041  0.0000 62.86 ? 44   TYR B CD1 1 
ATOM   752  C CD2 . TYR B 1 47  ? -0.690  -17.490 16.829  0.0000 62.77 ? 44   TYR B CD2 1 
ATOM   753  C CE1 . TYR B 1 47  ? 0.264   -15.869 14.811  0.0000 62.73 ? 44   TYR B CE1 1 
ATOM   754  C CE2 . TYR B 1 47  ? -0.367  -18.035 15.604  0.0000 62.71 ? 44   TYR B CE2 1 
ATOM   755  C CZ  . TYR B 1 47  ? 0.108   -17.220 14.598  0.0000 62.70 ? 44   TYR B CZ  1 
ATOM   756  O OH  . TYR B 1 47  ? 0.432   -17.756 13.374  0.0000 62.66 ? 44   TYR B OH  1 
ATOM   757  N N   . HIS B 1 48  ? -3.884  -15.992 19.187  1.00   63.69 ? 45   HIS B N   1 
ATOM   758  C CA  . HIS B 1 48  ? -5.194  -16.666 19.180  1.00   59.22 ? 45   HIS B CA  1 
ATOM   759  C C   . HIS B 1 48  ? -6.391  -15.718 19.048  1.00   57.32 ? 45   HIS B C   1 
ATOM   760  O O   . HIS B 1 48  ? -7.372  -16.052 18.371  1.00   51.36 ? 45   HIS B O   1 
ATOM   761  C CB  . HIS B 1 48  ? -5.339  -17.530 20.434  1.00   58.00 ? 45   HIS B CB  1 
ATOM   762  C CG  . HIS B 1 48  ? -4.495  -18.591 20.776  0.0000 20.00 ? 45   HIS B CG  1 
ATOM   763  N ND1 . HIS B 1 48  ? -4.411  -19.718 19.985  0.0000 20.00 ? 45   HIS B ND1 1 
ATOM   764  C CD2 . HIS B 1 48  ? -3.523  -18.715 21.709  0.0000 20.00 ? 45   HIS B CD2 1 
ATOM   765  C CE1 . HIS B 1 48  ? -3.431  -20.489 20.422  0.0000 20.00 ? 45   HIS B CE1 1 
ATOM   766  N NE2 . HIS B 1 48  ? -2.876  -19.905 21.467  0.0000 20.00 ? 45   HIS B NE2 1 
ATOM   767  N N   . LYS B 1 49  ? -6.344  -14.543 19.689  1.00   52.38 ? 46   LYS B N   1 
ATOM   768  C CA  . LYS B 1 49  ? -7.423  -13.533 19.539  1.00   49.38 ? 46   LYS B CA  1 
ATOM   769  C C   . LYS B 1 49  ? -7.381  -12.890 18.150  1.00   45.42 ? 46   LYS B C   1 
ATOM   770  O O   . LYS B 1 49  ? -8.431  -12.688 17.515  1.00   42.39 ? 46   LYS B O   1 
ATOM   771  C CB  . LYS B 1 49  ? -7.340  -12.431 20.606  1.00   46.91 ? 46   LYS B CB  1 
ATOM   772  C CG  . LYS B 1 49  ? -7.683  -12.919 21.973  0.0000 20.00 ? 46   LYS B CG  1 
ATOM   773  C CD  . LYS B 1 49  ? -7.570  -11.787 22.981  0.0000 20.00 ? 46   LYS B CD  1 
ATOM   774  C CE  . LYS B 1 49  ? -7.917  -12.259 24.383  0.0000 20.00 ? 46   LYS B CE  1 
ATOM   775  N NZ  . LYS B 1 49  ? -7.786  -11.166 25.385  0.0000 20.00 ? 46   LYS B NZ  1 
ATOM   776  N N   . GLN B 1 50  ? -6.172  -12.551 17.701  1.00   41.40 ? 47   GLN B N   1 
ATOM   777  C CA  . GLN B 1 50  ? -5.990  -11.978 16.362  1.00   41.77 ? 47   GLN B CA  1 
ATOM   778  C C   . GLN B 1 50  ? -6.429  -12.991 15.304  1.00   34.97 ? 47   GLN B C   1 
ATOM   779  O O   . GLN B 1 50  ? -7.061  -12.628 14.348  1.00   31.20 ? 47   GLN B O   1 
ATOM   780  C CB  . GLN B 1 50  ? -4.549  -11.520 16.143  1.00   42.03 ? 47   GLN B CB  1 
ATOM   781  C CG  . GLN B 1 50  ? -4.181  -10.440 17.143  1.00   46.36 ? 47   GLN B CG  1 
ATOM   782  C CD  . GLN B 1 50  ? -3.022  -9.583  16.698  1.00   51.59 ? 47   GLN B CD  1 
ATOM   783  O OE1 . GLN B 1 50  ? -3.208  -8.447  16.237  1.00   53.03 ? 47   GLN B OE1 1 
ATOM   784  N NE2 . GLN B 1 50  ? -1.821  -10.113 16.831  1.00   50.76 ? 47   GLN B NE2 1 
ATOM   785  N N   . LYS B 1 51  ? -6.138  -14.264 15.514  1.00   34.72 ? 48   LYS B N   1 
ATOM   786  C CA  . LYS B 1 51  ? -6.587  -15.269 14.591  1.00   36.61 ? 48   LYS B CA  1 
ATOM   787  C C   . LYS B 1 51  ? -8.121  -15.263 14.498  1.00   35.90 ? 48   LYS B C   1 
ATOM   788  O O   . LYS B 1 51  ? -8.703  -15.268 13.369  1.00   30.68 ? 48   LYS B O   1 
ATOM   789  C CB  . LYS B 1 51  ? -6.049  -16.617 15.000  1.00   35.72 ? 48   LYS B CB  1 
ATOM   790  C CG  . LYS B 1 51  ? -6.494  -17.754 14.108  1.00   36.37 ? 48   LYS B CG  1 
ATOM   791  C CD  . LYS B 1 51  ? -5.707  -18.956 14.499  1.00   35.03 ? 48   LYS B CD  1 
ATOM   792  C CE  . LYS B 1 51  ? -6.137  -20.157 13.741  1.00   37.27 ? 48   LYS B CE  1 
ATOM   793  N NZ  . LYS B 1 51  ? -5.107  -21.181 14.028  1.00   39.49 ? 48   LYS B NZ  1 
ATOM   794  N N   . ALA B 1 52  ? -8.794  -15.234 15.651  1.00   31.31 ? 49   ALA B N   1 
ATOM   795  C CA  . ALA B 1 52  ? -10.275 -15.205 15.650  1.00   32.47 ? 49   ALA B CA  1 
ATOM   796  C C   . ALA B 1 52  ? -10.770 -14.001 14.861  1.00   30.69 ? 49   ALA B C   1 
ATOM   797  O O   . ALA B 1 52  ? -11.771 -14.078 14.142  1.00   27.76 ? 49   ALA B O   1 
ATOM   798  C CB  . ALA B 1 52  ? -10.860 -15.165 17.072  1.00   27.91 ? 49   ALA B CB  1 
ATOM   799  N N   . GLU B 1 53  ? -10.087 -12.870 15.023  1.00   31.40 ? 50   GLU B N   1 
ATOM   800  C CA  . GLU B 1 53  ? -10.548 -11.615 14.433  1.00   31.71 ? 50   GLU B CA  1 
ATOM   801  C C   . GLU B 1 53  ? -10.284 -11.667 12.898  1.00   26.23 ? 50   GLU B C   1 
ATOM   802  O O   . GLU B 1 53  ? -11.099 -11.230 12.116  1.00   27.14 ? 50   GLU B O   1 
ATOM   803  C CB  . GLU B 1 53  ? -9.841  -10.432 15.109  1.00   36.75 ? 50   GLU B CB  1 
ATOM   804  C CG  . GLU B 1 53  ? -10.541 -9.098  14.939  1.00   42.36 ? 50   GLU B CG  1 
ATOM   805  C CD  . GLU B 1 53  ? -10.144 -8.324  13.674  1.00   47.75 ? 50   GLU B CD  1 
ATOM   806  O OE1 . GLU B 1 53  ? -9.093  -8.651  13.054  1.00   51.08 ? 50   GLU B OE1 1 
ATOM   807  O OE2 . GLU B 1 53  ? -10.892 -7.370  13.316  1.00   51.85 ? 50   GLU B OE2 1 
ATOM   808  N N   . HIS B 1 54  ? -9.183  -12.275 12.497  1.00   25.49 ? 51   HIS B N   1 
ATOM   809  C CA  . HIS B 1 54  ? -8.910  -12.524 11.073  1.00   26.17 ? 51   HIS B CA  1 
ATOM   810  C C   . HIS B 1 54  ? -9.959  -13.416 10.435  1.00   25.40 ? 51   HIS B C   1 
ATOM   811  O O   . HIS B 1 54  ? -10.434 -13.140 9.323   1.00   22.41 ? 51   HIS B O   1 
ATOM   812  C CB  . HIS B 1 54  ? -7.555  -13.120 10.875  1.00   26.40 ? 51   HIS B CB  1 
ATOM   813  C CG  . HIS B 1 54  ? -6.450  -12.219 11.357  1.00   26.47 ? 51   HIS B CG  1 
ATOM   814  N ND1 . HIS B 1 54  ? -5.188  -12.633 11.448  1.00   27.72 ? 51   HIS B ND1 1 
ATOM   815  C CD2 . HIS B 1 54  ? -6.484  -10.900 11.815  1.00   27.49 ? 51   HIS B CD2 1 
ATOM   816  C CE1 . HIS B 1 54  ? -4.428  -11.630 11.926  1.00   29.34 ? 51   HIS B CE1 1 
ATOM   817  N NE2 . HIS B 1 54  ? -5.225  -10.568 12.165  1.00   29.70 ? 51   HIS B NE2 1 
ATOM   818  N N   . LEU B 1 55  ? -10.342 -14.482 11.128  1.00   24.64 ? 52   LEU B N   1 
ATOM   819  C CA  . LEU B 1 55  ? -11.382 -15.383 10.604  1.00   24.48 ? 52   LEU B CA  1 
ATOM   820  C C   . LEU B 1 55  ? -12.740 -14.682 10.489  1.00   21.77 ? 52   LEU B C   1 
ATOM   821  O O   . LEU B 1 55  ? -13.469 -14.877 9.504   1.00   23.82 ? 52   LEU B O   1 
ATOM   822  C CB  . LEU B 1 55  ? -11.448 -16.681 11.447  1.00   24.25 ? 52   LEU B CB  1 
ATOM   823  C CG  . LEU B 1 55  ? -10.212 -17.617 11.337  1.00   25.45 ? 52   LEU B CG  1 
ATOM   824  C CD1 . LEU B 1 55  ? -10.283 -18.809 12.297  1.00   28.42 ? 52   LEU B CD1 1 
ATOM   825  C CD2 . LEU B 1 55  ? -9.980  -18.138 9.927   1.00   24.88 ? 52   LEU B CD2 1 
ATOM   826  N N   . LYS B 1 56  ? -13.110 -13.849 11.441  1.00   21.43 ? 53   LYS B N   1 
ATOM   827  C CA  . LYS B 1 56  ? -14.405 -13.157 11.378  1.00   22.84 ? 53   LYS B CA  1 
ATOM   828  C C   . LYS B 1 56  ? -14.437 -12.176 10.192  1.00   22.46 ? 53   LYS B C   1 
ATOM   829  O O   . LYS B 1 56  ? -15.420 -12.107 9.465   1.00   20.47 ? 53   LYS B O   1 
ATOM   830  C CB  . LYS B 1 56  ? -14.709 -12.376 12.626  1.00   25.33 ? 53   LYS B CB  1 
ATOM   831  C CG  . LYS B 1 56  ? -14.603 -12.869 13.985  0.0000 42.55 ? 53   LYS B CG  1 
ATOM   832  C CD  . LYS B 1 56  ? -14.359 -11.784 15.065  0.0000 44.81 ? 53   LYS B CD  1 
ATOM   833  C CE  . LYS B 1 56  ? -13.845 -12.308 16.416  0.0000 47.08 ? 53   LYS B CE  1 
ATOM   834  N NZ  . LYS B 1 56  ? -14.797 -13.278 17.050  0.0000 47.60 ? 53   LYS B NZ  1 
ATOM   835  N N   . ARG B 1 57  ? -13.338 -11.449 9.990   1.00   22.15 ? 54   ARG B N   1 
ATOM   836  C CA  . ARG B 1 57  ? -13.228 -10.598 8.781   1.00   21.51 ? 54   ARG B CA  1 
ATOM   837  C C   . ARG B 1 57  ? -13.450 -11.397 7.513   1.00   18.65 ? 54   ARG B C   1 
ATOM   838  O O   . ARG B 1 57  ? -14.192 -10.964 6.627   1.00   18.84 ? 54   ARG B O   1 
ATOM   839  C CB  . ARG B 1 57  ? -11.820 -9.967  8.683   1.00   23.31 ? 54   ARG B CB  1 
ATOM   840  C CG  . ARG B 1 57  ? -11.661 -8.763  9.589   1.00   27.07 ? 54   ARG B CG  1 
ATOM   841  C CD  . ARG B 1 57  ? -10.225 -8.258  9.421   1.00   32.34 ? 54   ARG B CD  1 
ATOM   842  N NE  . ARG B 1 57  ? -9.920  -7.122  10.277  1.00   37.34 ? 54   ARG B NE  1 
ATOM   843  C CZ  . ARG B 1 57  ? -10.116 -5.840  9.963   1.00   39.06 ? 54   ARG B CZ  1 
ATOM   844  N NH1 . ARG B 1 57  ? -10.651 -5.441  8.782   1.00   33.53 ? 54   ARG B NH1 1 
ATOM   845  N NH2 . ARG B 1 57  ? -9.777  -4.938  10.863  1.00   39.21 ? 54   ARG B NH2 1 
ATOM   846  N N   . LEU B 1 58  ? -12.821 -12.554 7.413   1.00   17.37 ? 55   LEU B N   1 
ATOM   847  C CA  . LEU B 1 58  ? -12.935 -13.343 6.206   1.00   17.65 ? 55   LEU B CA  1 
ATOM   848  C C   . LEU B 1 58  ? -14.335 -13.961 6.042   1.00   18.24 ? 55   LEU B C   1 
ATOM   849  O O   . LEU B 1 58  ? -14.796 -14.145 4.897   1.00   17.74 ? 55   LEU B O   1 
ATOM   850  C CB  . LEU B 1 58  ? -11.860 -14.409 6.097   1.00   16.53 ? 55   LEU B CB  1 
ATOM   851  C CG  . LEU B 1 58  ? -10.424 -13.895 5.899   1.00   16.50 ? 55   LEU B CG  1 
ATOM   852  C CD1 . LEU B 1 58  ? -9.419  -15.040 5.945   1.00   16.52 ? 55   LEU B CD1 1 
ATOM   853  C CD2 . LEU B 1 58  ? -10.334 -13.203 4.529   1.00   16.14 ? 55   LEU B CD2 1 
ATOM   854  N N   . ARG B 1 59  ? -14.988 -14.333 7.140   1.00   20.38 ? 56   ARG B N   1 
ATOM   855  C CA  A ARG B 1 59  ? -16.411 -14.772 7.043   0.70   22.39 ? 56   ARG B CA  1 
ATOM   856  C CA  B ARG B 1 59  ? -16.404 -14.764 7.066   0.30   20.87 ? 56   ARG B CA  1 
ATOM   857  C C   . ARG B 1 59  ? -17.294 -13.687 6.435   1.00   20.90 ? 56   ARG B C   1 
ATOM   858  O O   . ARG B 1 59  ? -18.144 -13.978 5.601   1.00   18.50 ? 56   ARG B O   1 
ATOM   859  C CB  A ARG B 1 59  ? -16.991 -15.103 8.419   0.70   25.07 ? 56   ARG B CB  1 
ATOM   860  C CB  B ARG B 1 59  ? -16.960 -15.085 8.460   0.30   21.96 ? 56   ARG B CB  1 
ATOM   861  C CG  A ARG B 1 59  ? -16.699 -16.498 8.880   0.70   28.26 ? 56   ARG B CG  1 
ATOM   862  C CG  B ARG B 1 59  ? -16.171 -16.126 9.221   0.30   22.79 ? 56   ARG B CG  1 
ATOM   863  C CD  A ARG B 1 59  ? -17.168 -16.658 10.331  0.70   28.70 ? 56   ARG B CD  1 
ATOM   864  C CD  B ARG B 1 59  ? -17.103 -17.107 9.914   0.30   23.57 ? 56   ARG B CD  1 
ATOM   865  N NE  A ARG B 1 59  ? -18.612 -16.494 10.538  0.70   27.04 ? 56   ARG B NE  1 
ATOM   866  N NE  B ARG B 1 59  ? -17.641 -16.609 11.161  0.30   23.20 ? 56   ARG B NE  1 
ATOM   867  C CZ  A ARG B 1 59  ? -19.187 -16.654 11.747  0.70   29.89 ? 56   ARG B CZ  1 
ATOM   868  C CZ  B ARG B 1 59  ? -16.924 -16.389 12.260  0.30   22.48 ? 56   ARG B CZ  1 
ATOM   869  N NH1 A ARG B 1 59  ? -18.430 -16.917 12.823  0.70   29.99 ? 56   ARG B NH1 1 
ATOM   870  N NH1 B ARG B 1 59  ? -15.617 -16.598 12.282  0.30   22.52 ? 56   ARG B NH1 1 
ATOM   871  N NH2 A ARG B 1 59  ? -20.496 -16.528 11.910  0.70   27.91 ? 56   ARG B NH2 1 
ATOM   872  N NH2 B ARG B 1 59  ? -17.530 -15.952 13.341  0.30   23.17 ? 56   ARG B NH2 1 
ATOM   873  N N   . ARG B 1 60  ? -17.100 -12.451 6.858   1.00   18.44 ? 57   ARG B N   1 
ATOM   874  C CA  . ARG B 1 60  ? -17.908 -11.354 6.363   1.00   18.66 ? 57   ARG B CA  1 
ATOM   875  C C   . ARG B 1 60  ? -17.591 -11.159 4.864   1.00   17.00 ? 57   ARG B C   1 
ATOM   876  O O   . ARG B 1 60  ? -18.505 -10.884 4.109   1.00   16.57 ? 57   ARG B O   1 
ATOM   877  C CB  . ARG B 1 60  ? -17.659 -10.078 7.171   1.00   20.76 ? 57   ARG B CB  1 
ATOM   878  C CG  . ARG B 1 60  ? -18.316 -10.061 8.556   1.00   23.78 ? 57   ARG B CG  1 
ATOM   879  C CD  . ARG B 1 60  ? -17.585 -9.221  9.598   0.50   24.96 ? 57   ARG B CD  1 
ATOM   880  N NE  . ARG B 1 60  ? -16.668 -8.265  9.008   0.50   26.57 ? 57   ARG B NE  1 
ATOM   881  C CZ  . ARG B 1 60  ? -15.656 -7.706  9.657   0.50   27.06 ? 57   ARG B CZ  1 
ATOM   882  N NH1 . ARG B 1 60  ? -15.439 -7.983  10.950  0.50   28.50 ? 57   ARG B NH1 1 
ATOM   883  N NH2 . ARG B 1 60  ? -14.889 -6.859  9.009   0.50   25.32 ? 57   ARG B NH2 1 
ATOM   884  N N   . ILE B 1 61  ? -16.313 -11.265 4.462   1.00   15.88 ? 58   ILE B N   1 
ATOM   885  C CA  . ILE B 1 61  ? -15.935 -11.114 3.061   1.00   15.76 ? 58   ILE B CA  1 
ATOM   886  C C   . ILE B 1 61  ? -16.577 -12.209 2.236   1.00   16.15 ? 58   ILE B C   1 
ATOM   887  O O   . ILE B 1 61  ? -17.118 -11.936 1.125   1.00   15.28 ? 58   ILE B O   1 
ATOM   888  C CB  . ILE B 1 61  ? -14.413 -11.066 2.838   1.00   15.32 ? 58   ILE B CB  1 
ATOM   889  C CG1 . ILE B 1 61  ? -13.860 -9.775  3.461   1.00   15.51 ? 58   ILE B CG1 1 
ATOM   890  C CG2 . ILE B 1 61  ? -14.064 -11.175 1.351   1.00   16.01 ? 58   ILE B CG2 1 
ATOM   891  C CD1 . ILE B 1 61  ? -12.377 -9.825  3.751   1.00   15.80 ? 58   ILE B CD1 1 
ATOM   892  N N   . GLU B 1 62  ? -16.615 -13.434 2.767   1.00   15.47 ? 59   GLU B N   1 
ATOM   893  C CA  A GLU B 1 62  ? -17.226 -14.510 1.981   0.50   15.05 ? 59   GLU B CA  1 
ATOM   894  C CA  B GLU B 1 62  ? -17.290 -14.536 2.055   0.50   15.83 ? 59   GLU B CA  1 
ATOM   895  C C   . GLU B 1 62  ? -18.737 -14.215 1.830   1.00   14.75 ? 59   GLU B C   1 
ATOM   896  O O   . GLU B 1 62  ? -19.307 -14.447 0.724   1.00   14.74 ? 59   GLU B O   1 
ATOM   897  C CB  A GLU B 1 62  ? -16.829 -15.905 2.539   0.50   14.66 ? 59   GLU B CB  1 
ATOM   898  C CB  B GLU B 1 62  ? -17.178 -15.843 2.834   0.50   16.74 ? 59   GLU B CB  1 
ATOM   899  C CG  A GLU B 1 62  ? -17.469 -17.101 1.839   0.30   14.02 ? 59   GLU B CG  1 
ATOM   900  C CG  B GLU B 1 62  ? -15.829 -16.490 2.673   0.30   16.75 ? 59   GLU B CG  1 
ATOM   901  C CD  A GLU B 1 62  ? -16.899 -17.426 0.468   0.30   13.61 ? 59   GLU B CD  1 
ATOM   902  C CD  B GLU B 1 62  ? -15.741 -17.876 3.263   0.30   18.60 ? 59   GLU B CD  1 
ATOM   903  O OE1 A GLU B 1 62  ? -16.301 -16.541 -0.178  0.30   12.45 ? 59   GLU B OE1 1 
ATOM   904  O OE1 B GLU B 1 62  ? -16.767 -18.502 3.576   0.30   19.85 ? 59   GLU B OE1 1 
ATOM   905  O OE2 A GLU B 1 62  ? -17.107 -18.564 0.006   0.30   13.86 ? 59   GLU B OE2 1 
ATOM   906  O OE2 B GLU B 1 62  ? -14.601 -18.350 3.390   0.30   18.97 ? 59   GLU B OE2 1 
ATOM   907  N N   . GLY B 1 63  ? -19.379 -13.684 2.867   1.00   15.24 ? 60   GLY B N   1 
ATOM   908  C CA  . GLY B 1 63  ? -20.751 -13.218 2.805   1.00   17.08 ? 60   GLY B CA  1 
ATOM   909  C C   . GLY B 1 63  ? -20.986 -12.229 1.696   1.00   18.31 ? 60   GLY B C   1 
ATOM   910  O O   . GLY B 1 63  ? -21.976 -12.316 0.971   1.00   18.38 ? 60   GLY B O   1 
ATOM   911  N N   . GLN B 1 64  ? -20.078 -11.264 1.578   1.00   16.45 ? 61   GLN B N   1 
ATOM   912  C CA  . GLN B 1 64  ? -20.155 -10.293 0.492   1.00   16.88 ? 61   GLN B CA  1 
ATOM   913  C C   . GLN B 1 64  ? -20.054 -10.899 -0.884  1.00   14.64 ? 61   GLN B C   1 
ATOM   914  O O   . GLN B 1 64  ? -20.787 -10.499 -1.790  1.00   15.42 ? 61   GLN B O   1 
ATOM   915  C CB  . GLN B 1 64  ? -19.039 -9.239  0.647   1.00   17.23 ? 61   GLN B CB  1 
ATOM   916  C CG  . GLN B 1 64  ? -19.270 -8.292  1.788   1.00   18.39 ? 61   GLN B CG  1 
ATOM   917  C CD  . GLN B 1 64  ? -18.089 -7.341  2.035   1.00   21.65 ? 61   GLN B CD  1 
ATOM   918  O OE1 . GLN B 1 64  ? -16.974 -7.769  2.237   1.00   23.84 ? 61   GLN B OE1 1 
ATOM   919  N NE2 . GLN B 1 64  ? -18.353 -6.051  2.006   1.00   22.30 ? 61   GLN B NE2 1 
ATOM   920  N N   . ILE B 1 65  ? -19.174 -11.876 -1.067  1.00   14.15 ? 62   ILE B N   1 
ATOM   921  C CA  . ILE B 1 65  ? -19.032 -12.555 -2.343  1.00   14.67 ? 62   ILE B CA  1 
ATOM   922  C C   . ILE B 1 65  ? -20.294 -13.395 -2.672  1.00   15.79 ? 62   ILE B C   1 
ATOM   923  O O   . ILE B 1 65  ? -20.789 -13.379 -3.798  1.00   15.00 ? 62   ILE B O   1 
ATOM   924  C CB  . ILE B 1 65  ? -17.827 -13.443 -2.456  1.00   16.17 ? 62   ILE B CB  1 
ATOM   925  C CG1 . ILE B 1 65  ? -16.546 -12.706 -1.994  1.00   16.34 ? 62   ILE B CG1 1 
ATOM   926  C CG2 . ILE B 1 65  ? -17.672 -13.956 -3.911  1.00   15.53 ? 62   ILE B CG2 1 
ATOM   927  C CD1 . ILE B 1 65  ? -16.247 -11.381 -2.740  1.00   15.30 ? 62   ILE B CD1 1 
ATOM   928  N N   . ARG B 1 66  ? -20.814 -14.113 -1.699  1.00   16.86 ? 63   ARG B N   1 
ATOM   929  C CA  . ARG B 1 66  ? -22.134 -14.774 -1.918  1.00   17.09 ? 63   ARG B CA  1 
ATOM   930  C C   . ARG B 1 66  ? -23.222 -13.749 -2.312  1.00   18.18 ? 63   ARG B C   1 
ATOM   931  O O   . ARG B 1 66  ? -24.071 -14.060 -3.140  1.00   18.68 ? 63   ARG B O   1 
ATOM   932  C CB  . ARG B 1 66  ? -22.539 -15.598 -0.686  1.00   17.87 ? 63   ARG B CB  1 
ATOM   933  C CG  . ARG B 1 66  ? -21.611 -16.759 -0.387  1.00   18.69 ? 63   ARG B CG  1 
ATOM   934  C CD  . ARG B 1 66  ? -22.273 -17.702 0.642   1.00   17.94 ? 63   ARG B CD  1 
ATOM   935  N NE  . ARG B 1 66  ? -22.458 -17.041 1.926   1.00   19.82 ? 63   ARG B NE  1 
ATOM   936  C CZ  . ARG B 1 66  ? -21.602 -16.967 2.933   1.00   19.02 ? 63   ARG B CZ  1 
ATOM   937  N NH1 . ARG B 1 66  ? -20.423 -17.540 2.923   1.00   19.25 ? 63   ARG B NH1 1 
ATOM   938  N NH2 . ARG B 1 66  ? -21.987 -16.313 4.000   1.00   21.79 ? 63   ARG B NH2 1 
ATOM   939  N N   . GLY B 1 67  ? -23.184 -12.560 -1.732  1.00   18.43 ? 64   GLY B N   1 
ATOM   940  C CA  . GLY B 1 67  ? -24.106 -11.475 -2.077  1.00   18.90 ? 64   GLY B CA  1 
ATOM   941  C C   . GLY B 1 67  ? -23.937 -11.083 -3.556  1.00   18.39 ? 64   GLY B C   1 
ATOM   942  O O   . GLY B 1 67  ? -24.937 -10.938 -4.274  1.00   19.28 ? 64   GLY B O   1 
ATOM   943  N N   . LEU B 1 68  ? -22.694 -10.973 -4.028  1.00   17.56 ? 65   LEU B N   1 
ATOM   944  C CA  . LEU B 1 68  ? -22.425 -10.691 -5.456  1.00   17.62 ? 65   LEU B CA  1 
ATOM   945  C C   . LEU B 1 68  ? -23.003 -11.766 -6.352  1.00   18.72 ? 65   LEU B C   1 
ATOM   946  O O   . LEU B 1 68  ? -23.656 -11.471 -7.368  1.00   17.93 ? 65   LEU B O   1 
ATOM   947  C CB  . LEU B 1 68  ? -20.939 -10.602 -5.716  1.00   16.93 ? 65   LEU B CB  1 
ATOM   948  C CG  . LEU B 1 68  ? -20.240 -9.352  -5.161  1.00   17.53 ? 65   LEU B CG  1 
ATOM   949  C CD1 . LEU B 1 68  ? -18.716 -9.533  -5.287  1.00   17.31 ? 65   LEU B CD1 1 
ATOM   950  C CD2 . LEU B 1 68  ? -20.709 -8.105  -5.932  1.00   18.11 ? 65   LEU B CD2 1 
ATOM   951  N N   . GLN B 1 69  ? -22.808 -13.030 -5.964  1.00   18.63 ? 66   GLN B N   1 
ATOM   952  C CA  . GLN B 1 69  ? -23.402 -14.125 -6.712  1.00   21.37 ? 66   GLN B CA  1 
ATOM   953  C C   . GLN B 1 69  ? -24.917 -13.994 -6.858  1.00   20.56 ? 66   GLN B C   1 
ATOM   954  O O   . GLN B 1 69  ? -25.422 -14.138 -7.949  1.00   20.60 ? 66   GLN B O   1 
ATOM   955  C CB  . GLN B 1 69  ? -23.050 -15.463 -6.081  1.00   22.84 ? 66   GLN B CB  1 
ATOM   956  C CG  . GLN B 1 69  ? -21.584 -15.791 -6.247  1.00   26.52 ? 66   GLN B CG  1 
ATOM   957  C CD  . GLN B 1 69  ? -21.237 -17.111 -5.556  1.00   32.97 ? 66   GLN B CD  1 
ATOM   958  O OE1 . GLN B 1 69  ? -21.735 -17.374 -4.450  1.00   37.07 ? 66   GLN B OE1 1 
ATOM   959  N NE2 . GLN B 1 69  ? -20.401 -17.938 -6.190  1.00   31.72 ? 66   GLN B NE2 1 
ATOM   960  N N   . ARG B 1 70  ? -25.610 -13.710 -5.773  1.00   21.19 ? 67   ARG B N   1 
ATOM   961  C CA  . ARG B 1 70  ? -27.067 -13.542 -5.811  1.00   23.21 ? 67   ARG B CA  1 
ATOM   962  C C   . ARG B 1 70  ? -27.492 -12.332 -6.615  1.00   23.62 ? 67   ARG B C   1 
ATOM   963  O O   . ARG B 1 70  ? -28.439 -12.381 -7.371  1.00   22.80 ? 67   ARG B O   1 
ATOM   964  C CB  . ARG B 1 70  ? -27.611 -13.421 -4.421  1.00   24.77 ? 67   ARG B CB  1 
ATOM   965  C CG  . ARG B 1 70  ? -27.520 -14.782 -3.726  1.00   26.44 ? 67   ARG B CG  1 
ATOM   966  C CD  . ARG B 1 70  ? -28.330 -14.773 -2.463  1.00   27.39 ? 67   ARG B CD  1 
ATOM   967  N NE  . ARG B 1 70  ? -27.906 -13.718 -1.574  1.00   29.00 ? 67   ARG B NE  1 
ATOM   968  C CZ  . ARG B 1 70  ? -26.978 -13.849 -0.624  1.00   30.73 ? 67   ARG B CZ  1 
ATOM   969  N NH1 . ARG B 1 70  ? -26.303 -14.997 -0.453  1.00   30.87 ? 67   ARG B NH1 1 
ATOM   970  N NH2 . ARG B 1 70  ? -26.716 -12.820 0.150   1.00   30.52 ? 67   ARG B NH2 1 
ATOM   971  N N   . MET B 1 71  ? -26.739 -11.252 -6.487  1.00   21.21 ? 68   MET B N   1 
ATOM   972  C CA  . MET B 1 71  ? -26.956 -10.085 -7.344  1.00   20.80 ? 68   MET B CA  1 
ATOM   973  C C   . MET B 1 71  ? -26.871 -10.373 -8.811  1.00   20.48 ? 68   MET B C   1 
ATOM   974  O O   . MET B 1 71  ? -27.755 -9.962  -9.560  1.00   22.97 ? 68   MET B O   1 
ATOM   975  C CB  . MET B 1 71  ? -26.001 -8.962  -6.966  1.00   19.80 ? 68   MET B CB  1 
ATOM   976  C CG  . MET B 1 71  ? -26.295 -8.378  -5.618  1.00   21.51 ? 68   MET B CG  1 
ATOM   977  S SD  . MET B 1 71  ? -24.974 -7.165  -5.167  1.00   23.90 ? 68   MET B SD  1 
ATOM   978  C CE  . MET B 1 71  ? -25.713 -5.609  -5.612  1.00   23.78 ? 68   MET B CE  1 
ATOM   979  N N   . VAL B 1 72  ? -25.825 -11.063 -9.244  1.00   21.56 ? 69   VAL B N   1 
ATOM   980  C CA  . VAL B 1 72  ? -25.680 -11.468 -10.629 1.00   22.51 ? 69   VAL B CA  1 
ATOM   981  C C   . VAL B 1 72  ? -26.818 -12.400 -11.029 1.00   27.72 ? 69   VAL B C   1 
ATOM   982  O O   . VAL B 1 72  ? -27.393 -12.288 -12.133 1.00   25.92 ? 69   VAL B O   1 
ATOM   983  C CB  . VAL B 1 72  ? -24.359 -12.208 -10.879 1.00   23.36 ? 69   VAL B CB  1 
ATOM   984  C CG1 . VAL B 1 72  ? -24.343 -12.783 -12.308 1.00   23.50 ? 69   VAL B CG1 1 
ATOM   985  C CG2 . VAL B 1 72  ? -23.146 -11.262 -10.661 1.00   21.35 ? 69   VAL B CG2 1 
ATOM   986  N N   . ASP B 1 73  ? -27.095 -13.359 -10.155 1.00   29.93 ? 70   ASP B N   1 
ATOM   987  C CA  . ASP B 1 73  ? -28.111 -14.375 -10.433 1.00   31.67 ? 70   ASP B CA  1 
ATOM   988  C C   . ASP B 1 73  ? -29.489 -13.692 -10.622 1.00   30.92 ? 70   ASP B C   1 
ATOM   989  O O   . ASP B 1 73  ? -30.233 -14.108 -11.502 1.00   30.83 ? 70   ASP B O   1 
ATOM   990  C CB  . ASP B 1 73  ? -28.156 -15.371 -9.297  1.00   31.19 ? 70   ASP B CB  1 
ATOM   991  C CG  . ASP B 1 73  ? -28.483 -16.756 -9.757  1.00   38.91 ? 70   ASP B CG  1 
ATOM   992  O OD1 . ASP B 1 73  ? -28.603 -17.030 -10.984 1.00   37.35 ? 70   ASP B OD1 1 
ATOM   993  O OD2 . ASP B 1 73  ? -28.630 -17.567 -8.832  1.00   47.05 ? 70   ASP B OD2 1 
ATOM   994  N N   . GLU B 1 74  ? -29.761 -12.628 -9.843  1.00   29.47 ? 71   GLU B N   1 
ATOM   995  C CA  . GLU B 1 74  ? -31.032 -11.892 -9.860  1.00   32.69 ? 71   GLU B CA  1 
ATOM   996  C C   . GLU B 1 74  ? -31.069 -10.692 -10.818 1.00   32.27 ? 71   GLU B C   1 
ATOM   997  O O   . GLU B 1 74  ? -31.978 -9.880  -10.729 1.00   31.69 ? 71   GLU B O   1 
ATOM   998  C CB  . GLU B 1 74  ? -31.405 -11.397 -8.463  1.00   34.36 ? 71   GLU B CB  1 
ATOM   999  C CG  . GLU B 1 74  ? -31.595 -12.503 -7.421  1.00   41.92 ? 71   GLU B CG  1 
ATOM   1000 C CD  . GLU B 1 74  ? -31.497 -11.996 -5.972  1.00   46.62 ? 71   GLU B CD  1 
ATOM   1001 O OE1 . GLU B 1 74  ? -31.430 -10.761 -5.742  1.00   51.87 ? 71   GLU B OE1 1 
ATOM   1002 O OE2 . GLU B 1 74  ? -31.480 -12.840 -5.043  1.00   54.07 ? 71   GLU B OE2 1 
ATOM   1003 N N   . ASP B 1 75  ? -30.089 -10.612 -11.716 1.00   30.54 ? 72   ASP B N   1 
ATOM   1004 C CA  . ASP B 1 75  ? -29.953 -9.520  -12.719 1.00   33.29 ? 72   ASP B CA  1 
ATOM   1005 C C   . ASP B 1 75  ? -30.016 -8.114  -12.137 1.00   30.11 ? 72   ASP B C   1 
ATOM   1006 O O   . ASP B 1 75  ? -30.637 -7.203  -12.699 1.00   27.84 ? 72   ASP B O   1 
ATOM   1007 C CB  . ASP B 1 75  ? -30.952 -9.708  -13.877 1.00   38.27 ? 72   ASP B CB  1 
ATOM   1008 C CG  . ASP B 1 75  ? -30.716 -11.023 -14.646 1.00   43.63 ? 72   ASP B CG  1 
ATOM   1009 O OD1 . ASP B 1 75  ? -29.653 -11.202 -15.304 1.00   49.35 ? 72   ASP B OD1 1 
ATOM   1010 O OD2 . ASP B 1 75  ? -31.618 -11.875 -14.613 1.00   51.53 ? 72   ASP B OD2 1 
ATOM   1011 N N   . VAL B 1 76  ? -29.342 -7.931  -11.001 1.00   23.30 ? 73   VAL B N   1 
ATOM   1012 C CA  . VAL B 1 76  ? -29.298 -6.659  -10.356 1.00   22.73 ? 73   VAL B CA  1 
ATOM   1013 C C   . VAL B 1 76  ? -28.518 -5.687  -11.269 1.00   19.63 ? 73   VAL B C   1 
ATOM   1014 O O   . VAL B 1 76  ? -27.673 -6.115  -12.015 1.00   20.71 ? 73   VAL B O   1 
ATOM   1015 C CB  . VAL B 1 76  ? -28.709 -6.791  -8.931  1.00   22.12 ? 73   VAL B CB  1 
ATOM   1016 C CG1 . VAL B 1 76  ? -28.385 -5.428  -8.318  1.00   22.29 ? 73   VAL B CG1 1 
ATOM   1017 C CG2 . VAL B 1 76  ? -29.729 -7.524  -8.027  1.00   22.41 ? 73   VAL B CG2 1 
ATOM   1018 N N   . TYR B 1 77  ? -28.898 -4.412  -11.245 1.00   20.86 ? 74   TYR B N   1 
ATOM   1019 C CA  . TYR B 1 77  ? -28.263 -3.389  -12.091 1.00   21.09 ? 74   TYR B CA  1 
ATOM   1020 C C   . TYR B 1 77  ? -26.748 -3.376  -11.868 1.00   22.39 ? 74   TYR B C   1 
ATOM   1021 O O   . TYR B 1 77  ? -26.288 -3.375  -10.716 1.00   21.76 ? 74   TYR B O   1 
ATOM   1022 C CB  . TYR B 1 77  ? -28.867 -2.037  -11.763 1.00   23.45 ? 74   TYR B CB  1 
ATOM   1023 C CG  . TYR B 1 77  ? -28.376 -0.906  -12.645 1.00   22.95 ? 74   TYR B CG  1 
ATOM   1024 C CD1 . TYR B 1 77  ? -28.366 -1.031  -14.045 1.00   24.11 ? 74   TYR B CD1 1 
ATOM   1025 C CD2 . TYR B 1 77  ? -27.928 0.280   -12.079 1.00   22.90 ? 74   TYR B CD2 1 
ATOM   1026 C CE1 . TYR B 1 77  ? -27.906 0.011   -14.865 1.00   25.75 ? 74   TYR B CE1 1 
ATOM   1027 C CE2 . TYR B 1 77  ? -27.467 1.326   -12.894 1.00   22.89 ? 74   TYR B CE2 1 
ATOM   1028 C CZ  . TYR B 1 77  ? -27.476 1.190   -14.284 1.00   23.33 ? 74   TYR B CZ  1 
ATOM   1029 O OH  . TYR B 1 77  ? -27.014 2.246   -15.087 1.00   20.86 ? 74   TYR B OH  1 
ATOM   1030 N N   . CYS B 1 78  ? -25.982 -3.387  -12.958 1.00   20.55 ? 75   CYS B N   1 
ATOM   1031 C CA  A CYS B 1 78  ? -24.545 -3.567  -12.811 0.70   21.48 ? 75   CYS B CA  1 
ATOM   1032 C CA  B CYS B 1 78  ? -24.497 -3.460  -12.926 0.30   21.21 ? 75   CYS B CA  1 
ATOM   1033 C C   . CYS B 1 78  ? -23.833 -2.520  -11.911 1.00   20.37 ? 75   CYS B C   1 
ATOM   1034 O O   . CYS B 1 78  ? -22.862 -2.885  -11.257 1.00   19.43 ? 75   CYS B O   1 
ATOM   1035 C CB  A CYS B 1 78  ? -23.900 -3.688  -14.173 0.70   22.31 ? 75   CYS B CB  1 
ATOM   1036 C CB  B CYS B 1 78  ? -23.910 -3.217  -14.341 0.30   22.50 ? 75   CYS B CB  1 
ATOM   1037 S SG  A CYS B 1 78  ? -24.110 -2.132  -15.043 0.70   22.94 ? 75   CYS B SG  1 
ATOM   1038 S SG  B CYS B 1 78  ? -22.121 -2.860  -14.489 0.30   23.48 ? 75   CYS B SG  1 
ATOM   1039 N N   . ILE B 1 79  ? -24.321 -1.273  -11.806 1.00   18.21 ? 76   ILE B N   1 
ATOM   1040 C CA  . ILE B 1 79  ? -23.650 -0.274  -10.968 1.00   20.27 ? 76   ILE B CA  1 
ATOM   1041 C C   . ILE B 1 79  ? -23.795 -0.672  -9.487  1.00   20.82 ? 76   ILE B C   1 
ATOM   1042 O O   . ILE B 1 79  ? -22.886 -0.475  -8.679  1.00   19.03 ? 76   ILE B O   1 
ATOM   1043 C CB  . ILE B 1 79  ? -24.164 1.163   -11.183 1.00   20.25 ? 76   ILE B CB  1 
ATOM   1044 C CG1 . ILE B 1 79  ? -23.924 1.592   -12.649 1.00   20.63 ? 76   ILE B CG1 1 
ATOM   1045 C CG2 . ILE B 1 79  ? -23.548 2.097   -10.134 1.00   20.09 ? 76   ILE B CG2 1 
ATOM   1046 C CD1 . ILE B 1 79  ? -22.452 1.737   -13.047 1.00   21.83 ? 76   ILE B CD1 1 
ATOM   1047 N N   . ASP B 1 80  ? -24.943 -1.244  -9.134  1.00   19.96 ? 77   ASP B N   1 
ATOM   1048 C CA  . ASP B 1 80  ? -25.124 -1.704  -7.751  1.00   21.01 ? 77   ASP B CA  1 
ATOM   1049 C C   . ASP B 1 80  ? -24.154 -2.854  -7.444  1.00   17.62 ? 77   ASP B C   1 
ATOM   1050 O O   . ASP B 1 80  ? -23.607 -2.975  -6.302  1.00   19.95 ? 77   ASP B O   1 
ATOM   1051 C CB  . ASP B 1 80  ? -26.588 -2.149  -7.535  1.00   23.73 ? 77   ASP B CB  1 
ATOM   1052 C CG  . ASP B 1 80  ? -27.560 -1.026  -7.710  1.00   26.63 ? 77   ASP B CG  1 
ATOM   1053 O OD1 . ASP B 1 80  ? -27.231 0.118   -7.387  1.00   33.17 ? 77   ASP B OD1 1 
ATOM   1054 O OD2 . ASP B 1 80  ? -28.672 -1.270  -8.167  1.00   37.40 ? 77   ASP B OD2 1 
ATOM   1055 N N   . ILE B 1 81  ? -23.975 -3.715  -8.414  1.00   16.50 ? 78   ILE B N   1 
ATOM   1056 C CA  . ILE B 1 81  ? -23.032 -4.842  -8.330  1.00   17.71 ? 78   ILE B CA  1 
ATOM   1057 C C   . ILE B 1 81  ? -21.618 -4.280  -8.139  1.00   18.96 ? 78   ILE B C   1 
ATOM   1058 O O   . ILE B 1 81  ? -20.893 -4.697  -7.217  1.00   16.44 ? 78   ILE B O   1 
ATOM   1059 C CB  . ILE B 1 81  ? -23.125 -5.850  -9.509  1.00   18.03 ? 78   ILE B CB  1 
ATOM   1060 C CG1 . ILE B 1 81  ? -24.547 -6.468  -9.617  1.00   19.78 ? 78   ILE B CG1 1 
ATOM   1061 C CG2 . ILE B 1 81  ? -22.120 -7.012  -9.350  1.00   17.16 ? 78   ILE B CG2 1 
ATOM   1062 C CD1 . ILE B 1 81  ? -24.707 -7.464  -10.743 1.00   17.74 ? 78   ILE B CD1 1 
ATOM   1063 N N   . LEU B 1 82  ? -21.270 -3.231  -8.899  1.00   18.10 ? 79   LEU B N   1 
ATOM   1064 C CA  . LEU B 1 82  ? -19.910 -2.642  -8.754  1.00   16.05 ? 79   LEU B CA  1 
ATOM   1065 C C   . LEU B 1 82  ? -19.692 -2.036  -7.396  1.00   16.65 ? 79   LEU B C   1 
ATOM   1066 O O   . LEU B 1 82  ? -18.562 -2.123  -6.842  1.00   17.17 ? 79   LEU B O   1 
ATOM   1067 C CB  . LEU B 1 82  ? -19.634 -1.587  -9.868  1.00   17.17 ? 79   LEU B CB  1 
ATOM   1068 C CG  . LEU B 1 82  ? -19.531 -2.167  -11.252 1.00   17.72 ? 79   LEU B CG  1 
ATOM   1069 C CD1 . LEU B 1 82  ? -19.520 -1.033  -12.335 1.00   22.46 ? 79   LEU B CD1 1 
ATOM   1070 C CD2 . LEU B 1 82  ? -18.354 -3.124  -11.502 1.00   20.97 ? 79   LEU B CD2 1 
ATOM   1071 N N   . THR B 1 83  ? -20.721 -1.396  -6.841  1.00   17.76 ? 80   THR B N   1 
ATOM   1072 C CA  . THR B 1 83  ? -20.679 -0.843  -5.509  1.00   18.06 ? 80   THR B CA  1 
ATOM   1073 C C   . THR B 1 83  ? -20.334 -1.933  -4.473  1.00   18.74 ? 80   THR B C   1 
ATOM   1074 O O   . THR B 1 83  ? -19.501 -1.720  -3.575  1.00   16.95 ? 80   THR B O   1 
ATOM   1075 C CB  . THR B 1 83  ? -22.017 -0.142  -5.169  1.00   20.95 ? 80   THR B CB  1 
ATOM   1076 O OG1 . THR B 1 83  ? -22.176 0.974   -6.054  1.00   21.32 ? 80   THR B OG1 1 
ATOM   1077 C CG2 . THR B 1 83  ? -22.051 0.323   -3.739  1.00   21.96 ? 80   THR B CG2 1 
ATOM   1078 N N   . GLN B 1 84  ? -20.909 -3.113  -4.661  1.00   17.26 ? 81   GLN B N   1 
ATOM   1079 C CA  . GLN B 1 84  ? -20.617 -4.259  -3.795  1.00   18.19 ? 81   GLN B CA  1 
ATOM   1080 C C   . GLN B 1 84  ? -19.234 -4.852  -4.054  1.00   17.95 ? 81   GLN B C   1 
ATOM   1081 O O   . GLN B 1 84  ? -18.594 -5.288  -3.084  1.00   18.98 ? 81   GLN B O   1 
ATOM   1082 C CB  . GLN B 1 84  ? -21.707 -5.330  -3.931  1.00   19.91 ? 81   GLN B CB  1 
ATOM   1083 C CG  . GLN B 1 84  ? -21.423 -6.640  -3.235  1.00   25.57 ? 81   GLN B CG  1 
ATOM   1084 C CD  . GLN B 1 84  ? -21.956 -6.744  -1.813  1.00   29.41 ? 81   GLN B CD  1 
ATOM   1085 O OE1 . GLN B 1 84  ? -22.203 -5.715  -1.140  1.00   34.67 ? 81   GLN B OE1 1 
ATOM   1086 N NE2 . GLN B 1 84  ? -22.115 -8.011  -1.332  1.00   24.43 ? 81   GLN B NE2 1 
ATOM   1087 N N   . VAL B 1 85  ? -18.751 -4.829  -5.295  1.00   15.32 ? 82   VAL B N   1 
ATOM   1088 C CA  . VAL B 1 85  ? -17.391 -5.243  -5.585  1.00   17.13 ? 82   VAL B CA  1 
ATOM   1089 C C   . VAL B 1 85  ? -16.423 -4.312  -4.844  1.00   16.98 ? 82   VAL B C   1 
ATOM   1090 O O   . VAL B 1 85  ? -15.477 -4.789  -4.260  1.00   16.52 ? 82   VAL B O   1 
ATOM   1091 C CB  . VAL B 1 85  ? -17.041 -5.252  -7.097  1.00   15.86 ? 82   VAL B CB  1 
ATOM   1092 C CG1 . VAL B 1 85  ? -15.550 -5.546  -7.325  1.00   16.41 ? 82   VAL B CG1 1 
ATOM   1093 C CG2 . VAL B 1 85  ? -17.870 -6.282  -7.866  1.00   15.35 ? 82   VAL B CG2 1 
ATOM   1094 N N   . SER B 1 86  ? -16.656 -2.996  -4.877  1.00   17.84 ? 83   SER B N   1 
ATOM   1095 C CA  . SER B 1 86  ? -15.831 -2.030  -4.162  1.00   18.92 ? 83   SER B CA  1 
ATOM   1096 C C   . SER B 1 86  ? -15.840 -2.281  -2.683  1.00   19.09 ? 83   SER B C   1 
ATOM   1097 O O   . SER B 1 86  ? -14.797 -2.186  -2.038  1.00   19.36 ? 83   SER B O   1 
ATOM   1098 C CB  . SER B 1 86  ? -16.350 -0.604  -4.425  1.00   20.35 ? 83   SER B CB  1 
ATOM   1099 O OG  . SER B 1 86  ? -16.116 -0.362  -5.809  1.00   23.48 ? 83   SER B OG  1 
ATOM   1100 N N   . ALA B 1 87  ? -17.028 -2.559  -2.134  1.00   18.12 ? 84   ALA B N   1 
ATOM   1101 C CA  . ALA B 1 87  ? -17.152 -2.879  -0.707  1.00   18.78 ? 84   ALA B CA  1 
ATOM   1102 C C   . ALA B 1 87  ? -16.301 -4.104  -0.342  1.00   17.05 ? 84   ALA B C   1 
ATOM   1103 O O   . ALA B 1 87  ? -15.641 -4.108  0.722   1.00   16.98 ? 84   ALA B O   1 
ATOM   1104 C CB  . ALA B 1 87  ? -18.625 -3.086  -0.318  1.00   17.72 ? 84   ALA B CB  1 
ATOM   1105 N N   . SER B 1 88  ? -16.284 -5.136  -1.197  1.00   15.51 ? 85   SER B N   1 
ATOM   1106 C CA  . SER B 1 88  ? -15.554 -6.357  -0.928  1.00   15.64 ? 85   SER B CA  1 
ATOM   1107 C C   . SER B 1 88  ? -14.026 -6.115  -1.037  1.00   16.95 ? 85   SER B C   1 
ATOM   1108 O O   . SER B 1 88  ? -13.263 -6.657  -0.265  1.00   15.64 ? 85   SER B O   1 
ATOM   1109 C CB  . SER B 1 88  ? -15.941 -7.427  -1.942  1.00   17.88 ? 85   SER B CB  1 
ATOM   1110 O OG  . SER B 1 88  ? -17.343 -7.674  -1.895  1.00   18.03 ? 85   SER B OG  1 
ATOM   1111 N N   . THR B 1 89  ? -13.600 -5.351  -2.033  1.00   16.38 ? 86   THR B N   1 
ATOM   1112 C CA  . THR B 1 89  ? -12.173 -5.098  -2.219  1.00   18.01 ? 86   THR B CA  1 
ATOM   1113 C C   . THR B 1 89  ? -11.673 -4.235  -1.050  1.00   16.80 ? 86   THR B C   1 
ATOM   1114 O O   . THR B 1 89  ? -10.575 -4.481  -0.539  1.00   17.76 ? 86   THR B O   1 
ATOM   1115 C CB  . THR B 1 89  ? -11.820 -4.456  -3.598  1.00   18.63 ? 86   THR B CB  1 
ATOM   1116 O OG1 . THR B 1 89  ? -12.525 -3.239  -3.737  1.00   24.77 ? 86   THR B OG1 1 
ATOM   1117 C CG2 . THR B 1 89  ? -12.262 -5.341  -4.719  1.00   17.71 ? 86   THR B CG2 1 
ATOM   1118 N N   . LYS B 1 90  ? -12.459 -3.249  -0.652  1.00   17.27 ? 87   LYS B N   1 
ATOM   1119 C CA  . LYS B 1 90  ? -12.160 -2.443  0.535   1.00   19.29 ? 87   LYS B CA  1 
ATOM   1120 C C   . LYS B 1 90  ? -12.005 -3.326  1.790   1.00   18.38 ? 87   LYS B C   1 
ATOM   1121 O O   . LYS B 1 90  ? -11.094 -3.111  2.581   1.00   17.37 ? 87   LYS B O   1 
ATOM   1122 C CB  . LYS B 1 90  ? -13.210 -1.364  0.756   1.00   20.13 ? 87   LYS B CB  1 
ATOM   1123 C CG  . LYS B 1 90  ? -12.911 -0.392  1.892   1.00   23.81 ? 87   LYS B CG  1 
ATOM   1124 C CD  . LYS B 1 90  ? -14.138 0.410   2.282   1.00   26.02 ? 87   LYS B CD  1 
ATOM   1125 C CE  . LYS B 1 90  ? -13.616 1.666   3.002   0.0000 41.91 ? 87   LYS B CE  1 
ATOM   1126 N NZ  . LYS B 1 90  ? -14.130 2.971   2.459   0.0000 45.01 ? 87   LYS B NZ  1 
ATOM   1127 N N   . ALA B 1 91  ? -12.867 -4.353  1.963   1.00   16.27 ? 88   ALA B N   1 
ATOM   1128 C CA  . ALA B 1 91  ? -12.785 -5.197  3.153   1.00   14.41 ? 88   ALA B CA  1 
ATOM   1129 C C   . ALA B 1 91  ? -11.522 -6.065  3.072   1.00   14.14 ? 88   ALA B C   1 
ATOM   1130 O O   . ALA B 1 91  ? -10.862 -6.280  4.081   1.00   15.47 ? 88   ALA B O   1 
ATOM   1131 C CB  . ALA B 1 91  ? -14.048 -6.048  3.303   1.00   14.67 ? 88   ALA B CB  1 
ATOM   1132 N N   . LEU B 1 92  ? -11.169 -6.535  1.889   1.00   14.89 ? 89   LEU B N   1 
ATOM   1133 C CA  . LEU B 1 92  ? -9.950  -7.281  1.683   1.00   14.18 ? 89   LEU B CA  1 
ATOM   1134 C C   . LEU B 1 92  ? -8.710  -6.420  1.995   1.00   16.75 ? 89   LEU B C   1 
ATOM   1135 O O   . LEU B 1 92  ? -7.719  -6.899  2.604   1.00   15.63 ? 89   LEU B O   1 
ATOM   1136 C CB  . LEU B 1 92  ? -9.806  -7.856  0.267   1.00   14.67 ? 89   LEU B CB  1 
ATOM   1137 C CG  . LEU B 1 92  ? -10.644 -9.155  0.136   1.00   14.28 ? 89   LEU B CG  1 
ATOM   1138 C CD1 . LEU B 1 92  ? -11.088 -9.369  -1.329  1.00   14.50 ? 89   LEU B CD1 1 
ATOM   1139 C CD2 . LEU B 1 92  ? -9.996  -10.399 0.733   1.00   13.69 ? 89   LEU B CD2 1 
ATOM   1140 N N   . GLN B 1 93  ? -8.759  -5.175  1.558   1.00   15.53 ? 90   GLN B N   1 
ATOM   1141 C CA  . GLN B 1 93  ? -7.611  -4.279  1.808   1.00   18.24 ? 90   GLN B CA  1 
ATOM   1142 C C   . GLN B 1 93  ? -7.486  -4.007  3.299   1.00   16.24 ? 90   GLN B C   1 
ATOM   1143 O O   . GLN B 1 93  ? -6.393  -4.025  3.849   1.00   17.27 ? 90   GLN B O   1 
ATOM   1144 C CB  . GLN B 1 93  ? -7.754  -2.973  1.054   1.00   20.92 ? 90   GLN B CB  1 
ATOM   1145 C CG  . GLN B 1 93  ? -7.465  -3.177  -0.425  1.00   26.88 ? 90   GLN B CG  1 
ATOM   1146 C CD  . GLN B 1 93  ? -7.013  -1.896  -1.152  1.00   34.62 ? 90   GLN B CD  1 
ATOM   1147 O OE1 . GLN B 1 93  ? -7.276  -0.763  -0.700  1.00   33.92 ? 90   GLN B OE1 1 
ATOM   1148 N NE2 . GLN B 1 93  ? -6.275  -2.085  -2.247  1.00   42.02 ? 90   GLN B NE2 1 
ATOM   1149 N N   . SER B 1 94  ? -8.599  -3.791  3.967   1.00   17.00 ? 91   SER B N   1 
ATOM   1150 C CA  . SER B 1 94  ? -8.608  -3.582  5.431   1.00   18.16 ? 91   SER B CA  1 
ATOM   1151 C C   . SER B 1 94  ? -8.024  -4.793  6.176   1.00   18.22 ? 91   SER B C   1 
ATOM   1152 O O   . SER B 1 94  ? -7.269  -4.623  7.131   1.00   17.37 ? 91   SER B O   1 
ATOM   1153 C CB  . SER B 1 94  ? -10.021 -3.246  5.928   1.00   19.29 ? 91   SER B CB  1 
ATOM   1154 O OG  . SER B 1 94  ? -10.038 -3.199  7.351   1.00   25.35 ? 91   SER B OG  1 
ATOM   1155 N N   . PHE B 1 95  ? -8.370  -6.005  5.717   1.00   17.32 ? 92   PHE B N   1 
ATOM   1156 C CA  . PHE B 1 95  ? -7.832  -7.268  6.227   1.00   17.17 ? 92   PHE B CA  1 
ATOM   1157 C C   . PHE B 1 95  ? -6.326  -7.357  5.998   1.00   17.52 ? 92   PHE B C   1 
ATOM   1158 O O   . PHE B 1 95  ? -5.598  -7.644  6.950   1.00   17.12 ? 92   PHE B O   1 
ATOM   1159 C CB  . PHE B 1 95  ? -8.583  -8.453  5.592   1.00   17.23 ? 92   PHE B CB  1 
ATOM   1160 C CG  . PHE B 1 95  ? -7.924  -9.811  5.811   1.00   18.21 ? 92   PHE B CG  1 
ATOM   1161 C CD1 . PHE B 1 95  ? -8.162  -10.543 6.963   1.00   21.32 ? 92   PHE B CD1 1 
ATOM   1162 C CD2 . PHE B 1 95  ? -7.129  -10.375 4.849   1.00   17.98 ? 92   PHE B CD2 1 
ATOM   1163 C CE1 . PHE B 1 95  ? -7.544  -11.761 7.162   1.00   20.26 ? 92   PHE B CE1 1 
ATOM   1164 C CE2 . PHE B 1 95  ? -6.492  -11.594 5.030   1.00   20.22 ? 92   PHE B CE2 1 
ATOM   1165 C CZ  . PHE B 1 95  ? -6.743  -12.322 6.197   1.00   19.82 ? 92   PHE B CZ  1 
ATOM   1166 N N   . ALA B 1 96  ? -5.864  -6.995  4.788   1.00   15.28 ? 93   ALA B N   1 
ATOM   1167 C CA  . ALA B 1 96  ? -4.450  -6.989  4.438   1.00   15.19 ? 93   ALA B CA  1 
ATOM   1168 C C   . ALA B 1 96  ? -3.705  -6.020  5.390   1.00   15.86 ? 93   ALA B C   1 
ATOM   1169 O O   . ALA B 1 96  ? -2.613  -6.327  5.859   1.00   17.66 ? 93   ALA B O   1 
ATOM   1170 C CB  . ALA B 1 96  ? -4.211  -6.553  2.985   1.00   15.79 ? 93   ALA B CB  1 
ATOM   1171 N N   . LEU B 1 97  ? -4.296  -4.873  5.664   1.00   16.38 ? 94   LEU B N   1 
ATOM   1172 C CA  . LEU B 1 97  ? -3.576  -3.830  6.430   1.00   18.51 ? 94   LEU B CA  1 
ATOM   1173 C C   . LEU B 1 97  ? -3.444  -4.300  7.886   1.00   18.59 ? 94   LEU B C   1 
ATOM   1174 O O   . LEU B 1 97  ? -2.429  -4.065  8.509   1.00   17.83 ? 94   LEU B O   1 
ATOM   1175 C CB  . LEU B 1 97  ? -4.306  -2.510  6.341   1.00   20.24 ? 94   LEU B CB  1 
ATOM   1176 C CG  . LEU B 1 97  ? -4.035  -1.610  5.151   1.00   25.97 ? 94   LEU B CG  1 
ATOM   1177 C CD1 . LEU B 1 97  ? -5.105  -0.516  5.058   1.00   25.19 ? 94   LEU B CD1 1 
ATOM   1178 C CD2 . LEU B 1 97  ? -2.659  -0.978  5.400   1.00   25.15 ? 94   LEU B CD2 1 
ATOM   1179 N N   . GLN B 1 98  ? -4.471  -4.976  8.401   1.00   19.07 ? 95   GLN B N   1 
ATOM   1180 C CA  . GLN B 1 98  ? -4.414  -5.552  9.763   1.00   23.05 ? 95   GLN B CA  1 
ATOM   1181 C C   . GLN B 1 98  ? -3.253  -6.560  9.865   1.00   19.63 ? 95   GLN B C   1 
ATOM   1182 O O   . GLN B 1 98  ? -2.451  -6.514  10.845  1.00   18.91 ? 95   GLN B O   1 
ATOM   1183 C CB  . GLN B 1 98  ? -5.786  -6.161  10.133  1.00   26.36 ? 95   GLN B CB  1 
ATOM   1184 C CG  . GLN B 1 98  ? -5.817  -7.220  11.235  1.00   36.33 ? 95   GLN B CG  1 
ATOM   1185 C CD  . GLN B 1 98  ? -6.243  -6.677  12.578  1.00   43.75 ? 95   GLN B CD  1 
ATOM   1186 O OE1 . GLN B 1 98  ? -6.206  -5.466  12.800  1.00   53.29 ? 95   GLN B OE1 1 
ATOM   1187 N NE2 . GLN B 1 98  ? -6.636  -7.580  13.500  1.00   47.16 ? 95   GLN B NE2 1 
ATOM   1188 N N   . LEU B 1 99  ? -3.136  -7.447  8.886   1.00   18.53 ? 96   LEU B N   1 
ATOM   1189 C CA  . LEU B 1 99  ? -2.089  -8.484  8.856   1.00   20.52 ? 96   LEU B CA  1 
ATOM   1190 C C   . LEU B 1 99  ? -0.733  -7.801  8.741   1.00   18.29 ? 96   LEU B C   1 
ATOM   1191 O O   . LEU B 1 99  ? 0.214   -8.166  9.444   1.00   17.85 ? 96   LEU B O   1 
ATOM   1192 C CB  . LEU B 1 99  ? -2.237  -9.466  7.696   1.00   22.03 ? 96   LEU B CB  1 
ATOM   1193 C CG  . LEU B 1 99  ? -2.896  -10.828 8.027   1.00   23.36 ? 96   LEU B CG  1 
ATOM   1194 C CD1 . LEU B 1 99  ? -4.280  -10.599 8.618   1.00   25.65 ? 96   LEU B CD1 1 
ATOM   1195 C CD2 . LEU B 1 99  ? -2.934  -11.696 6.755   1.00   25.34 ? 96   LEU B CD2 1 
ATOM   1196 N N   . LEU B 1 100 ? -0.690  -6.738  7.953   1.00   17.67 ? 97   LEU B N   1 
ATOM   1197 C CA  . LEU B 1 100 ? 0.564   -6.037  7.714   1.00   18.49 ? 97   LEU B CA  1 
ATOM   1198 C C   . LEU B 1 100 ? 1.005   -5.347  9.019   1.00   17.74 ? 97   LEU B C   1 
ATOM   1199 O O   . LEU B 1 100 ? 2.169   -5.475  9.372   1.00   18.91 ? 97   LEU B O   1 
ATOM   1200 C CB  . LEU B 1 100 ? 0.487   -5.000  6.572   1.00   20.63 ? 97   LEU B CB  1 
ATOM   1201 C CG  . LEU B 1 100 ? 0.841   -5.370  5.130   1.00   26.76 ? 97   LEU B CG  1 
ATOM   1202 C CD1 . LEU B 1 100 ? 0.283   -4.275  4.200   1.00   28.77 ? 97   LEU B CD1 1 
ATOM   1203 C CD2 . LEU B 1 100 ? 2.336   -5.633  4.880   1.00   26.93 ? 97   LEU B CD2 1 
ATOM   1204 N N   . GLU B 1 101 ? 0.099   -4.619  9.672   1.00   16.61 ? 98   GLU B N   1 
ATOM   1205 C CA  . GLU B 1 101 ? 0.415   -3.950  10.925  1.00   18.48 ? 98   GLU B CA  1 
ATOM   1206 C C   . GLU B 1 101 ? 0.997   -4.931  11.946  1.00   19.11 ? 98   GLU B C   1 
ATOM   1207 O O   . GLU B 1 101 ? 2.031   -4.668  12.548  1.00   16.84 ? 98   GLU B O   1 
ATOM   1208 C CB  . GLU B 1 101 ? -0.750  -3.229  11.509  1.00   20.93 ? 98   GLU B CB  1 
ATOM   1209 C CG  . GLU B 1 101 ? -0.335  -2.428  12.736  1.00   25.75 ? 98   GLU B CG  1 
ATOM   1210 C CD  . GLU B 1 101 ? -1.339  -1.381  13.151  1.00   30.84 ? 98   GLU B CD  1 
ATOM   1211 O OE1 . GLU B 1 101 ? -2.439  -1.412  12.590  1.00   36.51 ? 98   GLU B OE1 1 
ATOM   1212 O OE2 . GLU B 1 101 ? -1.028  -0.542  14.041  1.00   36.74 ? 98   GLU B OE2 1 
ATOM   1213 N N   . GLU B 1 102 ? 0.331   -6.065  12.112  1.00   17.86 ? 99   GLU B N   1 
ATOM   1214 C CA  A GLU B 1 102 ? 0.776   -7.070  13.070  0.60   18.38 ? 99   GLU B CA  1 
ATOM   1215 C CA  B GLU B 1 102 ? 0.775   -7.099  13.063  0.40   18.60 ? 99   GLU B CA  1 
ATOM   1216 C C   . GLU B 1 102 ? 2.162   -7.603  12.706  1.00   17.92 ? 99   GLU B C   1 
ATOM   1217 O O   . GLU B 1 102 ? 3.029   -7.761  13.588  1.00   17.83 ? 99   GLU B O   1 
ATOM   1218 C CB  A GLU B 1 102 ? -0.291  -8.197  13.143  0.60   20.49 ? 99   GLU B CB  1 
ATOM   1219 C CB  B GLU B 1 102 ? -0.224  -8.294  13.118  0.40   20.56 ? 99   GLU B CB  1 
ATOM   1220 C CG  A GLU B 1 102 ? -1.628  -7.707  13.678  0.60   21.31 ? 99   GLU B CG  1 
ATOM   1221 C CG  B GLU B 1 102 ? 0.288   -9.496  13.924  0.40   21.75 ? 99   GLU B CG  1 
ATOM   1222 C CD  A GLU B 1 102 ? -2.797  -8.638  13.354  0.60   22.07 ? 99   GLU B CD  1 
ATOM   1223 C CD  B GLU B 1 102 ? -0.742  -10.608 14.086  0.40   22.37 ? 99   GLU B CD  1 
ATOM   1224 O OE1 A GLU B 1 102 ? -2.553  -9.681  12.710  0.60   23.06 ? 99   GLU B OE1 1 
ATOM   1225 O OE1 B GLU B 1 102 ? -1.756  -10.612 13.374  0.40   24.07 ? 99   GLU B OE1 1 
ATOM   1226 O OE2 A GLU B 1 102 ? -3.937  -8.316  13.757  0.60   23.36 ? 99   GLU B OE2 1 
ATOM   1227 O OE2 B GLU B 1 102 ? -0.547  -11.471 14.947  0.40   25.80 ? 99   GLU B OE2 1 
ATOM   1228 N N   . HIS B 1 103 ? 2.415   -7.850  11.422  1.00   15.99 ? 100  HIS B N   1 
ATOM   1229 C CA  . HIS B 1 103 ? 3.699   -8.386  10.983  1.00   16.80 ? 100  HIS B CA  1 
ATOM   1230 C C   . HIS B 1 103 ? 4.794   -7.362  11.151  1.00   16.64 ? 100  HIS B C   1 
ATOM   1231 O O   . HIS B 1 103 ? 5.923   -7.685  11.562  1.00   16.61 ? 100  HIS B O   1 
ATOM   1232 C CB  . HIS B 1 103 ? 3.575   -8.770  9.512   1.00   16.50 ? 100  HIS B CB  1 
ATOM   1233 C CG  . HIS B 1 103 ? 4.824   -9.328  8.911   1.00   17.40 ? 100  HIS B CG  1 
ATOM   1234 N ND1 . HIS B 1 103 ? 5.457   -10.428 9.406   1.00   18.05 ? 100  HIS B ND1 1 
ATOM   1235 C CD2 . HIS B 1 103 ? 5.524   -8.932  7.819   1.00   18.08 ? 100  HIS B CD2 1 
ATOM   1236 C CE1 . HIS B 1 103 ? 6.539   -10.664 8.630   1.00   18.05 ? 100  HIS B CE1 1 
ATOM   1237 N NE2 . HIS B 1 103 ? 6.586   -9.743  7.689   1.00   18.72 ? 100  HIS B NE2 1 
ATOM   1238 N N   . LEU B 1 104 ? 4.494   -6.118  10.808  1.00   14.63 ? 101  LEU B N   1 
ATOM   1239 C CA  . LEU B 1 104 ? 5.525   -5.081  10.980  1.00   15.47 ? 101  LEU B CA  1 
ATOM   1240 C C   . LEU B 1 104 ? 5.836   -4.818  12.467  1.00   15.58 ? 101  LEU B C   1 
ATOM   1241 O O   . LEU B 1 104 ? 7.019   -4.633  12.820  1.00   16.47 ? 101  LEU B O   1 
ATOM   1242 C CB  . LEU B 1 104 ? 5.132   -3.787  10.314  1.00   15.62 ? 101  LEU B CB  1 
ATOM   1243 C CG  . LEU B 1 104 ? 5.140   -3.816  8.760   1.00   14.95 ? 101  LEU B CG  1 
ATOM   1244 C CD1 . LEU B 1 104 ? 4.561   -2.502  8.249   1.00   16.16 ? 101  LEU B CD1 1 
ATOM   1245 C CD2 . LEU B 1 104 ? 6.525   -4.118  8.193   1.00   15.67 ? 101  LEU B CD2 1 
ATOM   1246 N N   . ARG B 1 105 ? 4.821   -4.867  13.313  1.00   14.91 ? 102  ARG B N   1 
ATOM   1247 C CA  . ARG B 1 105 ? 5.015   -4.824  14.777  1.00   18.93 ? 102  ARG B CA  1 
ATOM   1248 C C   . ARG B 1 105 ? 5.985   -5.940  15.197  1.00   18.50 ? 102  ARG B C   1 
ATOM   1249 O O   . ARG B 1 105 ? 6.955   -5.680  15.909  1.00   17.25 ? 102  ARG B O   1 
ATOM   1250 C CB  . ARG B 1 105 ? 3.695   -4.941  15.521  1.00   22.53 ? 102  ARG B CB  1 
ATOM   1251 C CG  . ARG B 1 105 ? 3.687   -4.440  16.958  1.00   29.78 ? 102  ARG B CG  1 
ATOM   1252 C CD  . ARG B 1 105 ? 2.280   -3.957  17.421  1.00   38.08 ? 102  ARG B CD  1 
ATOM   1253 N NE  . ARG B 1 105 ? 1.172   -4.877  17.076  1.00   45.23 ? 102  ARG B NE  1 
ATOM   1254 C CZ  . ARG B 1 105 ? 0.070   -4.591  16.355  1.00   49.93 ? 102  ARG B CZ  1 
ATOM   1255 N NH1 . ARG B 1 105 ? -0.140  -3.385  15.839  1.00   53.83 ? 102  ARG B NH1 1 
ATOM   1256 N NH2 . ARG B 1 105 ? -0.854  -5.538  16.141  1.00   51.20 ? 102  ARG B NH2 1 
ATOM   1257 N N   . HIS B 1 106 ? 5.732   -7.184  14.760  1.00   18.37 ? 103  HIS B N   1 
ATOM   1258 C CA  . HIS B 1 106 ? 6.610   -8.304  15.066  1.00   19.34 ? 103  HIS B CA  1 
ATOM   1259 C C   . HIS B 1 106 ? 8.010   -8.133  14.603  1.00   20.09 ? 103  HIS B C   1 
ATOM   1260 O O   . HIS B 1 106 ? 8.965   -8.396  15.369  1.00   19.67 ? 103  HIS B O   1 
ATOM   1261 C CB  . HIS B 1 106 ? 6.054   -9.582  14.511  1.00   23.38 ? 103  HIS B CB  1 
ATOM   1262 C CG  . HIS B 1 106 ? 4.758   -9.967  15.140  1.00   26.48 ? 103  HIS B CG  1 
ATOM   1263 N ND1 . HIS B 1 106 ? 3.962   -10.945 14.642  1.00   35.07 ? 103  HIS B ND1 1 
ATOM   1264 C CD2 . HIS B 1 106 ? 4.110   -9.466  16.268  1.00   32.08 ? 103  HIS B CD2 1 
ATOM   1265 C CE1 . HIS B 1 106 ? 2.869   -11.070 15.421  1.00   31.39 ? 103  HIS B CE1 1 
ATOM   1266 N NE2 . HIS B 1 106 ? 2.945   -10.146 16.400  1.00   33.61 ? 103  HIS B NE2 1 
ATOM   1267 N N   . CYS B 1 107 ? 8.174   -7.606  13.383  1.00   18.79 ? 104  CYS B N   1 
ATOM   1268 C CA  . CYS B 1 107 ? 9.477   -7.419  12.787  1.00   18.79 ? 104  CYS B CA  1 
ATOM   1269 C C   . CYS B 1 107 ? 10.302  -6.429  13.618  1.00   18.64 ? 104  CYS B C   1 
ATOM   1270 O O   . CYS B 1 107 ? 11.455  -6.694  13.924  1.00   16.68 ? 104  CYS B O   1 
ATOM   1271 C CB  . CYS B 1 107 ? 9.412   -6.902  11.364  1.00   21.10 ? 104  CYS B CB  1 
ATOM   1272 S SG  . CYS B 1 107 ? 8.892   -8.210  10.176  1.00   24.26 ? 104  CYS B SG  1 
ATOM   1273 N N   . VAL B 1 108 ? 9.697   -5.280  13.934  1.00   16.75 ? 105  VAL B N   1 
ATOM   1274 C CA  . VAL B 1 108 ? 10.458  -4.191  14.626  1.00   16.50 ? 105  VAL B CA  1 
ATOM   1275 C C   . VAL B 1 108 ? 10.727  -4.679  16.076  1.00   17.15 ? 105  VAL B C   1 
ATOM   1276 O O   . VAL B 1 108 ? 11.836  -4.526  16.591  1.00   15.89 ? 105  VAL B O   1 
ATOM   1277 C CB  . VAL B 1 108 ? 9.768   -2.798  14.518  1.00   16.13 ? 105  VAL B CB  1 
ATOM   1278 C CG1 . VAL B 1 108 ? 10.583  -1.689  15.187  1.00   16.07 ? 105  VAL B CG1 1 
ATOM   1279 C CG2 . VAL B 1 108 ? 9.559   -2.386  13.045  1.00   17.79 ? 105  VAL B CG2 1 
ATOM   1280 N N   . ALA B 1 109 ? 9.735   -5.289  16.722  1.00   17.39 ? 106  ALA B N   1 
ATOM   1281 C CA  . ALA B 1 109 ? 9.927   -5.850  18.089  1.00   19.79 ? 106  ALA B CA  1 
ATOM   1282 C C   . ALA B 1 109 ? 11.020  -6.896  18.108  1.00   17.83 ? 106  ALA B C   1 
ATOM   1283 O O   . ALA B 1 109 ? 11.852  -6.956  19.064  1.00   17.10 ? 106  ALA B O   1 
ATOM   1284 C CB  . ALA B 1 109 ? 8.640   -6.464  18.611  1.00   19.37 ? 106  ALA B CB  1 
ATOM   1285 N N   . ASP B 1 110 ? 11.047  -7.749  17.092  1.00   18.18 ? 107  ASP B N   1 
ATOM   1286 C CA  . ASP B 1 110 ? 12.134  -8.715  16.975  1.00   19.86 ? 107  ASP B CA  1 
ATOM   1287 C C   . ASP B 1 110 ? 13.525  -8.081  16.732  1.00   17.72 ? 107  ASP B C   1 
ATOM   1288 O O   . ASP B 1 110 ? 14.516  -8.575  17.268  1.00   18.63 ? 107  ASP B O   1 
ATOM   1289 C CB  . ASP B 1 110 ? 11.838  -9.783  15.925  1.00   24.54 ? 107  ASP B CB  1 
ATOM   1290 C CG  . ASP B 1 110 ? 10.647  -10.709 16.335  1.00   30.23 ? 107  ASP B CG  1 
ATOM   1291 O OD1 . ASP B 1 110 ? 10.116  -10.567 17.460  1.00   32.30 ? 107  ASP B OD1 1 
ATOM   1292 O OD2 . ASP B 1 110 ? 10.225  -11.536 15.502  1.00   33.25 ? 107  ASP B OD2 1 
ATOM   1293 N N   . ALA B 1 111 ? 13.597  -7.012  15.952  1.00   14.76 ? 108  ALA B N   1 
ATOM   1294 C CA  . ALA B 1 111 ? 14.843  -6.291  15.735  1.00   15.67 ? 108  ALA B CA  1 
ATOM   1295 C C   . ALA B 1 111 ? 15.330  -5.729  17.126  1.00   15.22 ? 108  ALA B C   1 
ATOM   1296 O O   . ALA B 1 111 ? 16.508  -5.667  17.362  1.00   16.35 ? 108  ALA B O   1 
ATOM   1297 C CB  . ALA B 1 111 ? 14.648  -5.137  14.726  1.00   15.51 ? 108  ALA B CB  1 
ATOM   1298 N N   . ALA B 1 112 ? 14.392  -5.250  17.946  1.00   14.04 ? 109  ALA B N   1 
ATOM   1299 C CA  . ALA B 1 112 ? 14.756  -4.699  19.297  1.00   15.99 ? 109  ALA B CA  1 
ATOM   1300 C C   . ALA B 1 112 ? 15.355  -5.841  20.167  1.00   16.95 ? 109  ALA B C   1 
ATOM   1301 O O   . ALA B 1 112 ? 16.369  -5.648  20.864  1.00   16.26 ? 109  ALA B O   1 
ATOM   1302 C CB  . ALA B 1 112 ? 13.537  -4.052  19.962  1.00   14.98 ? 109  ALA B CB  1 
ATOM   1303 N N   . LEU B 1 113 ? 14.757  -7.032  20.128  1.00   15.89 ? 110  LEU B N   1 
ATOM   1304 C CA  . LEU B 1 113 ? 15.165  -8.129  20.980  1.00   15.97 ? 110  LEU B CA  1 
ATOM   1305 C C   . LEU B 1 113 ? 16.461  -8.764  20.598  1.00   16.94 ? 110  LEU B C   1 
ATOM   1306 O O   . LEU B 1 113 ? 17.146  -9.339  21.436  1.00   15.93 ? 110  LEU B O   1 
ATOM   1307 C CB  . LEU B 1 113 ? 14.086  -9.244  21.007  1.00   17.98 ? 110  LEU B CB  1 
ATOM   1308 C CG  . LEU B 1 113 ? 12.761  -8.936  21.643  1.00   20.37 ? 110  LEU B CG  1 
ATOM   1309 C CD1 . LEU B 1 113 ? 11.770  -10.098 21.328  1.00   21.57 ? 110  LEU B CD1 1 
ATOM   1310 C CD2 . LEU B 1 113 ? 12.878  -8.705  23.148  1.00   22.46 ? 110  LEU B CD2 1 
ATOM   1311 N N   . LYS B 1 114 ? 16.775  -8.714  19.299  1.00   16.59 ? 111  LYS B N   1 
ATOM   1312 C CA  . LYS B 1 114 ? 17.920  -9.411  18.755  1.00   17.01 ? 111  LYS B CA  1 
ATOM   1313 C C   . LYS B 1 114 ? 19.071  -8.486  18.339  1.00   18.18 ? 111  LYS B C   1 
ATOM   1314 O O   . LYS B 1 114 ? 20.219  -8.912  18.386  1.00   19.53 ? 111  LYS B O   1 
ATOM   1315 C CB  . LYS B 1 114 ? 17.507  -10.372 17.597  1.00   21.28 ? 111  LYS B CB  1 
ATOM   1316 C CG  . LYS B 1 114 ? 18.567  -11.089 16.837  0.0000 35.79 ? 111  LYS B CG  1 
ATOM   1317 C CD  . LYS B 1 114 ? 19.207  -12.212 17.674  0.0000 44.91 ? 111  LYS B CD  1 
ATOM   1318 C CE  . LYS B 1 114 ? 19.706  -13.367 16.802  0.0000 44.81 ? 111  LYS B CE  1 
ATOM   1319 N NZ  . LYS B 1 114 ? 20.774  -12.940 15.848  0.0000 51.89 ? 111  LYS B NZ  1 
ATOM   1320 N N   . GLY B 1 115 ? 18.785  -7.218  17.988  1.00   19.40 ? 112  GLY B N   1 
ATOM   1321 C CA  . GLY B 1 115 ? 19.764  -6.271  17.544  1.00   20.29 ? 112  GLY B CA  1 
ATOM   1322 C C   . GLY B 1 115 ? 20.161  -6.471  16.099  1.00   21.72 ? 112  GLY B C   1 
ATOM   1323 O O   . GLY B 1 115 ? 19.790  -7.460  15.494  1.00   22.30 ? 112  GLY B O   1 
ATOM   1324 N N   . GLY B 1 116 ? 20.970  -5.564  15.582  1.00   23.72 ? 113  GLY B N   1 
ATOM   1325 C CA  . GLY B 1 116 ? 21.401  -5.669  14.189  1.00   24.36 ? 113  GLY B CA  1 
ATOM   1326 C C   . GLY B 1 116 ? 20.277  -5.324  13.210  1.00   25.21 ? 113  GLY B C   1 
ATOM   1327 O O   . GLY B 1 116 ? 19.185  -4.826  13.580  1.00   22.55 ? 113  GLY B O   1 
ATOM   1328 N N   . THR B 1 117 ? 20.566  -5.593  11.947  1.00   25.38 ? 114  THR B N   1 
ATOM   1329 C CA  . THR B 1 117 ? 19.694  -5.188  10.843  1.00   26.87 ? 114  THR B CA  1 
ATOM   1330 C C   . THR B 1 117 ? 19.300  -6.389  9.964   1.00   27.56 ? 114  THR B C   1 
ATOM   1331 O O   . THR B 1 117 ? 18.755  -6.200  8.876   1.00   26.40 ? 114  THR B O   1 
ATOM   1332 C CB  . THR B 1 117 ? 20.326  -4.021  10.025  1.00   27.84 ? 114  THR B CB  1 
ATOM   1333 O OG1 . THR B 1 117 ? 21.597  -4.420  9.520   1.00   29.75 ? 114  THR B OG1 1 
ATOM   1334 C CG2 . THR B 1 117 ? 20.515  -2.771  10.890  1.00   30.03 ? 114  THR B CG2 1 
ATOM   1335 N N   . GLU B 1 118 ? 19.476  -7.616  10.449  1.00   27.27 ? 115  GLU B N   1 
ATOM   1336 C CA  . GLU B 1 118 ? 19.073  -8.785  9.640   1.00   28.26 ? 115  GLU B CA  1 
ATOM   1337 C C   . GLU B 1 118 ? 17.561  -8.760  9.255   1.00   27.92 ? 115  GLU B C   1 
ATOM   1338 O O   . GLU B 1 118 ? 17.180  -9.305  8.206   1.00   26.39 ? 115  GLU B O   1 
ATOM   1339 C CB  . GLU B 1 118 ? 19.410  -10.112 10.334  1.00   31.52 ? 115  GLU B CB  1 
ATOM   1340 C CG  . GLU B 1 118 ? 20.789  -10.177 11.008  0.50   31.57 ? 115  GLU B CG  1 
ATOM   1341 C CD  . GLU B 1 118 ? 20.743  -9.897  12.514  0.50   31.30 ? 115  GLU B CD  1 
ATOM   1342 O OE1 . GLU B 1 118 ? 20.571  -8.718  12.930  0.50   25.98 ? 115  GLU B OE1 1 
ATOM   1343 O OE2 . GLU B 1 118 ? 20.873  -10.879 13.291  0.50   32.76 ? 115  GLU B OE2 1 
ATOM   1344 N N   . ILE B 1 119 ? 16.713  -8.128  10.089  1.00   25.00 ? 116  ILE B N   1 
ATOM   1345 C CA  . ILE B 1 119 ? 15.256  -8.018  9.825   1.00   23.54 ? 116  ILE B CA  1 
ATOM   1346 C C   . ILE B 1 119 ? 14.965  -7.105  8.604   1.00   21.87 ? 116  ILE B C   1 
ATOM   1347 O O   . ILE B 1 119 ? 13.830  -7.032  8.093   1.00   20.75 ? 116  ILE B O   1 
ATOM   1348 C CB  . ILE B 1 119 ? 14.508  -7.526  11.091  1.00   25.72 ? 116  ILE B CB  1 
ATOM   1349 C CG1 . ILE B 1 119 ? 14.540  -8.619  12.167  1.00   29.42 ? 116  ILE B CG1 1 
ATOM   1350 C CG2 . ILE B 1 119 ? 13.048  -7.199  10.784  1.00   25.35 ? 116  ILE B CG2 1 
ATOM   1351 C CD1 . ILE B 1 119 ? 13.359  -9.570  12.095  1.00   33.27 ? 116  ILE B CD1 1 
ATOM   1352 N N   . ASP B 1 120 ? 15.982  -6.386  8.132   1.00   20.69 ? 117  ASP B N   1 
ATOM   1353 C CA  . ASP B 1 120 ? 15.854  -5.668  6.862   1.00   21.45 ? 117  ASP B CA  1 
ATOM   1354 C C   . ASP B 1 120 ? 15.373  -6.538  5.701   1.00   22.59 ? 117  ASP B C   1 
ATOM   1355 O O   . ASP B 1 120 ? 14.701  -6.025  4.813   1.00   23.21 ? 117  ASP B O   1 
ATOM   1356 C CB  . ASP B 1 120 ? 17.160  -4.963  6.497   1.00   22.78 ? 117  ASP B CB  1 
ATOM   1357 C CG  . ASP B 1 120 ? 17.397  -3.707  7.350   1.00   22.81 ? 117  ASP B CG  1 
ATOM   1358 O OD1 . ASP B 1 120 ? 16.468  -3.248  8.037   1.00   23.32 ? 117  ASP B OD1 1 
ATOM   1359 O OD2 . ASP B 1 120 ? 18.504  -3.130  7.210   1.00   28.27 ? 117  ASP B OD2 1 
ATOM   1360 N N   . ALA B 1 121 ? 15.728  -7.813  5.692   1.00   21.55 ? 118  ALA B N   1 
ATOM   1361 C CA  . ALA B 1 121 ? 15.227  -8.757  4.642   1.00   24.65 ? 118  ALA B CA  1 
ATOM   1362 C C   . ALA B 1 121 ? 13.712  -8.843  4.711   1.00   21.80 ? 118  ALA B C   1 
ATOM   1363 O O   . ALA B 1 121 ? 13.028  -8.784  3.662   1.00   19.95 ? 118  ALA B O   1 
ATOM   1364 C CB  . ALA B 1 121 ? 15.842  -10.158 4.817   1.00   25.27 ? 118  ALA B CB  1 
ATOM   1365 N N   . LYS B 1 122 ? 13.185  -8.928  5.930   1.00   21.75 ? 119  LYS B N   1 
ATOM   1366 C CA  . LYS B 1 122 ? 11.767  -8.953  6.151   1.00   22.04 ? 119  LYS B CA  1 
ATOM   1367 C C   . LYS B 1 122 ? 11.084  -7.636  5.759   1.00   20.53 ? 119  LYS B C   1 
ATOM   1368 O O   . LYS B 1 122 ? 9.991   -7.657  5.170   1.00   19.99 ? 119  LYS B O   1 
ATOM   1369 C CB  . LYS B 1 122 ? 11.416  -9.366  7.587   1.00   25.83 ? 119  LYS B CB  1 
ATOM   1370 C CG  . LYS B 1 122 ? 11.720  -10.859 7.807   1.00   31.32 ? 119  LYS B CG  1 
ATOM   1371 C CD  . LYS B 1 122 ? 10.996  -11.488 8.985   1.00   37.21 ? 119  LYS B CD  1 
ATOM   1372 C CE  . LYS B 1 122 ? 11.266  -13.002 9.093   1.00   41.21 ? 119  LYS B CE  1 
ATOM   1373 N NZ  . LYS B 1 122 ? 10.502  -13.882 8.140   1.00   42.38 ? 119  LYS B NZ  1 
ATOM   1374 N N   . VAL B 1 123 ? 11.722  -6.502  6.042   1.00   19.77 ? 120  VAL B N   1 
ATOM   1375 C CA  . VAL B 1 123 ? 11.252  -5.208  5.540   1.00   19.22 ? 120  VAL B CA  1 
ATOM   1376 C C   . VAL B 1 123 ? 11.146  -5.161  4.017   1.00   18.69 ? 120  VAL B C   1 
ATOM   1377 O O   . VAL B 1 123 ? 10.157  -4.682  3.500   1.00   19.56 ? 120  VAL B O   1 
ATOM   1378 C CB  . VAL B 1 123 ? 12.145  -4.025  5.999   1.00   20.57 ? 120  VAL B CB  1 
ATOM   1379 C CG1 . VAL B 1 123 ? 11.767  -2.723  5.260   1.00   18.90 ? 120  VAL B CG1 1 
ATOM   1380 C CG2 . VAL B 1 123 ? 12.064  -3.857  7.517   1.00   20.20 ? 120  VAL B CG2 1 
ATOM   1381 N N   . GLU B 1 124 ? 12.168  -5.607  3.313   1.00   20.40 ? 121  GLU B N   1 
ATOM   1382 C CA  . GLU B 1 124 ? 12.115  -5.645  1.852   1.00   21.56 ? 121  GLU B CA  1 
ATOM   1383 C C   . GLU B 1 124 ? 11.002  -6.581  1.379   1.00   22.24 ? 121  GLU B C   1 
ATOM   1384 O O   . GLU B 1 124 ? 10.262  -6.265  0.448   1.00   23.69 ? 121  GLU B O   1 
ATOM   1385 C CB  . GLU B 1 124 ? 13.471  -6.126  1.293   1.00   23.65 ? 121  GLU B CB  1 
ATOM   1386 C CG  . GLU B 1 124 ? 13.562  -6.112  -0.242  1.00   27.03 ? 121  GLU B CG  1 
ATOM   1387 C CD  . GLU B 1 124 ? 14.637  -7.008  -0.939  0.0000 33.96 ? 121  GLU B CD  1 
ATOM   1388 O OE1 . GLU B 1 124 ? 15.207  -7.889  -0.254  0.0000 40.62 ? 121  GLU B OE1 1 
ATOM   1389 O OE2 . GLU B 1 124 ? 14.905  -6.823  -2.154  0.0000 36.07 ? 121  GLU B OE2 1 
ATOM   1390 N N   . GLU B 1 125 ? 10.878  -7.743  1.985   1.00   21.63 ? 122  GLU B N   1 
ATOM   1391 C CA  . GLU B 1 125 ? 9.811   -8.645  1.591   1.00   22.38 ? 122  GLU B CA  1 
ATOM   1392 C C   . GLU B 1 125 ? 8.426   -7.999  1.829   1.00   22.21 ? 122  GLU B C   1 
ATOM   1393 O O   . GLU B 1 125 ? 7.536   -8.090  0.965   1.00   20.53 ? 122  GLU B O   1 
ATOM   1394 C CB  . GLU B 1 125 ? 9.989   -9.967  2.335   1.00   23.66 ? 122  GLU B CB  1 
ATOM   1395 C CG  . GLU B 1 125 ? 8.807   -10.919 2.330   1.00   26.61 ? 122  GLU B CG  1 
ATOM   1396 C CD  . GLU B 1 125 ? 9.037   -12.109 3.262   1.00   29.61 ? 122  GLU B CD  1 
ATOM   1397 O OE1 . GLU B 1 125 ? 9.187   -11.912 4.495   1.00   26.05 ? 122  GLU B OE1 1 
ATOM   1398 O OE2 . GLU B 1 125 ? 9.028   -13.258 2.749   1.00   31.97 ? 122  GLU B OE2 1 
ATOM   1399 N N   . ALA B 1 126 ? 8.210   -7.336  2.975   1.00   17.56 ? 123  ALA B N   1 
ATOM   1400 C CA  . ALA B 1 126 ? 6.975   -6.603  3.217   1.00   17.44 ? 123  ALA B CA  1 
ATOM   1401 C C   . ALA B 1 126 ? 6.662   -5.463  2.215   1.00   16.90 ? 123  ALA B C   1 
ATOM   1402 O O   . ALA B 1 126 ? 5.489   -5.258  1.814   1.00   17.63 ? 123  ALA B O   1 
ATOM   1403 C CB  . ALA B 1 126 ? 6.910   -6.085  4.667   1.00   16.77 ? 123  ALA B CB  1 
ATOM   1404 N N   . THR B 1 127 ? 7.704   -4.764  1.799   1.00   16.43 ? 124  THR B N   1 
ATOM   1405 C CA  . THR B 1 127 ? 7.595   -3.638  0.894   1.00   18.61 ? 124  THR B CA  1 
ATOM   1406 C C   . THR B 1 127 ? 7.163   -4.191  -0.471  1.00   17.20 ? 124  THR B C   1 
ATOM   1407 O O   . THR B 1 127 ? 6.284   -3.639  -1.111  1.00   19.26 ? 124  THR B O   1 
ATOM   1408 C CB  . THR B 1 127 ? 8.944   -2.879  0.841   1.00   21.52 ? 124  THR B CB  1 
ATOM   1409 O OG1 . THR B 1 127 ? 9.141   -2.253  2.117   1.00   22.70 ? 124  THR B OG1 1 
ATOM   1410 C CG2 . THR B 1 127 ? 8.886   -1.820  -0.234  1.00   24.91 ? 124  THR B CG2 1 
ATOM   1411 N N   . LYS B 1 128 ? 7.718   -5.335  -0.847  1.00   21.50 ? 125  LYS B N   1 
ATOM   1412 C CA  . LYS B 1 128 ? 7.297   -5.982  -2.105  1.00   21.22 ? 125  LYS B CA  1 
ATOM   1413 C C   . LYS B 1 128 ? 5.824   -6.428  -2.042  1.00   20.49 ? 125  LYS B C   1 
ATOM   1414 O O   . LYS B 1 128 ? 5.074   -6.247  -3.012  1.00   21.85 ? 125  LYS B O   1 
ATOM   1415 C CB  . LYS B 1 128 ? 8.246   -7.097  -2.457  1.00   26.23 ? 125  LYS B CB  1 
ATOM   1416 C CG  . LYS B 1 128 ? 9.511   -6.518  -3.040  1.00   32.06 ? 125  LYS B CG  1 
ATOM   1417 C CD  . LYS B 1 128 ? 10.606  -7.525  -3.295  1.00   36.10 ? 125  LYS B CD  1 
ATOM   1418 C CE  . LYS B 1 128 ? 11.831  -6.828  -3.867  1.00   40.23 ? 125  LYS B CE  1 
ATOM   1419 N NZ  . LYS B 1 128 ? 13.012  -7.727  -3.812  1.00   46.80 ? 125  LYS B NZ  1 
ATOM   1420 N N   . ALA B 1 129 ? 5.384   -6.964  -0.912  1.00   17.58 ? 126  ALA B N   1 
ATOM   1421 C CA  . ALA B 1 129 ? 3.995   -7.299  -0.687  1.00   19.54 ? 126  ALA B CA  1 
ATOM   1422 C C   . ALA B 1 129 ? 3.041   -6.106  -0.796  1.00   17.56 ? 126  ALA B C   1 
ATOM   1423 O O   . ALA B 1 129 ? 1.963   -6.185  -1.433  1.00   19.35 ? 126  ALA B O   1 
ATOM   1424 C CB  . ALA B 1 129 ? 3.802   -8.017  0.657   1.00   18.24 ? 126  ALA B CB  1 
ATOM   1425 N N   . ILE B 1 130 ? 3.434   -4.993  -0.181  1.00   17.54 ? 127  ILE B N   1 
ATOM   1426 C CA  . ILE B 1 130 ? 2.677   -3.764  -0.312  1.00   18.30 ? 127  ILE B CA  1 
ATOM   1427 C C   . ILE B 1 130 ? 2.598   -3.345  -1.785  1.00   17.57 ? 127  ILE B C   1 
ATOM   1428 O O   . ILE B 1 130 ? 1.544   -2.984  -2.252  1.00   20.34 ? 127  ILE B O   1 
ATOM   1429 C CB  . ILE B 1 130 ? 3.272   -2.647  0.563   1.00   20.11 ? 127  ILE B CB  1 
ATOM   1430 C CG1 . ILE B 1 130 ? 3.067   -3.005  2.046   1.00   19.68 ? 127  ILE B CG1 1 
ATOM   1431 C CG2 . ILE B 1 130 ? 2.567   -1.316  0.284   1.00   20.43 ? 127  ILE B CG2 1 
ATOM   1432 C CD1 . ILE B 1 130 ? 4.124   -2.391  2.954   1.00   19.89 ? 127  ILE B CD1 1 
ATOM   1433 N N   . GLY B 1 131 ? 3.713   -3.314  -2.488  1.00   19.93 ? 128  GLY B N   1 
ATOM   1434 C CA  . GLY B 1 131 ? 3.710   -3.012  -3.923  1.00   20.89 ? 128  GLY B CA  1 
ATOM   1435 C C   . GLY B 1 131 ? 2.725   -3.876  -4.699  1.00   22.66 ? 128  GLY B C   1 
ATOM   1436 O O   . GLY B 1 131 ? 2.021   -3.355  -5.585  1.00   20.90 ? 128  GLY B O   1 
ATOM   1437 N N   . ARG B 1 132 ? 2.646   -5.170  -4.382  1.00   21.97 ? 129  ARG B N   1 
ATOM   1438 C CA  . ARG B 1 132 ? 1.699   -6.083  -5.083  1.00   24.83 ? 129  ARG B CA  1 
ATOM   1439 C C   . ARG B 1 132 ? 0.257   -5.685  -4.763  1.00   25.27 ? 129  ARG B C   1 
ATOM   1440 O O   . ARG B 1 132 ? -0.567  -5.620  -5.667  1.00   26.28 ? 129  ARG B O   1 
ATOM   1441 C CB  . ARG B 1 132 ? 1.977   -7.573  -4.727  1.00   27.63 ? 129  ARG B CB  1 
ATOM   1442 C CG  . ARG B 1 132 ? 3.005   -8.272  -5.587  0.50   29.22 ? 129  ARG B CG  1 
ATOM   1443 C CD  . ARG B 1 132 ? 2.991   -9.791  -5.358  0.50   30.99 ? 129  ARG B CD  1 
ATOM   1444 N NE  . ARG B 1 132 ? 3.506   -10.161 -4.044  0.50   34.40 ? 129  ARG B NE  1 
ATOM   1445 C CZ  . ARG B 1 132 ? 4.793   -10.088 -3.703  0.50   33.76 ? 129  ARG B CZ  1 
ATOM   1446 N NH1 . ARG B 1 132 ? 5.687   -9.672  -4.592  0.50   37.66 ? 129  ARG B NH1 1 
ATOM   1447 N NH2 . ARG B 1 132 ? 5.188   -10.429 -2.483  0.50   30.81 ? 129  ARG B NH2 1 
ATOM   1448 N N   . LEU B 1 133 ? -0.034  -5.352  -3.499  1.00   25.67 ? 130  LEU B N   1 
ATOM   1449 C CA  . LEU B 1 133 ? -1.366  -4.917  -3.068  1.00   28.28 ? 130  LEU B CA  1 
ATOM   1450 C C   . LEU B 1 133 ? -1.767  -3.630  -3.807  1.00   29.64 ? 130  LEU B C   1 
ATOM   1451 O O   . LEU B 1 133 ? -2.920  -3.465  -4.228  1.00   29.62 ? 130  LEU B O   1 
ATOM   1452 C CB  . LEU B 1 133 ? -1.450  -4.693  -1.562  1.00   29.93 ? 130  LEU B CB  1 
ATOM   1453 C CG  . LEU B 1 133 ? -1.468  -5.937  -0.654  1.00   33.71 ? 130  LEU B CG  1 
ATOM   1454 C CD1 . LEU B 1 133 ? -1.222  -5.562  0.810   1.00   32.34 ? 130  LEU B CD1 1 
ATOM   1455 C CD2 . LEU B 1 133 ? -2.798  -6.674  -0.815  1.00   36.75 ? 130  LEU B CD2 1 
ATOM   1456 N N   . LEU B 1 134 ? -0.779  -2.763  -3.985  1.00   28.57 ? 131  LEU B N   1 
ATOM   1457 C CA  A LEU B 1 134 ? -1.029  -1.473  -4.609  0.70   29.59 ? 131  LEU B CA  1 
ATOM   1458 C CA  B LEU B 1 134 ? -0.961  -1.455  -4.631  0.30   29.62 ? 131  LEU B CA  1 
ATOM   1459 C C   . LEU B 1 134 ? -1.415  -1.592  -6.077  1.00   31.06 ? 131  LEU B C   1 
ATOM   1460 O O   . LEU B 1 134 ? -2.154  -0.764  -6.578  1.00   37.75 ? 131  LEU B O   1 
ATOM   1461 C CB  A LEU B 1 134 ? 0.167   -0.561  -4.419  0.70   28.63 ? 131  LEU B CB  1 
ATOM   1462 C CB  B LEU B 1 134 ? 0.336   -0.625  -4.575  0.30   28.37 ? 131  LEU B CB  1 
ATOM   1463 C CG  A LEU B 1 134 ? -0.038  0.895   -4.800  0.70   28.71 ? 131  LEU B CG  1 
ATOM   1464 C CG  B LEU B 1 134 ? 0.647   0.105   -3.265  0.30   27.33 ? 131  LEU B CG  1 
ATOM   1465 C CD1 A LEU B 1 134 ? -1.375  1.466   -4.322  0.70   26.30 ? 131  LEU B CD1 1 
ATOM   1466 C CD1 B LEU B 1 134 ? 1.979   0.843   -3.325  0.30   26.42 ? 131  LEU B CD1 1 
ATOM   1467 C CD2 A LEU B 1 134 ? 1.137   1.641   -4.222  0.70   26.65 ? 131  LEU B CD2 1 
ATOM   1468 C CD2 B LEU B 1 134 ? -0.473  1.073   -2.962  0.30   26.75 ? 131  LEU B CD2 1 
ATOM   1469 N N   . ARG B 1 135 ? -0.954  -2.626  -6.753  1.00   32.53 ? 132  ARG B N   1 
ATOM   1470 C CA  . ARG B 1 135 ? -1.331  -2.834  -8.152  1.00   40.55 ? 132  ARG B CA  1 
ATOM   1471 C C   . ARG B 1 135 ? -2.755  -3.403  -8.311  1.00   43.00 ? 132  ARG B C   1 
ATOM   1472 O O   . ARG B 1 135 ? -3.386  -3.273  -9.353  1.00   40.52 ? 132  ARG B O   1 
ATOM   1473 C CB  . ARG B 1 135 ? -0.338  -3.778  -8.817  1.00   44.28 ? 132  ARG B CB  1 
ATOM   1474 C CG  . ARG B 1 135 ? 1.080   -3.264  -8.772  1.00   49.65 ? 132  ARG B CG  1 
ATOM   1475 C CD  . ARG B 1 135 ? 1.957   -3.955  -9.807  1.00   56.56 ? 132  ARG B CD  1 
ATOM   1476 N NE  . ARG B 1 135 ? 2.250   -5.360  -9.503  1.00   58.73 ? 132  ARG B NE  1 
ATOM   1477 C CZ  . ARG B 1 135 ? 3.291   -5.806  -8.784  1.00   60.46 ? 132  ARG B CZ  1 
ATOM   1478 N NH1 . ARG B 1 135 ? 4.168   -4.961  -8.233  1.00   62.70 ? 132  ARG B NH1 1 
ATOM   1479 N NH2 . ARG B 1 135 ? 3.456   -7.117  -8.603  1.00   57.40 ? 132  ARG B NH2 1 
ATOM   1480 N N   . THR B 1 136 ? -3.269  -4.031  -7.263  1.00   49.29 ? 133  THR B N   1 
ATOM   1481 C CA  . THR B 1 136 ? -4.445  -4.905  -7.400  1.00   49.44 ? 133  THR B CA  1 
ATOM   1482 C C   . THR B 1 136 ? -5.635  -4.204  -6.745  1.00   55.84 ? 133  THR B C   1 
ATOM   1483 O O   . THR B 1 136 ? -6.632  -4.839  -6.381  1.00   59.34 ? 133  THR B O   1 
ATOM   1484 C CB  . THR B 1 136 ? -4.169  -6.300  -6.781  1.00   47.22 ? 133  THR B CB  1 
ATOM   1485 O OG1 . THR B 1 136 ? -3.822  -6.151  -5.401  1.00   46.75 ? 133  THR B OG1 1 
ATOM   1486 C CG2 . THR B 1 136 ? -3.008  -7.045  -7.501  1.00   47.10 ? 133  THR B CG2 1 
ATOM   1487 O OXT . THR B 1 136 ? -5.634  -2.962  -6.581  1.00   53.90 ? 133  THR B OXT 1 
HETATM 1488 S S   . SO4 C 2 .   ? 13.183  8.090   9.875   0.70   30.81 ? 1134 SO4 A S   1 
HETATM 1489 O O1  . SO4 C 2 .   ? 12.516  7.548   11.123  0.70   28.26 ? 1134 SO4 A O1  1 
HETATM 1490 O O2  . SO4 C 2 .   ? 12.714  7.258   8.753   0.70   20.82 ? 1134 SO4 A O2  1 
HETATM 1491 O O3  . SO4 C 2 .   ? 14.669  7.879   9.940   0.70   25.46 ? 1134 SO4 A O3  1 
HETATM 1492 O O4  . SO4 C 2 .   ? 12.914  9.567   9.903   0.70   23.49 ? 1134 SO4 A O4  1 
HETATM 1493 S S   . SO4 D 2 .   ? 10.931  19.662  -20.712 1.00   34.15 ? 1135 SO4 A S   1 
HETATM 1494 O O1  . SO4 D 2 .   ? 9.693   19.315  -19.946 1.00   31.24 ? 1135 SO4 A O1  1 
HETATM 1495 O O2  . SO4 D 2 .   ? 10.583  21.015  -21.213 1.00   38.50 ? 1135 SO4 A O2  1 
HETATM 1496 O O3  . SO4 D 2 .   ? 11.160  18.736  -21.858 1.00   40.60 ? 1135 SO4 A O3  1 
HETATM 1497 O O4  . SO4 D 2 .   ? 12.074  19.533  -19.841 1.00   35.65 ? 1135 SO4 A O4  1 
HETATM 1498 S S   . SO4 E 2 .   ? 15.279  18.651  -15.582 1.00   36.18 ? 1136 SO4 A S   1 
HETATM 1499 O O1  . SO4 E 2 .   ? 14.899  18.019  -14.279 1.00   40.64 ? 1136 SO4 A O1  1 
HETATM 1500 O O2  . SO4 E 2 .   ? 14.281  18.454  -16.642 1.00   37.24 ? 1136 SO4 A O2  1 
HETATM 1501 O O3  . SO4 E 2 .   ? 16.506  18.032  -16.150 1.00   44.09 ? 1136 SO4 A O3  1 
HETATM 1502 O O4  . SO4 E 2 .   ? 15.508  20.101  -15.305 1.00   36.29 ? 1136 SO4 A O4  1 
HETATM 1503 S S   . SO4 F 2 .   ? 9.098   23.123  -13.868 0.50   22.55 ? 1137 SO4 A S   1 
HETATM 1504 O O1  . SO4 F 2 .   ? 8.961   21.698  -14.151 0.50   24.77 ? 1137 SO4 A O1  1 
HETATM 1505 O O2  . SO4 F 2 .   ? 7.790   23.763  -14.181 0.50   27.27 ? 1137 SO4 A O2  1 
HETATM 1506 O O3  . SO4 F 2 .   ? 10.167  23.784  -14.649 0.50   24.04 ? 1137 SO4 A O3  1 
HETATM 1507 O O4  . SO4 F 2 .   ? 9.434   23.289  -12.425 0.50   27.57 ? 1137 SO4 A O4  1 
HETATM 1508 S S   . SO4 G 2 .   ? 19.778  2.781   4.952   0.50   46.43 ? 1138 SO4 A S   1 
HETATM 1509 O O1  . SO4 G 2 .   ? 20.712  2.703   6.088   0.50   42.77 ? 1138 SO4 A O1  1 
HETATM 1510 O O2  . SO4 G 2 .   ? 18.681  1.824   5.210   0.50   42.03 ? 1138 SO4 A O2  1 
HETATM 1511 O O3  . SO4 G 2 .   ? 20.504  2.359   3.729   0.50   44.27 ? 1138 SO4 A O3  1 
HETATM 1512 O O4  . SO4 G 2 .   ? 19.257  4.172   4.802   0.50   38.16 ? 1138 SO4 A O4  1 
HETATM 1513 S S   . SO4 H 2 .   ? -27.213 -1.895  -18.689 1.00   48.85 ? 1134 SO4 B S   1 
HETATM 1514 O O1  . SO4 H 2 .   ? -27.428 -0.383  -18.597 1.00   48.32 ? 1134 SO4 B O1  1 
HETATM 1515 O O2  . SO4 H 2 .   ? -25.792 -2.342  -18.597 1.00   42.39 ? 1134 SO4 B O2  1 
HETATM 1516 O O3  . SO4 H 2 .   ? -27.708 -2.397  -20.004 1.00   51.91 ? 1134 SO4 B O3  1 
HETATM 1517 O O4  . SO4 H 2 .   ? -28.020 -2.485  -17.602 1.00   49.44 ? 1134 SO4 B O4  1 
HETATM 1518 O O   . HOH I 3 .   ? 16.336  1.298   1.745   1.00   43.56 ? 2001 HOH A O   1 
HETATM 1519 O O   . HOH I 3 .   ? 15.718  5.197   -0.251  1.00   37.18 ? 2002 HOH A O   1 
HETATM 1520 O O   . HOH I 3 .   ? 19.906  14.095  -7.470  1.00   31.75 ? 2003 HOH A O   1 
HETATM 1521 O O   . HOH I 3 .   ? 14.085  16.759  -7.813  1.00   31.28 ? 2004 HOH A O   1 
HETATM 1522 O O   . HOH I 3 .   ? 10.662  8.718   -11.153 1.00   16.95 ? 2005 HOH A O   1 
HETATM 1523 O O   . HOH I 3 .   ? 9.843   7.090   -8.973  1.00   19.02 ? 2006 HOH A O   1 
HETATM 1524 O O   . HOH I 3 .   ? 12.364  18.075  -13.863 1.00   21.86 ? 2007 HOH A O   1 
HETATM 1525 O O   . HOH I 3 .   ? 18.595  16.208  -9.133  1.00   37.33 ? 2008 HOH A O   1 
HETATM 1526 O O   . HOH I 3 .   ? 10.725  12.469  -17.302 1.00   29.87 ? 2009 HOH A O   1 
HETATM 1527 O O   . HOH I 3 .   ? 9.464   8.694   -13.546 1.00   22.37 ? 2010 HOH A O   1 
HETATM 1528 O O   . HOH I 3 .   ? 12.883  7.367   -12.004 1.00   32.38 ? 2011 HOH A O   1 
HETATM 1529 O O   . HOH I 3 .   ? 16.445  18.344  -8.266  1.00   41.76 ? 2012 HOH A O   1 
HETATM 1530 O O   . HOH I 3 .   ? 12.882  19.355  -11.509 1.00   29.35 ? 2013 HOH A O   1 
HETATM 1531 O O   . HOH I 3 .   ? 8.900   16.768  -20.224 1.00   23.06 ? 2014 HOH A O   1 
HETATM 1532 O O   . HOH I 3 .   ? 6.481   8.555   -18.851 1.00   29.05 ? 2015 HOH A O   1 
HETATM 1533 O O   . HOH I 3 .   ? 4.671   21.903  -20.126 1.00   31.96 ? 2016 HOH A O   1 
HETATM 1534 O O   . HOH I 3 .   ? 6.733   22.284  -21.387 1.00   28.21 ? 2017 HOH A O   1 
HETATM 1535 O O   . HOH I 3 .   ? -6.638  19.223  -24.739 1.00   30.99 ? 2018 HOH A O   1 
HETATM 1536 O O   . HOH I 3 .   ? -7.787  14.662  -29.588 1.00   33.94 ? 2019 HOH A O   1 
HETATM 1537 O O   . HOH I 3 .   ? -7.036  16.225  -25.504 1.00   29.48 ? 2020 HOH A O   1 
HETATM 1538 O O   . HOH I 3 .   ? -9.292  13.125  -27.160 1.00   19.25 ? 2021 HOH A O   1 
HETATM 1539 O O   . HOH I 3 .   ? 1.478   8.088   -23.543 1.00   20.63 ? 2022 HOH A O   1 
HETATM 1540 O O   . HOH I 3 .   ? 2.343   9.944   -27.450 1.00   19.32 ? 2023 HOH A O   1 
HETATM 1541 O O   . HOH I 3 .   ? -3.974  3.769   -20.696 1.00   19.71 ? 2024 HOH A O   1 
HETATM 1542 O O   . HOH I 3 .   ? -4.057  8.549   7.270   1.00   45.06 ? 2025 HOH A O   1 
HETATM 1543 O O   . HOH I 3 .   ? 3.098   7.539   -21.689 1.00   28.19 ? 2026 HOH A O   1 
HETATM 1544 O O   . HOH I 3 .   ? 7.301   11.651  -20.185 1.00   35.33 ? 2027 HOH A O   1 
HETATM 1545 O O   . HOH I 3 .   ? 6.061   4.770   -14.509 1.00   23.99 ? 2028 HOH A O   1 
HETATM 1546 O O   . HOH I 3 .   ? 4.914   1.707   -8.922  1.00   32.43 ? 2029 HOH A O   1 
HETATM 1547 O O   . HOH I 3 .   ? -0.897  5.521   -4.489  1.00   50.77 ? 2030 HOH A O   1 
HETATM 1548 O O   . HOH I 3 .   ? 9.911   1.287   -5.301  1.00   30.96 ? 2031 HOH A O   1 
HETATM 1549 O O   . HOH I 3 .   ? 12.358  7.650   3.977   1.00   20.36 ? 2032 HOH A O   1 
HETATM 1550 O O   . HOH I 3 .   ? 6.087   5.666   11.115  1.00   13.54 ? 2033 HOH A O   1 
HETATM 1551 O O   . HOH I 3 .   ? 18.325  -1.255  9.116   1.00   22.09 ? 2034 HOH A O   1 
HETATM 1552 O O   . HOH I 3 .   ? 20.526  -4.787  3.894   1.00   49.83 ? 2035 HOH A O   1 
HETATM 1553 O O   . HOH I 3 .   ? 13.594  7.519   6.264   1.00   30.20 ? 2036 HOH A O   1 
HETATM 1554 O O   . HOH I 3 .   ? 17.403  -2.845  16.753  1.00   26.58 ? 2037 HOH A O   1 
HETATM 1555 O O   . HOH I 3 .   ? 18.685  0.079   17.938  1.00   25.11 ? 2038 HOH A O   1 
HETATM 1556 O O   . HOH I 3 .   ? 21.424  4.131   16.097  1.00   38.46 ? 2039 HOH A O   1 
HETATM 1557 O O   . HOH I 3 .   ? 12.945  5.775   13.720  1.00   51.74 ? 2040 HOH A O   1 
HETATM 1558 O O   . HOH I 3 .   ? 11.703  3.042   16.471  1.00   50.33 ? 2041 HOH A O   1 
HETATM 1559 O O   . HOH I 3 .   ? 13.322  -1.098  22.269  1.00   24.51 ? 2042 HOH A O   1 
HETATM 1560 O O   . HOH I 3 .   ? 17.506  5.080   23.856  1.00   28.65 ? 2043 HOH A O   1 
HETATM 1561 O O   . HOH I 3 .   ? 8.898   3.819   23.908  1.00   27.69 ? 2044 HOH A O   1 
HETATM 1562 O O   . HOH I 3 .   ? 17.517  7.319   19.888  1.00   41.48 ? 2045 HOH A O   1 
HETATM 1563 O O   . HOH I 3 .   ? 11.214  -2.716  22.865  1.00   34.27 ? 2046 HOH A O   1 
HETATM 1564 O O   . HOH I 3 .   ? 7.990   1.601   26.212  1.00   31.38 ? 2047 HOH A O   1 
HETATM 1565 O O   . HOH I 3 .   ? 2.154   3.364   21.264  1.00   30.39 ? 2048 HOH A O   1 
HETATM 1566 O O   . HOH I 3 .   ? 1.408   -0.818  16.080  1.00   37.37 ? 2049 HOH A O   1 
HETATM 1567 O O   . HOH I 3 .   ? 0.496   2.820   19.014  1.00   42.67 ? 2050 HOH A O   1 
HETATM 1568 O O   . HOH I 3 .   ? 1.147   6.463   15.834  1.00   28.11 ? 2051 HOH A O   1 
HETATM 1569 O O   . HOH I 3 .   ? 11.094  7.571   12.510  1.00   34.11 ? 2052 HOH A O   1 
HETATM 1570 O O   . HOH I 3 .   ? 10.440  10.280  15.969  1.00   35.48 ? 2053 HOH A O   1 
HETATM 1571 O O   . HOH I 3 .   ? 6.371   9.669   14.493  1.00   35.00 ? 2054 HOH A O   1 
HETATM 1572 O O   . HOH I 3 .   ? 5.167   8.067   15.731  1.00   39.37 ? 2055 HOH A O   1 
HETATM 1573 O O   . HOH I 3 .   ? -4.959  5.642   6.521   1.00   27.44 ? 2056 HOH A O   1 
HETATM 1574 O O   . HOH I 3 .   ? 0.492   7.884   2.405   1.00   16.41 ? 2057 HOH A O   1 
HETATM 1575 O O   . HOH I 3 .   ? -6.814  1.825   2.744   1.00   37.50 ? 2058 HOH A O   1 
HETATM 1576 O O   . HOH I 3 .   ? -2.868  12.806  1.484   1.00   24.55 ? 2059 HOH A O   1 
HETATM 1577 O O   . HOH I 3 .   ? -4.252  11.986  3.974   1.00   41.35 ? 2060 HOH A O   1 
HETATM 1578 O O   . HOH I 3 .   ? -4.846  -0.282  -3.996  1.00   38.46 ? 2061 HOH A O   1 
HETATM 1579 O O   . HOH I 3 .   ? -9.318  8.058   -1.383  1.00   43.24 ? 2062 HOH A O   1 
HETATM 1580 O O   . HOH I 3 .   ? 13.012  10.689  12.012  1.00   34.76 ? 2063 HOH A O   1 
HETATM 1581 O O   . HOH J 3 .   ? 1.034   -8.161  18.879  1.00   40.27 ? 2001 HOH B O   1 
HETATM 1582 O O   . HOH J 3 .   ? -13.669 -16.016 14.600  1.00   29.93 ? 2002 HOH B O   1 
HETATM 1583 O O   . HOH J 3 .   ? -13.287 -17.368 8.349   1.00   33.16 ? 2003 HOH B O   1 
HETATM 1584 O O   . HOH J 3 .   ? -14.406 -8.109  6.592   1.00   18.89 ? 2004 HOH B O   1 
HETATM 1585 O O   . HOH J 3 .   ? -11.878 -6.931  6.539   1.00   21.24 ? 2005 HOH B O   1 
HETATM 1586 O O   . HOH J 3 .   ? -19.266 -16.623 5.550   1.00   20.14 ? 2006 HOH B O   1 
HETATM 1587 O O   . HOH J 3 .   ? -14.801 -18.988 10.039  1.00   38.19 ? 2007 HOH B O   1 
HETATM 1588 O O   . HOH J 3 .   ? -21.028 -10.205 4.950   1.00   27.87 ? 2008 HOH B O   1 
HETATM 1589 O O   . HOH J 3 .   ? -22.885 -9.361  3.226   1.00   42.00 ? 2009 HOH B O   1 
HETATM 1590 O O   . HOH J 3 .   ? -24.463 -12.798 1.962   1.00   26.28 ? 2010 HOH B O   1 
HETATM 1591 O O   . HOH J 3 .   ? -16.570 -7.494  5.014   1.00   27.93 ? 2011 HOH B O   1 
HETATM 1592 O O   . HOH J 3 .   ? -26.075 -17.557 -1.789  0.50   22.38 ? 2012 HOH B O   1 
HETATM 1593 O O   . HOH J 3 .   ? -24.982 -16.782 -3.266  0.50   23.07 ? 2013 HOH B O   1 
HETATM 1594 O O   . HOH J 3 .   ? -19.635 -20.656 -5.283  1.00   33.71 ? 2014 HOH B O   1 
HETATM 1595 O O   . HOH J 3 .   ? -22.325 -5.772  3.544   1.00   45.63 ? 2015 HOH B O   1 
HETATM 1596 O O   . HOH J 3 .   ? -26.947 -7.731  -13.769 1.00   42.65 ? 2016 HOH B O   1 
HETATM 1597 O O   . HOH J 3 .   ? 8.793   -8.084  22.150  1.00   33.66 ? 2017 HOH B O   1 
HETATM 1598 O O   . HOH J 3 .   ? -31.347 -3.595  -9.804  1.00   35.64 ? 2018 HOH B O   1 
HETATM 1599 O O   . HOH J 3 .   ? -27.192 -4.052  -15.531 1.00   28.34 ? 2019 HOH B O   1 
HETATM 1600 O O   . HOH J 3 .   ? -22.622 -5.384  -16.914 1.00   28.33 ? 2020 HOH B O   1 
HETATM 1601 O O   . HOH J 3 .   ? -20.537 1.969   -7.761  1.00   34.47 ? 2021 HOH B O   1 
HETATM 1602 O O   . HOH J 3 .   ? -24.812 -2.337  -4.025  1.00   39.37 ? 2022 HOH B O   1 
HETATM 1603 O O   . HOH J 3 .   ? -24.775 1.806   -6.078  1.00   33.80 ? 2023 HOH B O   1 
HETATM 1604 O O   . HOH J 3 .   ? -18.876 0.349   -1.879  1.00   32.14 ? 2024 HOH B O   1 
HETATM 1605 O O   . HOH J 3 .   ? -23.060 -3.275  -1.617  1.00   35.90 ? 2025 HOH B O   1 
HETATM 1606 O O   . HOH J 3 .   ? -23.597 -8.403  1.156   1.00   44.41 ? 2026 HOH B O   1 
HETATM 1607 O O   . HOH J 3 .   ? -16.188 -2.821  2.872   1.00   32.56 ? 2027 HOH B O   1 
HETATM 1608 O O   . HOH J 3 .   ? -9.727  -0.526  3.565   1.00   34.28 ? 2028 HOH B O   1 
HETATM 1609 O O   . HOH J 3 .   ? -8.405  0.271   0.848   1.00   45.41 ? 2029 HOH B O   1 
HETATM 1610 O O   . HOH J 3 .   ? -7.524  -2.260  -5.160  0.50   48.62 ? 2030 HOH B O   1 
HETATM 1611 O O   . HOH J 3 .   ? -7.133  -2.549  8.744   1.00   31.44 ? 2031 HOH B O   1 
HETATM 1612 O O   . HOH J 3 .   ? -1.850  -13.148 13.868  0.40   24.62 ? 2032 HOH B O   1 
HETATM 1613 O O   . HOH J 3 .   ? 8.134   -9.565  5.561   1.00   20.92 ? 2033 HOH B O   1 
HETATM 1614 O O   . HOH J 3 .   ? 10.566  -6.275  21.511  1.00   23.71 ? 2034 HOH B O   1 
HETATM 1615 O O   . HOH J 3 .   ? 21.451  -10.501 20.138  1.00   38.14 ? 2035 HOH B O   1 
HETATM 1616 O O   . HOH J 3 .   ? 22.689  -8.647  17.348  1.00   41.31 ? 2036 HOH B O   1 
HETATM 1617 O O   . HOH J 3 .   ? 17.492  -8.668  14.549  1.00   38.07 ? 2037 HOH B O   1 
HETATM 1618 O O   . HOH J 3 .   ? 20.577  -2.933  16.925  1.00   23.99 ? 2038 HOH B O   1 
HETATM 1619 O O   . HOH J 3 .   ? 17.370  -6.880  12.670  1.00   24.73 ? 2039 HOH B O   1 
HETATM 1620 O O   . HOH J 3 .   ? 23.575  -6.703  12.212  1.00   47.19 ? 2040 HOH B O   1 
HETATM 1621 O O   . HOH J 3 .   ? 15.093  -11.297 8.364   1.00   38.04 ? 2041 HOH B O   1 
HETATM 1622 O O   . HOH J 3 .   ? 18.944  -8.483  5.895   1.00   43.30 ? 2042 HOH B O   1 
HETATM 1623 O O   . HOH J 3 .   ? 14.069  -9.927  1.259   1.00   38.86 ? 2043 HOH B O   1 
HETATM 1624 O O   . HOH J 3 .   ? 12.188  -9.222  -0.612  1.00   44.83 ? 2044 HOH B O   1 
HETATM 1625 O O   . HOH J 3 .   ? 7.141   -10.301 -0.739  1.00   29.26 ? 2045 HOH B O   1 
HETATM 1626 O O   . HOH J 3 .   ? 5.882   -5.292  -5.384  1.00   39.18 ? 2046 HOH B O   1 
HETATM 1627 O O   . HOH J 3 .   ? 0.678   -8.742  -1.562  1.00   21.87 ? 2047 HOH B O   1 
HETATM 1628 O O   . HOH J 3 .   ? -24.867 -4.489  -18.437 1.00   35.42 ? 2048 HOH B O   1 
# 
